data_5XMZ
# 
_entry.id   5XMZ 
# 
_audit_conform.dict_name       mmcif_pdbx.dic 
_audit_conform.dict_version    5.398 
_audit_conform.dict_location   http://mmcif.pdb.org/dictionaries/ascii/mmcif_pdbx.dic 
# 
loop_
_database_2.database_id 
_database_2.database_code 
_database_2.pdbx_database_accession 
_database_2.pdbx_DOI 
PDB   5XMZ         pdb_00005xmz 10.2210/pdb5xmz/pdb 
WWPDB D_1300003803 ?            ?                   
# 
loop_
_pdbx_audit_revision_history.ordinal 
_pdbx_audit_revision_history.data_content_type 
_pdbx_audit_revision_history.major_revision 
_pdbx_audit_revision_history.minor_revision 
_pdbx_audit_revision_history.revision_date 
1 'Structure model' 1 0 2017-07-05 
2 'Structure model' 1 1 2017-09-13 
3 'Structure model' 1 2 2024-11-06 
# 
_pdbx_audit_revision_details.ordinal             1 
_pdbx_audit_revision_details.revision_ordinal    1 
_pdbx_audit_revision_details.data_content_type   'Structure model' 
_pdbx_audit_revision_details.provider            repository 
_pdbx_audit_revision_details.type                'Initial release' 
_pdbx_audit_revision_details.description         ? 
_pdbx_audit_revision_details.details             ? 
# 
loop_
_pdbx_audit_revision_group.ordinal 
_pdbx_audit_revision_group.revision_ordinal 
_pdbx_audit_revision_group.data_content_type 
_pdbx_audit_revision_group.group 
1 2 'Structure model' 'Database references' 
2 3 'Structure model' 'Data collection'     
3 3 'Structure model' 'Database references' 
4 3 'Structure model' 'Structure summary'   
# 
loop_
_pdbx_audit_revision_category.ordinal 
_pdbx_audit_revision_category.revision_ordinal 
_pdbx_audit_revision_category.data_content_type 
_pdbx_audit_revision_category.category 
1 2 'Structure model' citation                  
2 3 'Structure model' chem_comp_atom            
3 3 'Structure model' chem_comp_bond            
4 3 'Structure model' database_2                
5 3 'Structure model' pdbx_entry_details        
6 3 'Structure model' pdbx_modification_feature 
# 
loop_
_pdbx_audit_revision_item.ordinal 
_pdbx_audit_revision_item.revision_ordinal 
_pdbx_audit_revision_item.data_content_type 
_pdbx_audit_revision_item.item 
1 2 'Structure model' '_citation.journal_volume'            
2 2 'Structure model' '_citation.page_first'                
3 2 'Structure model' '_citation.page_last'                 
4 3 'Structure model' '_database_2.pdbx_DOI'                
5 3 'Structure model' '_database_2.pdbx_database_accession' 
# 
_pdbx_database_status.status_code                     REL 
_pdbx_database_status.status_code_sf                  REL 
_pdbx_database_status.status_code_mr                  ? 
_pdbx_database_status.entry_id                        5XMZ 
_pdbx_database_status.recvd_initial_deposition_date   2017-05-17 
_pdbx_database_status.SG_entry                        N 
_pdbx_database_status.deposit_site                    PDBJ 
_pdbx_database_status.process_site                    PDBJ 
_pdbx_database_status.status_code_cs                  ? 
_pdbx_database_status.methods_development_category    ? 
_pdbx_database_status.pdb_format_compatible           Y 
_pdbx_database_status.status_code_nmr_data            ? 
# 
loop_
_audit_author.name 
_audit_author.pdbx_ordinal 
_audit_author.identifier_ORCID 
'Liu, X.'  1 ? 
'Zhou, R.' 2 ? 
# 
_citation.abstract                  ? 
_citation.abstract_id_CAS           ? 
_citation.book_id_ISBN              ? 
_citation.book_publisher            ? 
_citation.book_publisher_city       ? 
_citation.book_title                ? 
_citation.coordinate_linkage        ? 
_citation.country                   UK 
_citation.database_id_Medline       ? 
_citation.details                   ? 
_citation.id                        primary 
_citation.journal_abbrev            'J. Exp. Bot.' 
_citation.journal_id_ASTM           ? 
_citation.journal_id_CSD            ? 
_citation.journal_id_ISSN           1460-2431 
_citation.journal_full              ? 
_citation.journal_issue             ? 
_citation.journal_volume            68 
_citation.language                  ? 
_citation.page_first                3427 
_citation.page_last                 3440 
_citation.title                     
;The asparagine-rich protein NRP interacts with the Verticillium effector PevD1 and regulates the subcellular localization of cryptochrome 2
;
_citation.year                      2017 
_citation.database_id_CSD           ? 
_citation.pdbx_database_id_DOI      10.1093/jxb/erx192 
_citation.pdbx_database_id_PubMed   28633330 
_citation.unpublished_flag          ? 
# 
loop_
_citation_author.citation_id 
_citation_author.name 
_citation_author.ordinal 
_citation_author.identifier_ORCID 
primary 'Zhou, R.' 1  ? 
primary 'Zhu, T.'  2  ? 
primary 'Han, L.'  3  ? 
primary 'Liu, M.'  4  ? 
primary 'Xu, M.'   5  ? 
primary 'Liu, Y.'  6  ? 
primary 'Han, D.'  7  ? 
primary 'Qiu, D.'  8  ? 
primary 'Gong, Q.' 9  ? 
primary 'Liu, X.'  10 ? 
# 
loop_
_entity.id 
_entity.type 
_entity.src_method 
_entity.pdbx_description 
_entity.formula_weight 
_entity.pdbx_number_of_molecules 
_entity.pdbx_ec 
_entity.pdbx_mutation 
_entity.pdbx_fragment 
_entity.details 
1 polymer     man 'Effector protein PevD1' 16240.050 1   ? ? ? ? 
2 non-polymer syn 'CALCIUM ION'            40.078    1   ? ? ? ? 
3 non-polymer syn 'CHLORIDE ION'           35.453    1   ? ? ? ? 
4 water       nat water                    18.015    122 ? ? ? ? 
# 
_entity_name_com.entity_id   1 
_entity_name_com.name        'Hypersensitive response-inducing protein PevD1' 
# 
_entity_poly.entity_id                      1 
_entity_poly.type                           'polypeptide(L)' 
_entity_poly.nstd_linkage                   no 
_entity_poly.nstd_monomer                   no 
_entity_poly.pdbx_seq_one_letter_code       
;MQFTLAAAAALFGASALAAPASPGSTGAPPDPNMYENIDIADFNVRKGEDGTIKYVNFKLSGDDADGLLCEAQNPGLPSN
VITCGESKYRFALSSGKQYEFALSLYHELGLAVGFYGTGEIFTHCRAGGLGDFICQQQNPTTIVIDSLPDAPAEA
;
_entity_poly.pdbx_seq_one_letter_code_can   
;MQFTLAAAAALFGASALAAPASPGSTGAPPDPNMYENIDIADFNVRKGEDGTIKYVNFKLSGDDADGLLCEAQNPGLPSN
VITCGESKYRFALSSGKQYEFALSLYHELGLAVGFYGTGEIFTHCRAGGLGDFICQQQNPTTIVIDSLPDAPAEA
;
_entity_poly.pdbx_strand_id                 A 
_entity_poly.pdbx_target_identifier         ? 
# 
loop_
_pdbx_entity_nonpoly.entity_id 
_pdbx_entity_nonpoly.name 
_pdbx_entity_nonpoly.comp_id 
2 'CALCIUM ION'  CA  
3 'CHLORIDE ION' CL  
4 water          HOH 
# 
loop_
_entity_poly_seq.entity_id 
_entity_poly_seq.num 
_entity_poly_seq.mon_id 
_entity_poly_seq.hetero 
1 1   MET n 
1 2   GLN n 
1 3   PHE n 
1 4   THR n 
1 5   LEU n 
1 6   ALA n 
1 7   ALA n 
1 8   ALA n 
1 9   ALA n 
1 10  ALA n 
1 11  LEU n 
1 12  PHE n 
1 13  GLY n 
1 14  ALA n 
1 15  SER n 
1 16  ALA n 
1 17  LEU n 
1 18  ALA n 
1 19  ALA n 
1 20  PRO n 
1 21  ALA n 
1 22  SER n 
1 23  PRO n 
1 24  GLY n 
1 25  SER n 
1 26  THR n 
1 27  GLY n 
1 28  ALA n 
1 29  PRO n 
1 30  PRO n 
1 31  ASP n 
1 32  PRO n 
1 33  ASN n 
1 34  MET n 
1 35  TYR n 
1 36  GLU n 
1 37  ASN n 
1 38  ILE n 
1 39  ASP n 
1 40  ILE n 
1 41  ALA n 
1 42  ASP n 
1 43  PHE n 
1 44  ASN n 
1 45  VAL n 
1 46  ARG n 
1 47  LYS n 
1 48  GLY n 
1 49  GLU n 
1 50  ASP n 
1 51  GLY n 
1 52  THR n 
1 53  ILE n 
1 54  LYS n 
1 55  TYR n 
1 56  VAL n 
1 57  ASN n 
1 58  PHE n 
1 59  LYS n 
1 60  LEU n 
1 61  SER n 
1 62  GLY n 
1 63  ASP n 
1 64  ASP n 
1 65  ALA n 
1 66  ASP n 
1 67  GLY n 
1 68  LEU n 
1 69  LEU n 
1 70  CYS n 
1 71  GLU n 
1 72  ALA n 
1 73  GLN n 
1 74  ASN n 
1 75  PRO n 
1 76  GLY n 
1 77  LEU n 
1 78  PRO n 
1 79  SER n 
1 80  ASN n 
1 81  VAL n 
1 82  ILE n 
1 83  THR n 
1 84  CYS n 
1 85  GLY n 
1 86  GLU n 
1 87  SER n 
1 88  LYS n 
1 89  TYR n 
1 90  ARG n 
1 91  PHE n 
1 92  ALA n 
1 93  LEU n 
1 94  SER n 
1 95  SER n 
1 96  GLY n 
1 97  LYS n 
1 98  GLN n 
1 99  TYR n 
1 100 GLU n 
1 101 PHE n 
1 102 ALA n 
1 103 LEU n 
1 104 SER n 
1 105 LEU n 
1 106 TYR n 
1 107 HIS n 
1 108 GLU n 
1 109 LEU n 
1 110 GLY n 
1 111 LEU n 
1 112 ALA n 
1 113 VAL n 
1 114 GLY n 
1 115 PHE n 
1 116 TYR n 
1 117 GLY n 
1 118 THR n 
1 119 GLY n 
1 120 GLU n 
1 121 ILE n 
1 122 PHE n 
1 123 THR n 
1 124 HIS n 
1 125 CYS n 
1 126 ARG n 
1 127 ALA n 
1 128 GLY n 
1 129 GLY n 
1 130 LEU n 
1 131 GLY n 
1 132 ASP n 
1 133 PHE n 
1 134 ILE n 
1 135 CYS n 
1 136 GLN n 
1 137 GLN n 
1 138 GLN n 
1 139 ASN n 
1 140 PRO n 
1 141 THR n 
1 142 THR n 
1 143 ILE n 
1 144 VAL n 
1 145 ILE n 
1 146 ASP n 
1 147 SER n 
1 148 LEU n 
1 149 PRO n 
1 150 ASP n 
1 151 ALA n 
1 152 PRO n 
1 153 ALA n 
1 154 GLU n 
1 155 ALA n 
# 
_entity_src_gen.entity_id                          1 
_entity_src_gen.pdbx_src_id                        1 
_entity_src_gen.pdbx_alt_source_flag               sample 
_entity_src_gen.pdbx_seq_type                      'Biological sequence' 
_entity_src_gen.pdbx_beg_seq_num                   1 
_entity_src_gen.pdbx_end_seq_num                   155 
_entity_src_gen.gene_src_common_name               'Verticillium wilt' 
_entity_src_gen.gene_src_genus                     ? 
_entity_src_gen.pdbx_gene_src_gene                 ? 
_entity_src_gen.gene_src_species                   ? 
_entity_src_gen.gene_src_strain                    ? 
_entity_src_gen.gene_src_tissue                    ? 
_entity_src_gen.gene_src_tissue_fraction           ? 
_entity_src_gen.gene_src_details                   ? 
_entity_src_gen.pdbx_gene_src_fragment             ? 
_entity_src_gen.pdbx_gene_src_scientific_name      'Verticillium dahliae' 
_entity_src_gen.pdbx_gene_src_ncbi_taxonomy_id     27337 
_entity_src_gen.pdbx_gene_src_variant              ? 
_entity_src_gen.pdbx_gene_src_cell_line            ? 
_entity_src_gen.pdbx_gene_src_atcc                 ? 
_entity_src_gen.pdbx_gene_src_organ                ? 
_entity_src_gen.pdbx_gene_src_organelle            ? 
_entity_src_gen.pdbx_gene_src_cell                 ? 
_entity_src_gen.pdbx_gene_src_cellular_location    ? 
_entity_src_gen.host_org_common_name               ? 
_entity_src_gen.pdbx_host_org_scientific_name      'Enterobacteria phage L1' 
_entity_src_gen.pdbx_host_org_ncbi_taxonomy_id     268588 
_entity_src_gen.host_org_genus                     ? 
_entity_src_gen.pdbx_host_org_gene                 ? 
_entity_src_gen.pdbx_host_org_organ                ? 
_entity_src_gen.host_org_species                   ? 
_entity_src_gen.pdbx_host_org_tissue               ? 
_entity_src_gen.pdbx_host_org_tissue_fraction      ? 
_entity_src_gen.pdbx_host_org_strain               ? 
_entity_src_gen.pdbx_host_org_variant              ? 
_entity_src_gen.pdbx_host_org_cell_line            ? 
_entity_src_gen.pdbx_host_org_atcc                 ? 
_entity_src_gen.pdbx_host_org_culture_collection   ? 
_entity_src_gen.pdbx_host_org_cell                 ? 
_entity_src_gen.pdbx_host_org_organelle            ? 
_entity_src_gen.pdbx_host_org_cellular_location    ? 
_entity_src_gen.pdbx_host_org_vector_type          ? 
_entity_src_gen.pdbx_host_org_vector               ? 
_entity_src_gen.host_org_details                   ? 
_entity_src_gen.expression_system_id               ? 
_entity_src_gen.plasmid_name                       ? 
_entity_src_gen.plasmid_details                    ? 
_entity_src_gen.pdbx_description                   ? 
# 
loop_
_chem_comp.id 
_chem_comp.type 
_chem_comp.mon_nstd_flag 
_chem_comp.name 
_chem_comp.pdbx_synonyms 
_chem_comp.formula 
_chem_comp.formula_weight 
ALA 'L-peptide linking' y ALANINE         ? 'C3 H7 N O2'     89.093  
ARG 'L-peptide linking' y ARGININE        ? 'C6 H15 N4 O2 1' 175.209 
ASN 'L-peptide linking' y ASPARAGINE      ? 'C4 H8 N2 O3'    132.118 
ASP 'L-peptide linking' y 'ASPARTIC ACID' ? 'C4 H7 N O4'     133.103 
CA  non-polymer         . 'CALCIUM ION'   ? 'Ca 2'           40.078  
CL  non-polymer         . 'CHLORIDE ION'  ? 'Cl -1'          35.453  
CYS 'L-peptide linking' y CYSTEINE        ? 'C3 H7 N O2 S'   121.158 
GLN 'L-peptide linking' y GLUTAMINE       ? 'C5 H10 N2 O3'   146.144 
GLU 'L-peptide linking' y 'GLUTAMIC ACID' ? 'C5 H9 N O4'     147.129 
GLY 'peptide linking'   y GLYCINE         ? 'C2 H5 N O2'     75.067  
HIS 'L-peptide linking' y HISTIDINE       ? 'C6 H10 N3 O2 1' 156.162 
HOH non-polymer         . WATER           ? 'H2 O'           18.015  
ILE 'L-peptide linking' y ISOLEUCINE      ? 'C6 H13 N O2'    131.173 
LEU 'L-peptide linking' y LEUCINE         ? 'C6 H13 N O2'    131.173 
LYS 'L-peptide linking' y LYSINE          ? 'C6 H15 N2 O2 1' 147.195 
MET 'L-peptide linking' y METHIONINE      ? 'C5 H11 N O2 S'  149.211 
PHE 'L-peptide linking' y PHENYLALANINE   ? 'C9 H11 N O2'    165.189 
PRO 'L-peptide linking' y PROLINE         ? 'C5 H9 N O2'     115.130 
SER 'L-peptide linking' y SERINE          ? 'C3 H7 N O3'     105.093 
THR 'L-peptide linking' y THREONINE       ? 'C4 H9 N O3'     119.119 
TYR 'L-peptide linking' y TYROSINE        ? 'C9 H11 N O3'    181.189 
VAL 'L-peptide linking' y VALINE          ? 'C5 H11 N O2'    117.146 
# 
loop_
_pdbx_poly_seq_scheme.asym_id 
_pdbx_poly_seq_scheme.entity_id 
_pdbx_poly_seq_scheme.seq_id 
_pdbx_poly_seq_scheme.mon_id 
_pdbx_poly_seq_scheme.ndb_seq_num 
_pdbx_poly_seq_scheme.pdb_seq_num 
_pdbx_poly_seq_scheme.auth_seq_num 
_pdbx_poly_seq_scheme.pdb_mon_id 
_pdbx_poly_seq_scheme.auth_mon_id 
_pdbx_poly_seq_scheme.pdb_strand_id 
_pdbx_poly_seq_scheme.pdb_ins_code 
_pdbx_poly_seq_scheme.hetero 
A 1 1   MET 1   1   ?   ?   ?   A . n 
A 1 2   GLN 2   2   ?   ?   ?   A . n 
A 1 3   PHE 3   3   ?   ?   ?   A . n 
A 1 4   THR 4   4   ?   ?   ?   A . n 
A 1 5   LEU 5   5   ?   ?   ?   A . n 
A 1 6   ALA 6   6   ?   ?   ?   A . n 
A 1 7   ALA 7   7   ?   ?   ?   A . n 
A 1 8   ALA 8   8   ?   ?   ?   A . n 
A 1 9   ALA 9   9   ?   ?   ?   A . n 
A 1 10  ALA 10  10  ?   ?   ?   A . n 
A 1 11  LEU 11  11  ?   ?   ?   A . n 
A 1 12  PHE 12  12  ?   ?   ?   A . n 
A 1 13  GLY 13  13  ?   ?   ?   A . n 
A 1 14  ALA 14  14  ?   ?   ?   A . n 
A 1 15  SER 15  15  ?   ?   ?   A . n 
A 1 16  ALA 16  16  ?   ?   ?   A . n 
A 1 17  LEU 17  17  ?   ?   ?   A . n 
A 1 18  ALA 18  18  ?   ?   ?   A . n 
A 1 19  ALA 19  19  ?   ?   ?   A . n 
A 1 20  PRO 20  20  ?   ?   ?   A . n 
A 1 21  ALA 21  21  ?   ?   ?   A . n 
A 1 22  SER 22  22  ?   ?   ?   A . n 
A 1 23  PRO 23  23  ?   ?   ?   A . n 
A 1 24  GLY 24  24  ?   ?   ?   A . n 
A 1 25  SER 25  25  ?   ?   ?   A . n 
A 1 26  THR 26  26  ?   ?   ?   A . n 
A 1 27  GLY 27  27  ?   ?   ?   A . n 
A 1 28  ALA 28  28  ?   ?   ?   A . n 
A 1 29  PRO 29  29  ?   ?   ?   A . n 
A 1 30  PRO 30  30  ?   ?   ?   A . n 
A 1 31  ASP 31  31  31  ASP ASP A . n 
A 1 32  PRO 32  32  32  PRO PRO A . n 
A 1 33  ASN 33  33  33  ASN ASN A . n 
A 1 34  MET 34  34  34  MET MET A . n 
A 1 35  TYR 35  35  35  TYR TYR A . n 
A 1 36  GLU 36  36  36  GLU GLU A . n 
A 1 37  ASN 37  37  37  ASN ASN A . n 
A 1 38  ILE 38  38  38  ILE ILE A . n 
A 1 39  ASP 39  39  39  ASP ASP A . n 
A 1 40  ILE 40  40  40  ILE ILE A . n 
A 1 41  ALA 41  41  41  ALA ALA A . n 
A 1 42  ASP 42  42  42  ASP ASP A . n 
A 1 43  PHE 43  43  43  PHE PHE A . n 
A 1 44  ASN 44  44  44  ASN ASN A . n 
A 1 45  VAL 45  45  45  VAL VAL A . n 
A 1 46  ARG 46  46  46  ARG ARG A . n 
A 1 47  LYS 47  47  47  LYS LYS A . n 
A 1 48  GLY 48  48  48  GLY GLY A . n 
A 1 49  GLU 49  49  49  GLU GLU A . n 
A 1 50  ASP 50  50  50  ASP ASP A . n 
A 1 51  GLY 51  51  51  GLY GLY A . n 
A 1 52  THR 52  52  52  THR THR A . n 
A 1 53  ILE 53  53  53  ILE ILE A . n 
A 1 54  LYS 54  54  54  LYS LYS A . n 
A 1 55  TYR 55  55  55  TYR TYR A . n 
A 1 56  VAL 56  56  56  VAL VAL A . n 
A 1 57  ASN 57  57  57  ASN ASN A . n 
A 1 58  PHE 58  58  58  PHE PHE A . n 
A 1 59  LYS 59  59  59  LYS LYS A . n 
A 1 60  LEU 60  60  60  LEU LEU A . n 
A 1 61  SER 61  61  61  SER SER A . n 
A 1 62  GLY 62  62  62  GLY GLY A . n 
A 1 63  ASP 63  63  63  ASP ASP A . n 
A 1 64  ASP 64  64  64  ASP ASP A . n 
A 1 65  ALA 65  65  65  ALA ALA A . n 
A 1 66  ASP 66  66  66  ASP ASP A . n 
A 1 67  GLY 67  67  67  GLY GLY A . n 
A 1 68  LEU 68  68  68  LEU LEU A . n 
A 1 69  LEU 69  69  69  LEU LEU A . n 
A 1 70  CYS 70  70  70  CYS CYS A . n 
A 1 71  GLU 71  71  71  GLU GLU A . n 
A 1 72  ALA 72  72  72  ALA ALA A . n 
A 1 73  GLN 73  73  73  GLN GLN A . n 
A 1 74  ASN 74  74  74  ASN ASN A . n 
A 1 75  PRO 75  75  75  PRO PRO A . n 
A 1 76  GLY 76  76  76  GLY GLY A . n 
A 1 77  LEU 77  77  77  LEU LEU A . n 
A 1 78  PRO 78  78  78  PRO PRO A . n 
A 1 79  SER 79  79  79  SER SER A . n 
A 1 80  ASN 80  80  80  ASN ASN A . n 
A 1 81  VAL 81  81  81  VAL VAL A . n 
A 1 82  ILE 82  82  82  ILE ILE A . n 
A 1 83  THR 83  83  83  THR THR A . n 
A 1 84  CYS 84  84  84  CYS CYS A . n 
A 1 85  GLY 85  85  85  GLY GLY A . n 
A 1 86  GLU 86  86  86  GLU GLU A . n 
A 1 87  SER 87  87  87  SER SER A . n 
A 1 88  LYS 88  88  88  LYS LYS A . n 
A 1 89  TYR 89  89  89  TYR TYR A . n 
A 1 90  ARG 90  90  90  ARG ARG A . n 
A 1 91  PHE 91  91  91  PHE PHE A . n 
A 1 92  ALA 92  92  92  ALA ALA A . n 
A 1 93  LEU 93  93  93  LEU LEU A . n 
A 1 94  SER 94  94  94  SER SER A . n 
A 1 95  SER 95  95  95  SER SER A . n 
A 1 96  GLY 96  96  96  GLY GLY A . n 
A 1 97  LYS 97  97  97  LYS LYS A . n 
A 1 98  GLN 98  98  98  GLN GLN A . n 
A 1 99  TYR 99  99  99  TYR TYR A . n 
A 1 100 GLU 100 100 100 GLU GLU A . n 
A 1 101 PHE 101 101 101 PHE PHE A . n 
A 1 102 ALA 102 102 102 ALA ALA A . n 
A 1 103 LEU 103 103 103 LEU LEU A . n 
A 1 104 SER 104 104 104 SER SER A . n 
A 1 105 LEU 105 105 105 LEU LEU A . n 
A 1 106 TYR 106 106 106 TYR TYR A . n 
A 1 107 HIS 107 107 107 HIS HIS A . n 
A 1 108 GLU 108 108 108 GLU GLU A . n 
A 1 109 LEU 109 109 109 LEU LEU A . n 
A 1 110 GLY 110 110 110 GLY GLY A . n 
A 1 111 LEU 111 111 111 LEU LEU A . n 
A 1 112 ALA 112 112 112 ALA ALA A . n 
A 1 113 VAL 113 113 113 VAL VAL A . n 
A 1 114 GLY 114 114 114 GLY GLY A . n 
A 1 115 PHE 115 115 115 PHE PHE A . n 
A 1 116 TYR 116 116 116 TYR TYR A . n 
A 1 117 GLY 117 117 117 GLY GLY A . n 
A 1 118 THR 118 118 118 THR THR A . n 
A 1 119 GLY 119 119 119 GLY GLY A . n 
A 1 120 GLU 120 120 120 GLU GLU A . n 
A 1 121 ILE 121 121 121 ILE ILE A . n 
A 1 122 PHE 122 122 122 PHE PHE A . n 
A 1 123 THR 123 123 123 THR THR A . n 
A 1 124 HIS 124 124 124 HIS HIS A . n 
A 1 125 CYS 125 125 125 CYS CYS A . n 
A 1 126 ARG 126 126 126 ARG ARG A . n 
A 1 127 ALA 127 127 127 ALA ALA A . n 
A 1 128 GLY 128 128 128 GLY GLY A . n 
A 1 129 GLY 129 129 129 GLY GLY A . n 
A 1 130 LEU 130 130 130 LEU LEU A . n 
A 1 131 GLY 131 131 131 GLY GLY A . n 
A 1 132 ASP 132 132 132 ASP ASP A . n 
A 1 133 PHE 133 133 133 PHE PHE A . n 
A 1 134 ILE 134 134 134 ILE ILE A . n 
A 1 135 CYS 135 135 135 CYS CYS A . n 
A 1 136 GLN 136 136 136 GLN GLN A . n 
A 1 137 GLN 137 137 137 GLN GLN A . n 
A 1 138 GLN 138 138 138 GLN GLN A . n 
A 1 139 ASN 139 139 139 ASN ASN A . n 
A 1 140 PRO 140 140 140 PRO PRO A . n 
A 1 141 THR 141 141 141 THR THR A . n 
A 1 142 THR 142 142 142 THR THR A . n 
A 1 143 ILE 143 143 143 ILE ILE A . n 
A 1 144 VAL 144 144 144 VAL VAL A . n 
A 1 145 ILE 145 145 145 ILE ILE A . n 
A 1 146 ASP 146 146 146 ASP ASP A . n 
A 1 147 SER 147 147 147 SER SER A . n 
A 1 148 LEU 148 148 148 LEU LEU A . n 
A 1 149 PRO 149 149 149 PRO PRO A . n 
A 1 150 ASP 150 150 150 ASP ASP A . n 
A 1 151 ALA 151 151 151 ALA ALA A . n 
A 1 152 PRO 152 152 152 PRO PRO A . n 
A 1 153 ALA 153 153 ?   ?   ?   A . n 
A 1 154 GLU 154 154 ?   ?   ?   A . n 
A 1 155 ALA 155 155 ?   ?   ?   A . n 
# 
loop_
_pdbx_nonpoly_scheme.asym_id 
_pdbx_nonpoly_scheme.entity_id 
_pdbx_nonpoly_scheme.mon_id 
_pdbx_nonpoly_scheme.ndb_seq_num 
_pdbx_nonpoly_scheme.pdb_seq_num 
_pdbx_nonpoly_scheme.auth_seq_num 
_pdbx_nonpoly_scheme.pdb_mon_id 
_pdbx_nonpoly_scheme.auth_mon_id 
_pdbx_nonpoly_scheme.pdb_strand_id 
_pdbx_nonpoly_scheme.pdb_ins_code 
B 2 CA  1   201 201 CA  CA  A . 
C 3 CL  1   202 202 CL  CL  A . 
D 4 HOH 1   301 39  HOH HOH A . 
D 4 HOH 2   302 121 HOH HOH A . 
D 4 HOH 3   303 75  HOH HOH A . 
D 4 HOH 4   304 60  HOH HOH A . 
D 4 HOH 5   305 46  HOH HOH A . 
D 4 HOH 6   306 61  HOH HOH A . 
D 4 HOH 7   307 80  HOH HOH A . 
D 4 HOH 8   308 111 HOH HOH A . 
D 4 HOH 9   309 107 HOH HOH A . 
D 4 HOH 10  310 62  HOH HOH A . 
D 4 HOH 11  311 90  HOH HOH A . 
D 4 HOH 12  312 73  HOH HOH A . 
D 4 HOH 13  313 103 HOH HOH A . 
D 4 HOH 14  314 47  HOH HOH A . 
D 4 HOH 15  315 74  HOH HOH A . 
D 4 HOH 16  316 36  HOH HOH A . 
D 4 HOH 17  317 70  HOH HOH A . 
D 4 HOH 18  318 8   HOH HOH A . 
D 4 HOH 19  319 55  HOH HOH A . 
D 4 HOH 20  320 13  HOH HOH A . 
D 4 HOH 21  321 98  HOH HOH A . 
D 4 HOH 22  322 56  HOH HOH A . 
D 4 HOH 23  323 7   HOH HOH A . 
D 4 HOH 24  324 117 HOH HOH A . 
D 4 HOH 25  325 22  HOH HOH A . 
D 4 HOH 26  326 18  HOH HOH A . 
D 4 HOH 27  327 24  HOH HOH A . 
D 4 HOH 28  328 85  HOH HOH A . 
D 4 HOH 29  329 72  HOH HOH A . 
D 4 HOH 30  330 2   HOH HOH A . 
D 4 HOH 31  331 94  HOH HOH A . 
D 4 HOH 32  332 54  HOH HOH A . 
D 4 HOH 33  333 40  HOH HOH A . 
D 4 HOH 34  334 23  HOH HOH A . 
D 4 HOH 35  335 10  HOH HOH A . 
D 4 HOH 36  336 65  HOH HOH A . 
D 4 HOH 37  337 3   HOH HOH A . 
D 4 HOH 38  338 5   HOH HOH A . 
D 4 HOH 39  339 71  HOH HOH A . 
D 4 HOH 40  340 15  HOH HOH A . 
D 4 HOH 41  341 59  HOH HOH A . 
D 4 HOH 42  342 30  HOH HOH A . 
D 4 HOH 43  343 19  HOH HOH A . 
D 4 HOH 44  344 91  HOH HOH A . 
D 4 HOH 45  345 42  HOH HOH A . 
D 4 HOH 46  346 84  HOH HOH A . 
D 4 HOH 47  347 105 HOH HOH A . 
D 4 HOH 48  348 82  HOH HOH A . 
D 4 HOH 49  349 68  HOH HOH A . 
D 4 HOH 50  350 87  HOH HOH A . 
D 4 HOH 51  351 88  HOH HOH A . 
D 4 HOH 52  352 14  HOH HOH A . 
D 4 HOH 53  353 48  HOH HOH A . 
D 4 HOH 54  354 9   HOH HOH A . 
D 4 HOH 55  355 41  HOH HOH A . 
D 4 HOH 56  356 33  HOH HOH A . 
D 4 HOH 57  357 6   HOH HOH A . 
D 4 HOH 58  358 63  HOH HOH A . 
D 4 HOH 59  359 16  HOH HOH A . 
D 4 HOH 60  360 44  HOH HOH A . 
D 4 HOH 61  361 95  HOH HOH A . 
D 4 HOH 62  362 28  HOH HOH A . 
D 4 HOH 63  363 35  HOH HOH A . 
D 4 HOH 64  364 20  HOH HOH A . 
D 4 HOH 65  365 101 HOH HOH A . 
D 4 HOH 66  366 43  HOH HOH A . 
D 4 HOH 67  367 25  HOH HOH A . 
D 4 HOH 68  368 67  HOH HOH A . 
D 4 HOH 69  369 99  HOH HOH A . 
D 4 HOH 70  370 17  HOH HOH A . 
D 4 HOH 71  371 37  HOH HOH A . 
D 4 HOH 72  372 12  HOH HOH A . 
D 4 HOH 73  373 11  HOH HOH A . 
D 4 HOH 74  374 109 HOH HOH A . 
D 4 HOH 75  375 77  HOH HOH A . 
D 4 HOH 76  376 118 HOH HOH A . 
D 4 HOH 77  377 4   HOH HOH A . 
D 4 HOH 78  378 79  HOH HOH A . 
D 4 HOH 79  379 106 HOH HOH A . 
D 4 HOH 80  380 83  HOH HOH A . 
D 4 HOH 81  381 69  HOH HOH A . 
D 4 HOH 82  382 34  HOH HOH A . 
D 4 HOH 83  383 49  HOH HOH A . 
D 4 HOH 84  384 97  HOH HOH A . 
D 4 HOH 85  385 116 HOH HOH A . 
D 4 HOH 86  386 21  HOH HOH A . 
D 4 HOH 87  387 29  HOH HOH A . 
D 4 HOH 88  388 78  HOH HOH A . 
D 4 HOH 89  389 110 HOH HOH A . 
D 4 HOH 90  390 31  HOH HOH A . 
D 4 HOH 91  391 119 HOH HOH A . 
D 4 HOH 92  392 50  HOH HOH A . 
D 4 HOH 93  393 64  HOH HOH A . 
D 4 HOH 94  394 45  HOH HOH A . 
D 4 HOH 95  395 51  HOH HOH A . 
D 4 HOH 96  396 100 HOH HOH A . 
D 4 HOH 97  397 108 HOH HOH A . 
D 4 HOH 98  398 1   HOH HOH A . 
D 4 HOH 99  399 104 HOH HOH A . 
D 4 HOH 100 400 120 HOH HOH A . 
D 4 HOH 101 401 113 HOH HOH A . 
D 4 HOH 102 402 27  HOH HOH A . 
D 4 HOH 103 403 57  HOH HOH A . 
D 4 HOH 104 404 93  HOH HOH A . 
D 4 HOH 105 405 66  HOH HOH A . 
D 4 HOH 106 406 38  HOH HOH A . 
D 4 HOH 107 407 52  HOH HOH A . 
D 4 HOH 108 408 32  HOH HOH A . 
D 4 HOH 109 409 81  HOH HOH A . 
D 4 HOH 110 410 26  HOH HOH A . 
D 4 HOH 111 411 115 HOH HOH A . 
D 4 HOH 112 412 86  HOH HOH A . 
D 4 HOH 113 413 112 HOH HOH A . 
D 4 HOH 114 414 96  HOH HOH A . 
D 4 HOH 115 415 53  HOH HOH A . 
D 4 HOH 116 416 102 HOH HOH A . 
D 4 HOH 117 417 114 HOH HOH A . 
D 4 HOH 118 418 76  HOH HOH A . 
D 4 HOH 119 419 122 HOH HOH A . 
D 4 HOH 120 420 58  HOH HOH A . 
D 4 HOH 121 421 92  HOH HOH A . 
D 4 HOH 122 422 89  HOH HOH A . 
# 
loop_
_software.citation_id 
_software.classification 
_software.compiler_name 
_software.compiler_version 
_software.contact_author 
_software.contact_author_email 
_software.date 
_software.description 
_software.dependencies 
_software.hardware 
_software.language 
_software.location 
_software.mods 
_software.name 
_software.os 
_software.os_version 
_software.type 
_software.version 
_software.pdbx_ordinal 
? refinement       ? ? ? ? ? ? ? ? ? ? ? PHENIX   ? ? ? 1.8.2_1309 1 
? 'data reduction' ? ? ? ? ? ? ? ? ? ? ? HKL-2000 ? ? ? .          2 
? 'data scaling'   ? ? ? ? ? ? ? ? ? ? ? HKL-2000 ? ? ? .          3 
? phasing          ? ? ? ? ? ? ? ? ? ? ? PHASER   ? ? ? .          4 
# 
_cell.angle_alpha                  90.00 
_cell.angle_alpha_esd              ? 
_cell.angle_beta                   90.00 
_cell.angle_beta_esd               ? 
_cell.angle_gamma                  90.00 
_cell.angle_gamma_esd              ? 
_cell.entry_id                     5XMZ 
_cell.details                      ? 
_cell.formula_units_Z              ? 
_cell.length_a                     58.000 
_cell.length_a_esd                 ? 
_cell.length_b                     79.489 
_cell.length_b_esd                 ? 
_cell.length_c                     55.512 
_cell.length_c_esd                 ? 
_cell.volume                       ? 
_cell.volume_esd                   ? 
_cell.Z_PDB                        8 
_cell.reciprocal_angle_alpha       ? 
_cell.reciprocal_angle_beta        ? 
_cell.reciprocal_angle_gamma       ? 
_cell.reciprocal_angle_alpha_esd   ? 
_cell.reciprocal_angle_beta_esd    ? 
_cell.reciprocal_angle_gamma_esd   ? 
_cell.reciprocal_length_a          ? 
_cell.reciprocal_length_b          ? 
_cell.reciprocal_length_c          ? 
_cell.reciprocal_length_a_esd      ? 
_cell.reciprocal_length_b_esd      ? 
_cell.reciprocal_length_c_esd      ? 
_cell.pdbx_unique_axis             ? 
# 
_symmetry.entry_id                         5XMZ 
_symmetry.cell_setting                     ? 
_symmetry.Int_Tables_number                20 
_symmetry.space_group_name_Hall            ? 
_symmetry.space_group_name_H-M             'C 2 2 21' 
_symmetry.pdbx_full_space_group_name_H-M   ? 
# 
_exptl.absorpt_coefficient_mu     ? 
_exptl.absorpt_correction_T_max   ? 
_exptl.absorpt_correction_T_min   ? 
_exptl.absorpt_correction_type    ? 
_exptl.absorpt_process_details    ? 
_exptl.entry_id                   5XMZ 
_exptl.crystals_number            1 
_exptl.details                    ? 
_exptl.method                     'X-RAY DIFFRACTION' 
_exptl.method_details             ? 
# 
_exptl_crystal.colour                      ? 
_exptl_crystal.density_diffrn              ? 
_exptl_crystal.density_Matthews            1.97 
_exptl_crystal.density_method              ? 
_exptl_crystal.density_percent_sol         37.56 
_exptl_crystal.description                 ? 
_exptl_crystal.F_000                       ? 
_exptl_crystal.id                          1 
_exptl_crystal.preparation                 ? 
_exptl_crystal.size_max                    ? 
_exptl_crystal.size_mid                    ? 
_exptl_crystal.size_min                    ? 
_exptl_crystal.size_rad                    ? 
_exptl_crystal.colour_lustre               ? 
_exptl_crystal.colour_modifier             ? 
_exptl_crystal.colour_primary              ? 
_exptl_crystal.density_meas                ? 
_exptl_crystal.density_meas_esd            ? 
_exptl_crystal.density_meas_gt             ? 
_exptl_crystal.density_meas_lt             ? 
_exptl_crystal.density_meas_temp           ? 
_exptl_crystal.density_meas_temp_esd       ? 
_exptl_crystal.density_meas_temp_gt        ? 
_exptl_crystal.density_meas_temp_lt        ? 
_exptl_crystal.pdbx_crystal_image_url      ? 
_exptl_crystal.pdbx_crystal_image_format   ? 
_exptl_crystal.pdbx_mosaicity              ? 
_exptl_crystal.pdbx_mosaicity_esd          ? 
# 
_exptl_crystal_grow.apparatus       ? 
_exptl_crystal_grow.atmosphere      ? 
_exptl_crystal_grow.crystal_id      1 
_exptl_crystal_grow.details         ? 
_exptl_crystal_grow.method          'BATCH MODE' 
_exptl_crystal_grow.method_ref      ? 
_exptl_crystal_grow.pH              ? 
_exptl_crystal_grow.pressure        ? 
_exptl_crystal_grow.pressure_esd    ? 
_exptl_crystal_grow.seeding         ? 
_exptl_crystal_grow.seeding_ref     ? 
_exptl_crystal_grow.temp            293 
_exptl_crystal_grow.temp_details    ? 
_exptl_crystal_grow.temp_esd        ? 
_exptl_crystal_grow.time            ? 
_exptl_crystal_grow.pdbx_details    '0.5M Sodium Formate, Tris pH7.5' 
_exptl_crystal_grow.pdbx_pH_range   ? 
# 
_diffrn.ambient_environment    ? 
_diffrn.ambient_temp           100 
_diffrn.ambient_temp_details   ? 
_diffrn.ambient_temp_esd       ? 
_diffrn.crystal_id             1 
_diffrn.crystal_support        ? 
_diffrn.crystal_treatment      ? 
_diffrn.details                ? 
_diffrn.id                     1 
_diffrn.ambient_pressure       ? 
_diffrn.ambient_pressure_esd   ? 
_diffrn.ambient_pressure_gt    ? 
_diffrn.ambient_pressure_lt    ? 
_diffrn.ambient_temp_gt        ? 
_diffrn.ambient_temp_lt        ? 
# 
_diffrn_detector.details                      ? 
_diffrn_detector.detector                     CCD 
_diffrn_detector.diffrn_id                    1 
_diffrn_detector.type                         'MAR CCD 130 mm' 
_diffrn_detector.area_resol_mean              ? 
_diffrn_detector.dtime                        ? 
_diffrn_detector.pdbx_frames_total            ? 
_diffrn_detector.pdbx_collection_time_total   ? 
_diffrn_detector.pdbx_collection_date         2012-05-01 
# 
_diffrn_radiation.collimation                      ? 
_diffrn_radiation.diffrn_id                        1 
_diffrn_radiation.filter_edge                      ? 
_diffrn_radiation.inhomogeneity                    ? 
_diffrn_radiation.monochromator                    ? 
_diffrn_radiation.polarisn_norm                    ? 
_diffrn_radiation.polarisn_ratio                   ? 
_diffrn_radiation.probe                            ? 
_diffrn_radiation.type                             ? 
_diffrn_radiation.xray_symbol                      ? 
_diffrn_radiation.wavelength_id                    1 
_diffrn_radiation.pdbx_monochromatic_or_laue_m_l   M 
_diffrn_radiation.pdbx_wavelength_list             ? 
_diffrn_radiation.pdbx_wavelength                  ? 
_diffrn_radiation.pdbx_diffrn_protocol             'SINGLE WAVELENGTH' 
_diffrn_radiation.pdbx_analyzer                    ? 
_diffrn_radiation.pdbx_scattering_type             x-ray 
# 
_diffrn_radiation_wavelength.id           1 
_diffrn_radiation_wavelength.wavelength   1.5418 
_diffrn_radiation_wavelength.wt           1.0 
# 
_diffrn_source.current                     ? 
_diffrn_source.details                     ? 
_diffrn_source.diffrn_id                   1 
_diffrn_source.power                       ? 
_diffrn_source.size                        ? 
_diffrn_source.source                      'ROTATING ANODE' 
_diffrn_source.target                      ? 
_diffrn_source.type                        'RIGAKU MICROMAX-007 HF' 
_diffrn_source.voltage                     ? 
_diffrn_source.take-off_angle              ? 
_diffrn_source.pdbx_wavelength_list        1.5418 
_diffrn_source.pdbx_wavelength             ? 
_diffrn_source.pdbx_synchrotron_beamline   ? 
_diffrn_source.pdbx_synchrotron_site       ? 
# 
_reflns.B_iso_Wilson_estimate            ? 
_reflns.entry_id                         5XMZ 
_reflns.data_reduction_details           ? 
_reflns.data_reduction_method            ? 
_reflns.d_resolution_high                1.85 
_reflns.d_resolution_low                 50 
_reflns.details                          ? 
_reflns.limit_h_max                      ? 
_reflns.limit_h_min                      ? 
_reflns.limit_k_max                      ? 
_reflns.limit_k_min                      ? 
_reflns.limit_l_max                      ? 
_reflns.limit_l_min                      ? 
_reflns.number_all                       ? 
_reflns.number_obs                       11198 
_reflns.observed_criterion               ? 
_reflns.observed_criterion_F_max         ? 
_reflns.observed_criterion_F_min         ? 
_reflns.observed_criterion_I_max         ? 
_reflns.observed_criterion_I_min         ? 
_reflns.observed_criterion_sigma_F       ? 
_reflns.observed_criterion_sigma_I       ? 
_reflns.percent_possible_obs             98.4 
_reflns.R_free_details                   ? 
_reflns.Rmerge_F_all                     ? 
_reflns.Rmerge_F_obs                     ? 
_reflns.Friedel_coverage                 ? 
_reflns.number_gt                        ? 
_reflns.threshold_expression             ? 
_reflns.pdbx_redundancy                  6.5 
_reflns.pdbx_Rmerge_I_obs                0.04 
_reflns.pdbx_Rmerge_I_all                ? 
_reflns.pdbx_Rsym_value                  0.04 
_reflns.pdbx_netI_over_av_sigmaI         ? 
_reflns.pdbx_netI_over_sigmaI            15.3 
_reflns.pdbx_res_netI_over_av_sigmaI_2   ? 
_reflns.pdbx_res_netI_over_sigmaI_2      ? 
_reflns.pdbx_chi_squared                 ? 
_reflns.pdbx_scaling_rejects             ? 
_reflns.pdbx_d_res_high_opt              ? 
_reflns.pdbx_d_res_low_opt               ? 
_reflns.pdbx_d_res_opt_method            ? 
_reflns.phase_calculation_details        ? 
_reflns.pdbx_Rrim_I_all                  ? 
_reflns.pdbx_Rpim_I_all                  ? 
_reflns.pdbx_d_opt                       ? 
_reflns.pdbx_number_measured_all         ? 
_reflns.pdbx_diffrn_id                   1 
_reflns.pdbx_ordinal                     1 
_reflns.pdbx_CC_half                     ? 
_reflns.pdbx_R_split                     ? 
# 
_reflns_shell.d_res_high                  . 
_reflns_shell.d_res_low                   ? 
_reflns_shell.meanI_over_sigI_all         ? 
_reflns_shell.meanI_over_sigI_obs         ? 
_reflns_shell.number_measured_all         ? 
_reflns_shell.number_measured_obs         ? 
_reflns_shell.number_possible             ? 
_reflns_shell.number_unique_all           ? 
_reflns_shell.number_unique_obs           ? 
_reflns_shell.percent_possible_all        ? 
_reflns_shell.percent_possible_obs        ? 
_reflns_shell.Rmerge_F_all                ? 
_reflns_shell.Rmerge_F_obs                ? 
_reflns_shell.Rmerge_I_all                ? 
_reflns_shell.Rmerge_I_obs                ? 
_reflns_shell.meanI_over_sigI_gt          ? 
_reflns_shell.meanI_over_uI_all           ? 
_reflns_shell.meanI_over_uI_gt            ? 
_reflns_shell.number_measured_gt          ? 
_reflns_shell.number_unique_gt            ? 
_reflns_shell.percent_possible_gt         ? 
_reflns_shell.Rmerge_F_gt                 ? 
_reflns_shell.Rmerge_I_gt                 ? 
_reflns_shell.pdbx_redundancy             ? 
_reflns_shell.pdbx_Rsym_value             ? 
_reflns_shell.pdbx_chi_squared            ? 
_reflns_shell.pdbx_netI_over_sigmaI_all   ? 
_reflns_shell.pdbx_netI_over_sigmaI_obs   ? 
_reflns_shell.pdbx_Rrim_I_all             ? 
_reflns_shell.pdbx_Rpim_I_all             ? 
_reflns_shell.pdbx_rejects                ? 
_reflns_shell.pdbx_ordinal                1 
_reflns_shell.pdbx_diffrn_id              1 
_reflns_shell.pdbx_CC_half                ? 
_reflns_shell.pdbx_R_split                ? 
# 
_refine.aniso_B[1][1]                            ? 
_refine.aniso_B[1][2]                            ? 
_refine.aniso_B[1][3]                            ? 
_refine.aniso_B[2][2]                            ? 
_refine.aniso_B[2][3]                            ? 
_refine.aniso_B[3][3]                            ? 
_refine.B_iso_max                                ? 
_refine.B_iso_mean                               ? 
_refine.B_iso_min                                ? 
_refine.correlation_coeff_Fo_to_Fc               ? 
_refine.correlation_coeff_Fo_to_Fc_free          ? 
_refine.details                                  ? 
_refine.diff_density_max                         ? 
_refine.diff_density_max_esd                     ? 
_refine.diff_density_min                         ? 
_refine.diff_density_min_esd                     ? 
_refine.diff_density_rms                         ? 
_refine.diff_density_rms_esd                     ? 
_refine.entry_id                                 5XMZ 
_refine.pdbx_refine_id                           'X-RAY DIFFRACTION' 
_refine.ls_abs_structure_details                 ? 
_refine.ls_abs_structure_Flack                   ? 
_refine.ls_abs_structure_Flack_esd               ? 
_refine.ls_abs_structure_Rogers                  ? 
_refine.ls_abs_structure_Rogers_esd              ? 
_refine.ls_d_res_high                            1.85 
_refine.ls_d_res_low                             35.805 
_refine.ls_extinction_coef                       ? 
_refine.ls_extinction_coef_esd                   ? 
_refine.ls_extinction_expression                 ? 
_refine.ls_extinction_method                     ? 
_refine.ls_goodness_of_fit_all                   ? 
_refine.ls_goodness_of_fit_all_esd               ? 
_refine.ls_goodness_of_fit_obs                   ? 
_refine.ls_goodness_of_fit_obs_esd               ? 
_refine.ls_hydrogen_treatment                    ? 
_refine.ls_matrix_type                           ? 
_refine.ls_number_constraints                    ? 
_refine.ls_number_parameters                     ? 
_refine.ls_number_reflns_all                     ? 
_refine.ls_number_reflns_obs                     11133 
_refine.ls_number_reflns_R_free                  533 
_refine.ls_number_reflns_R_work                  ? 
_refine.ls_number_restraints                     ? 
_refine.ls_percent_reflns_obs                    98.42 
_refine.ls_percent_reflns_R_free                 4.79 
_refine.ls_R_factor_all                          ? 
_refine.ls_R_factor_obs                          0.2044 
_refine.ls_R_factor_R_free                       0.2602 
_refine.ls_R_factor_R_free_error                 ? 
_refine.ls_R_factor_R_free_error_details         ? 
_refine.ls_R_factor_R_work                       0.2017 
_refine.ls_R_Fsqd_factor_obs                     ? 
_refine.ls_R_I_factor_obs                        ? 
_refine.ls_redundancy_reflns_all                 ? 
_refine.ls_redundancy_reflns_obs                 ? 
_refine.ls_restrained_S_all                      ? 
_refine.ls_restrained_S_obs                      ? 
_refine.ls_shift_over_esd_max                    ? 
_refine.ls_shift_over_esd_mean                   ? 
_refine.ls_structure_factor_coef                 ? 
_refine.ls_weighting_details                     ? 
_refine.ls_weighting_scheme                      ? 
_refine.ls_wR_factor_all                         ? 
_refine.ls_wR_factor_obs                         ? 
_refine.ls_wR_factor_R_free                      ? 
_refine.ls_wR_factor_R_work                      ? 
_refine.occupancy_max                            ? 
_refine.occupancy_min                            ? 
_refine.solvent_model_details                    ? 
_refine.solvent_model_param_bsol                 ? 
_refine.solvent_model_param_ksol                 ? 
_refine.ls_R_factor_gt                           ? 
_refine.ls_goodness_of_fit_gt                    ? 
_refine.ls_goodness_of_fit_ref                   ? 
_refine.ls_shift_over_su_max                     ? 
_refine.ls_shift_over_su_max_lt                  ? 
_refine.ls_shift_over_su_mean                    ? 
_refine.ls_shift_over_su_mean_lt                 ? 
_refine.pdbx_ls_sigma_I                          ? 
_refine.pdbx_ls_sigma_F                          1.39 
_refine.pdbx_ls_sigma_Fsqd                       ? 
_refine.pdbx_data_cutoff_high_absF               ? 
_refine.pdbx_data_cutoff_high_rms_absF           ? 
_refine.pdbx_data_cutoff_low_absF                ? 
_refine.pdbx_isotropic_thermal_model             ? 
_refine.pdbx_ls_cross_valid_method               'FREE R-VALUE' 
_refine.pdbx_method_to_determine_struct          SAD 
_refine.pdbx_starting_model                      ? 
_refine.pdbx_stereochemistry_target_values       ? 
_refine.pdbx_R_Free_selection_details            ? 
_refine.pdbx_stereochem_target_val_spec_case     ? 
_refine.pdbx_overall_ESU_R                       ? 
_refine.pdbx_overall_ESU_R_Free                  ? 
_refine.pdbx_solvent_vdw_probe_radii             1.11 
_refine.pdbx_solvent_ion_probe_radii             ? 
_refine.pdbx_solvent_shrinkage_radii             0.90 
_refine.pdbx_real_space_R                        ? 
_refine.pdbx_density_correlation                 ? 
_refine.pdbx_pd_number_of_powder_patterns        ? 
_refine.pdbx_pd_number_of_points                 ? 
_refine.pdbx_pd_meas_number_of_points            ? 
_refine.pdbx_pd_proc_ls_prof_R_factor            ? 
_refine.pdbx_pd_proc_ls_prof_wR_factor           ? 
_refine.pdbx_pd_Marquardt_correlation_coeff      ? 
_refine.pdbx_pd_Fsqrd_R_factor                   ? 
_refine.pdbx_pd_ls_matrix_band_width             ? 
_refine.pdbx_overall_phase_error                 25.68 
_refine.pdbx_overall_SU_R_free_Cruickshank_DPI   ? 
_refine.pdbx_overall_SU_R_free_Blow_DPI          ? 
_refine.pdbx_overall_SU_R_Blow_DPI               ? 
_refine.pdbx_TLS_residual_ADP_flag               ? 
_refine.pdbx_diffrn_id                           1 
_refine.overall_SU_B                             ? 
_refine.overall_SU_ML                            0.18 
_refine.overall_SU_R_Cruickshank_DPI             ? 
_refine.overall_SU_R_free                        ? 
_refine.overall_FOM_free_R_set                   ? 
_refine.overall_FOM_work_R_set                   ? 
_refine.pdbx_average_fsc_overall                 ? 
_refine.pdbx_average_fsc_work                    ? 
_refine.pdbx_average_fsc_free                    ? 
# 
_refine_hist.pdbx_refine_id                   'X-RAY DIFFRACTION' 
_refine_hist.cycle_id                         LAST 
_refine_hist.pdbx_number_atoms_protein        932 
_refine_hist.pdbx_number_atoms_nucleic_acid   0 
_refine_hist.pdbx_number_atoms_ligand         2 
_refine_hist.number_atoms_solvent             122 
_refine_hist.number_atoms_total               1056 
_refine_hist.d_res_high                       1.85 
_refine_hist.d_res_low                        35.805 
# 
loop_
_refine_ls_restr.pdbx_refine_id 
_refine_ls_restr.criterion 
_refine_ls_restr.dev_ideal 
_refine_ls_restr.dev_ideal_target 
_refine_ls_restr.number 
_refine_ls_restr.rejects 
_refine_ls_restr.type 
_refine_ls_restr.weight 
_refine_ls_restr.pdbx_restraint_function 
'X-RAY DIFFRACTION' ? 0.007  ? 954  ? f_bond_d           ? ? 
'X-RAY DIFFRACTION' ? 1.239  ? 1290 ? f_angle_d          ? ? 
'X-RAY DIFFRACTION' ? 14.177 ? 343  ? f_dihedral_angle_d ? ? 
'X-RAY DIFFRACTION' ? 0.074  ? 138  ? f_chiral_restr     ? ? 
'X-RAY DIFFRACTION' ? 0.004  ? 174  ? f_plane_restr      ? ? 
# 
loop_
_refine_ls_shell.pdbx_refine_id 
_refine_ls_shell.d_res_high 
_refine_ls_shell.d_res_low 
_refine_ls_shell.number_reflns_all 
_refine_ls_shell.number_reflns_obs 
_refine_ls_shell.number_reflns_R_free 
_refine_ls_shell.number_reflns_R_work 
_refine_ls_shell.percent_reflns_obs 
_refine_ls_shell.percent_reflns_R_free 
_refine_ls_shell.R_factor_all 
_refine_ls_shell.R_factor_obs 
_refine_ls_shell.R_factor_R_free 
_refine_ls_shell.R_factor_R_free_error 
_refine_ls_shell.R_factor_R_work 
_refine_ls_shell.redundancy_reflns_all 
_refine_ls_shell.redundancy_reflns_obs 
_refine_ls_shell.wR_factor_all 
_refine_ls_shell.wR_factor_obs 
_refine_ls_shell.wR_factor_R_free 
_refine_ls_shell.wR_factor_R_work 
_refine_ls_shell.pdbx_total_number_of_bins_used 
_refine_ls_shell.pdbx_phase_error 
_refine_ls_shell.pdbx_fsc_work 
_refine_ls_shell.pdbx_fsc_free 
'X-RAY DIFFRACTION' 1.8480 2.0340  . . 119 2614 99.00  . . . 0.2567 . 0.1859 . . . . . . . . . . 
'X-RAY DIFFRACTION' 2.0340 2.3283  . . 135 2661 100.00 . . . 0.2662 . 0.1977 . . . . . . . . . . 
'X-RAY DIFFRACTION' 2.3283 2.9332  . . 139 2659 99.00  . . . 0.2824 . 0.2262 . . . . . . . . . . 
'X-RAY DIFFRACTION' 2.9332 35.8115 . . 140 2666 96.00  . . . 0.2472 . 0.1943 . . . . . . . . . . 
# 
_struct.entry_id                     5XMZ 
_struct.title                        'Verticillium effector PevD1' 
_struct.pdbx_model_details           ? 
_struct.pdbx_formula_weight          ? 
_struct.pdbx_formula_weight_method   ? 
_struct.pdbx_model_type_details      ? 
_struct.pdbx_CASP_flag               N 
# 
_struct_keywords.entry_id        5XMZ 
_struct_keywords.text            'Verticillium, effector, PevD1, SIGNALING PROTEIN' 
_struct_keywords.pdbx_keywords   'SIGNALING PROTEIN' 
# 
loop_
_struct_asym.id 
_struct_asym.pdbx_blank_PDB_chainid_flag 
_struct_asym.pdbx_modified 
_struct_asym.entity_id 
_struct_asym.details 
A N N 1 ? 
B N N 2 ? 
C N N 3 ? 
D N N 4 ? 
# 
_struct_ref.id                         1 
_struct_ref.db_name                    UNP 
_struct_ref.db_code                    PEVD1_VERDA 
_struct_ref.pdbx_db_accession          G0Y276 
_struct_ref.pdbx_db_isoform            ? 
_struct_ref.entity_id                  1 
_struct_ref.pdbx_seq_one_letter_code   
;MQFTLAAAAALFGASALAAPASPGSTGAPPDPNMYENIDIADFNVRKGEDGTIKYVNFKLSGDDADGLLCEAQNPGLPSN
VITCGESKYRFALSSGKQYEFALSLYHELGLAVGFYGTGEIFTHCRAGGLGDFICQQQNPTTIVIDSLPDAPAEA
;
_struct_ref.pdbx_align_begin           1 
# 
_struct_ref_seq.align_id                      1 
_struct_ref_seq.ref_id                        1 
_struct_ref_seq.pdbx_PDB_id_code              5XMZ 
_struct_ref_seq.pdbx_strand_id                A 
_struct_ref_seq.seq_align_beg                 1 
_struct_ref_seq.pdbx_seq_align_beg_ins_code   ? 
_struct_ref_seq.seq_align_end                 155 
_struct_ref_seq.pdbx_seq_align_end_ins_code   ? 
_struct_ref_seq.pdbx_db_accession             G0Y276 
_struct_ref_seq.db_align_beg                  1 
_struct_ref_seq.pdbx_db_align_beg_ins_code    ? 
_struct_ref_seq.db_align_end                  155 
_struct_ref_seq.pdbx_db_align_end_ins_code    ? 
_struct_ref_seq.pdbx_auth_seq_align_beg       1 
_struct_ref_seq.pdbx_auth_seq_align_end       155 
# 
_pdbx_struct_assembly.id                   1 
_pdbx_struct_assembly.details              author_and_software_defined_assembly 
_pdbx_struct_assembly.method_details       PISA 
_pdbx_struct_assembly.oligomeric_details   monomeric 
_pdbx_struct_assembly.oligomeric_count     1 
# 
loop_
_pdbx_struct_assembly_prop.biol_id 
_pdbx_struct_assembly_prop.type 
_pdbx_struct_assembly_prop.value 
_pdbx_struct_assembly_prop.details 
1 'ABSA (A^2)' 260  ? 
1 MORE         -25  ? 
1 'SSA (A^2)'  7020 ? 
# 
_pdbx_struct_assembly_gen.assembly_id       1 
_pdbx_struct_assembly_gen.oper_expression   1 
_pdbx_struct_assembly_gen.asym_id_list      A,B,C,D 
# 
_pdbx_struct_assembly_auth_evidence.id                     1 
_pdbx_struct_assembly_auth_evidence.assembly_id            1 
_pdbx_struct_assembly_auth_evidence.experimental_support   none 
_pdbx_struct_assembly_auth_evidence.details                ? 
# 
_pdbx_struct_oper_list.id                   1 
_pdbx_struct_oper_list.type                 'identity operation' 
_pdbx_struct_oper_list.name                 1_555 
_pdbx_struct_oper_list.symmetry_operation   x,y,z 
_pdbx_struct_oper_list.matrix[1][1]         1.0000000000 
_pdbx_struct_oper_list.matrix[1][2]         0.0000000000 
_pdbx_struct_oper_list.matrix[1][3]         0.0000000000 
_pdbx_struct_oper_list.vector[1]            0.0000000000 
_pdbx_struct_oper_list.matrix[2][1]         0.0000000000 
_pdbx_struct_oper_list.matrix[2][2]         1.0000000000 
_pdbx_struct_oper_list.matrix[2][3]         0.0000000000 
_pdbx_struct_oper_list.vector[2]            0.0000000000 
_pdbx_struct_oper_list.matrix[3][1]         0.0000000000 
_pdbx_struct_oper_list.matrix[3][2]         0.0000000000 
_pdbx_struct_oper_list.matrix[3][3]         1.0000000000 
_pdbx_struct_oper_list.vector[3]            0.0000000000 
# 
loop_
_struct_conn.id 
_struct_conn.conn_type_id 
_struct_conn.pdbx_leaving_atom_flag 
_struct_conn.pdbx_PDB_id 
_struct_conn.ptnr1_label_asym_id 
_struct_conn.ptnr1_label_comp_id 
_struct_conn.ptnr1_label_seq_id 
_struct_conn.ptnr1_label_atom_id 
_struct_conn.pdbx_ptnr1_label_alt_id 
_struct_conn.pdbx_ptnr1_PDB_ins_code 
_struct_conn.pdbx_ptnr1_standard_comp_id 
_struct_conn.ptnr1_symmetry 
_struct_conn.ptnr2_label_asym_id 
_struct_conn.ptnr2_label_comp_id 
_struct_conn.ptnr2_label_seq_id 
_struct_conn.ptnr2_label_atom_id 
_struct_conn.pdbx_ptnr2_label_alt_id 
_struct_conn.pdbx_ptnr2_PDB_ins_code 
_struct_conn.ptnr1_auth_asym_id 
_struct_conn.ptnr1_auth_comp_id 
_struct_conn.ptnr1_auth_seq_id 
_struct_conn.ptnr2_auth_asym_id 
_struct_conn.ptnr2_auth_comp_id 
_struct_conn.ptnr2_auth_seq_id 
_struct_conn.ptnr2_symmetry 
_struct_conn.pdbx_ptnr3_label_atom_id 
_struct_conn.pdbx_ptnr3_label_seq_id 
_struct_conn.pdbx_ptnr3_label_comp_id 
_struct_conn.pdbx_ptnr3_label_asym_id 
_struct_conn.pdbx_ptnr3_label_alt_id 
_struct_conn.pdbx_ptnr3_PDB_ins_code 
_struct_conn.details 
_struct_conn.pdbx_dist_value 
_struct_conn.pdbx_value_order 
_struct_conn.pdbx_role 
disulf1 disulf ? ? A CYS 70  SG  ? ? ? 1_555 A CYS 84  SG ? ? A CYS 70  A CYS 84  1_555 ? ? ? ? ? ? ? 2.040 ? ? 
disulf2 disulf ? ? A CYS 125 SG  ? ? ? 1_555 A CYS 135 SG ? ? A CYS 125 A CYS 135 1_555 ? ? ? ? ? ? ? 2.043 ? ? 
metalc1 metalc ? ? A TYR 116 O   ? ? ? 1_555 B CA  .   CA ? ? A TYR 116 A CA  201 1_555 ? ? ? ? ? ? ? 2.444 ? ? 
metalc2 metalc ? ? A ASP 146 OD1 ? ? ? 1_555 B CA  .   CA ? ? A ASP 146 A CA  201 1_555 ? ? ? ? ? ? ? 2.344 ? ? 
metalc3 metalc ? ? A LEU 148 O   ? ? ? 1_555 B CA  .   CA ? ? A LEU 148 A CA  201 1_555 ? ? ? ? ? ? ? 2.238 ? ? 
# 
loop_
_struct_conn_type.id 
_struct_conn_type.criteria 
_struct_conn_type.reference 
disulf ? ? 
metalc ? ? 
# 
loop_
_pdbx_struct_conn_angle.id 
_pdbx_struct_conn_angle.ptnr1_label_atom_id 
_pdbx_struct_conn_angle.ptnr1_label_alt_id 
_pdbx_struct_conn_angle.ptnr1_label_asym_id 
_pdbx_struct_conn_angle.ptnr1_label_comp_id 
_pdbx_struct_conn_angle.ptnr1_label_seq_id 
_pdbx_struct_conn_angle.ptnr1_auth_atom_id 
_pdbx_struct_conn_angle.ptnr1_auth_asym_id 
_pdbx_struct_conn_angle.ptnr1_auth_comp_id 
_pdbx_struct_conn_angle.ptnr1_auth_seq_id 
_pdbx_struct_conn_angle.ptnr1_PDB_ins_code 
_pdbx_struct_conn_angle.ptnr1_symmetry 
_pdbx_struct_conn_angle.ptnr2_label_atom_id 
_pdbx_struct_conn_angle.ptnr2_label_alt_id 
_pdbx_struct_conn_angle.ptnr2_label_asym_id 
_pdbx_struct_conn_angle.ptnr2_label_comp_id 
_pdbx_struct_conn_angle.ptnr2_label_seq_id 
_pdbx_struct_conn_angle.ptnr2_auth_atom_id 
_pdbx_struct_conn_angle.ptnr2_auth_asym_id 
_pdbx_struct_conn_angle.ptnr2_auth_comp_id 
_pdbx_struct_conn_angle.ptnr2_auth_seq_id 
_pdbx_struct_conn_angle.ptnr2_PDB_ins_code 
_pdbx_struct_conn_angle.ptnr2_symmetry 
_pdbx_struct_conn_angle.ptnr3_label_atom_id 
_pdbx_struct_conn_angle.ptnr3_label_alt_id 
_pdbx_struct_conn_angle.ptnr3_label_asym_id 
_pdbx_struct_conn_angle.ptnr3_label_comp_id 
_pdbx_struct_conn_angle.ptnr3_label_seq_id 
_pdbx_struct_conn_angle.ptnr3_auth_atom_id 
_pdbx_struct_conn_angle.ptnr3_auth_asym_id 
_pdbx_struct_conn_angle.ptnr3_auth_comp_id 
_pdbx_struct_conn_angle.ptnr3_auth_seq_id 
_pdbx_struct_conn_angle.ptnr3_PDB_ins_code 
_pdbx_struct_conn_angle.ptnr3_symmetry 
_pdbx_struct_conn_angle.value 
_pdbx_struct_conn_angle.value_esd 
1 O   ? A TYR 116 ? A TYR 116 ? 1_555 CA ? B CA . ? A CA 201 ? 1_555 OD1 ? A ASP 146 ? A ASP 146 ? 1_555 108.2 ? 
2 O   ? A TYR 116 ? A TYR 116 ? 1_555 CA ? B CA . ? A CA 201 ? 1_555 O   ? A LEU 148 ? A LEU 148 ? 1_555 131.8 ? 
3 OD1 ? A ASP 146 ? A ASP 146 ? 1_555 CA ? B CA . ? A CA 201 ? 1_555 O   ? A LEU 148 ? A LEU 148 ? 1_555 95.3  ? 
# 
loop_
_pdbx_modification_feature.ordinal 
_pdbx_modification_feature.label_comp_id 
_pdbx_modification_feature.label_asym_id 
_pdbx_modification_feature.label_seq_id 
_pdbx_modification_feature.label_alt_id 
_pdbx_modification_feature.modified_residue_label_comp_id 
_pdbx_modification_feature.modified_residue_label_asym_id 
_pdbx_modification_feature.modified_residue_label_seq_id 
_pdbx_modification_feature.modified_residue_label_alt_id 
_pdbx_modification_feature.auth_comp_id 
_pdbx_modification_feature.auth_asym_id 
_pdbx_modification_feature.auth_seq_id 
_pdbx_modification_feature.PDB_ins_code 
_pdbx_modification_feature.symmetry 
_pdbx_modification_feature.modified_residue_auth_comp_id 
_pdbx_modification_feature.modified_residue_auth_asym_id 
_pdbx_modification_feature.modified_residue_auth_seq_id 
_pdbx_modification_feature.modified_residue_PDB_ins_code 
_pdbx_modification_feature.modified_residue_symmetry 
_pdbx_modification_feature.comp_id_linking_atom 
_pdbx_modification_feature.modified_residue_id_linking_atom 
_pdbx_modification_feature.modified_residue_id 
_pdbx_modification_feature.ref_pcm_id 
_pdbx_modification_feature.ref_comp_id 
_pdbx_modification_feature.type 
_pdbx_modification_feature.category 
1 CYS A 70  ? CYS A 84  ? CYS A 70  ? 1_555 CYS A 84  ? 1_555 SG SG . . . None 'Disulfide bridge' 
2 CYS A 125 ? CYS A 135 ? CYS A 125 ? 1_555 CYS A 135 ? 1_555 SG SG . . . None 'Disulfide bridge' 
# 
_struct_mon_prot_cis.pdbx_id                1 
_struct_mon_prot_cis.label_comp_id          LEU 
_struct_mon_prot_cis.label_seq_id           77 
_struct_mon_prot_cis.label_asym_id          A 
_struct_mon_prot_cis.label_alt_id           . 
_struct_mon_prot_cis.pdbx_PDB_ins_code      ? 
_struct_mon_prot_cis.auth_comp_id           LEU 
_struct_mon_prot_cis.auth_seq_id            77 
_struct_mon_prot_cis.auth_asym_id           A 
_struct_mon_prot_cis.pdbx_label_comp_id_2   PRO 
_struct_mon_prot_cis.pdbx_label_seq_id_2    78 
_struct_mon_prot_cis.pdbx_label_asym_id_2   A 
_struct_mon_prot_cis.pdbx_PDB_ins_code_2    ? 
_struct_mon_prot_cis.pdbx_auth_comp_id_2    PRO 
_struct_mon_prot_cis.pdbx_auth_seq_id_2     78 
_struct_mon_prot_cis.pdbx_auth_asym_id_2    A 
_struct_mon_prot_cis.pdbx_PDB_model_num     1 
_struct_mon_prot_cis.pdbx_omega_angle       3.44 
# 
loop_
_struct_sheet.id 
_struct_sheet.type 
_struct_sheet.number_strands 
_struct_sheet.details 
AA1 ? 5 ? 
AA2 ? 4 ? 
AA3 ? 4 ? 
# 
loop_
_struct_sheet_order.sheet_id 
_struct_sheet_order.range_id_1 
_struct_sheet_order.range_id_2 
_struct_sheet_order.offset 
_struct_sheet_order.sense 
AA1 1 2 ? anti-parallel 
AA1 2 3 ? anti-parallel 
AA1 3 4 ? anti-parallel 
AA1 4 5 ? anti-parallel 
AA2 1 2 ? anti-parallel 
AA2 2 3 ? anti-parallel 
AA2 3 4 ? anti-parallel 
AA3 1 2 ? anti-parallel 
AA3 2 3 ? anti-parallel 
AA3 3 4 ? anti-parallel 
# 
loop_
_struct_sheet_range.sheet_id 
_struct_sheet_range.id 
_struct_sheet_range.beg_label_comp_id 
_struct_sheet_range.beg_label_asym_id 
_struct_sheet_range.beg_label_seq_id 
_struct_sheet_range.pdbx_beg_PDB_ins_code 
_struct_sheet_range.end_label_comp_id 
_struct_sheet_range.end_label_asym_id 
_struct_sheet_range.end_label_seq_id 
_struct_sheet_range.pdbx_end_PDB_ins_code 
_struct_sheet_range.beg_auth_comp_id 
_struct_sheet_range.beg_auth_asym_id 
_struct_sheet_range.beg_auth_seq_id 
_struct_sheet_range.end_auth_comp_id 
_struct_sheet_range.end_auth_asym_id 
_struct_sheet_range.end_auth_seq_id 
AA1 1 ALA A 65  ? GLN A 73  ? ALA A 65  GLN A 73  
AA1 2 ILE A 53  ? GLY A 62  ? ILE A 53  GLY A 62  
AA1 3 TYR A 35  ? LYS A 47  ? TYR A 35  LYS A 47  
AA1 4 ASP A 132 ? GLN A 137 ? ASP A 132 GLN A 137 
AA1 5 THR A 123 ? GLY A 129 ? THR A 123 GLY A 129 
AA2 1 ALA A 65  ? GLN A 73  ? ALA A 65  GLN A 73  
AA2 2 ILE A 53  ? GLY A 62  ? ILE A 53  GLY A 62  
AA2 3 TYR A 35  ? LYS A 47  ? TYR A 35  LYS A 47  
AA2 4 THR A 141 ? ASP A 146 ? THR A 141 ASP A 146 
AA3 1 ILE A 82  ? THR A 83  ? ILE A 82  THR A 83  
AA3 2 TYR A 89  ? SER A 95  ? TYR A 89  SER A 95  
AA3 3 PHE A 101 ? HIS A 107 ? PHE A 101 HIS A 107 
AA3 4 PHE A 115 ? ILE A 121 ? PHE A 115 ILE A 121 
# 
loop_
_pdbx_struct_sheet_hbond.sheet_id 
_pdbx_struct_sheet_hbond.range_id_1 
_pdbx_struct_sheet_hbond.range_id_2 
_pdbx_struct_sheet_hbond.range_1_label_atom_id 
_pdbx_struct_sheet_hbond.range_1_label_comp_id 
_pdbx_struct_sheet_hbond.range_1_label_asym_id 
_pdbx_struct_sheet_hbond.range_1_label_seq_id 
_pdbx_struct_sheet_hbond.range_1_PDB_ins_code 
_pdbx_struct_sheet_hbond.range_1_auth_atom_id 
_pdbx_struct_sheet_hbond.range_1_auth_comp_id 
_pdbx_struct_sheet_hbond.range_1_auth_asym_id 
_pdbx_struct_sheet_hbond.range_1_auth_seq_id 
_pdbx_struct_sheet_hbond.range_2_label_atom_id 
_pdbx_struct_sheet_hbond.range_2_label_comp_id 
_pdbx_struct_sheet_hbond.range_2_label_asym_id 
_pdbx_struct_sheet_hbond.range_2_label_seq_id 
_pdbx_struct_sheet_hbond.range_2_PDB_ins_code 
_pdbx_struct_sheet_hbond.range_2_auth_atom_id 
_pdbx_struct_sheet_hbond.range_2_auth_comp_id 
_pdbx_struct_sheet_hbond.range_2_auth_asym_id 
_pdbx_struct_sheet_hbond.range_2_auth_seq_id 
AA1 1 2 O LEU A 68  ? O LEU A 68  N LEU A 60  ? N LEU A 60  
AA1 2 3 O ASN A 57  ? O ASN A 57  N ASN A 44  ? N ASN A 44  
AA1 3 4 N VAL A 45  ? N VAL A 45  O CYS A 135 ? O CYS A 135 
AA1 4 5 O ILE A 134 ? O ILE A 134 N ARG A 126 ? N ARG A 126 
AA2 1 2 O LEU A 68  ? O LEU A 68  N LEU A 60  ? N LEU A 60  
AA2 2 3 O ASN A 57  ? O ASN A 57  N ASN A 44  ? N ASN A 44  
AA2 3 4 N ILE A 38  ? N ILE A 38  O ILE A 143 ? O ILE A 143 
AA3 1 2 N ILE A 82  ? N ILE A 82  O PHE A 91  ? O PHE A 91  
AA3 2 3 N SER A 94  ? N SER A 94  O ALA A 102 ? O ALA A 102 
AA3 3 4 N LEU A 103 ? N LEU A 103 O GLY A 119 ? O GLY A 119 
# 
loop_
_struct_site.id 
_struct_site.pdbx_evidence_code 
_struct_site.pdbx_auth_asym_id 
_struct_site.pdbx_auth_comp_id 
_struct_site.pdbx_auth_seq_id 
_struct_site.pdbx_auth_ins_code 
_struct_site.pdbx_num_residues 
_struct_site.details 
AC1 Software A CA 201 ? 4 'binding site for residue CA A 201' 
AC2 Software A CL 202 ? 4 'binding site for residue CL A 202' 
# 
loop_
_struct_site_gen.id 
_struct_site_gen.site_id 
_struct_site_gen.pdbx_num_res 
_struct_site_gen.label_comp_id 
_struct_site_gen.label_asym_id 
_struct_site_gen.label_seq_id 
_struct_site_gen.pdbx_auth_ins_code 
_struct_site_gen.auth_comp_id 
_struct_site_gen.auth_asym_id 
_struct_site_gen.auth_seq_id 
_struct_site_gen.label_atom_id 
_struct_site_gen.label_alt_id 
_struct_site_gen.symmetry 
_struct_site_gen.details 
1 AC1 4 TYR A 116 ? TYR A 116 . ? 1_555 ? 
2 AC1 4 ASP A 146 ? ASP A 146 . ? 1_555 ? 
3 AC1 4 LEU A 148 ? LEU A 148 . ? 1_555 ? 
4 AC1 4 CL  C .   ? CL  A 202 . ? 1_555 ? 
5 AC2 4 LEU A 148 ? LEU A 148 . ? 1_555 ? 
6 AC2 4 PRO A 149 ? PRO A 149 . ? 1_555 ? 
7 AC2 4 CA  B .   ? CA  A 201 . ? 1_555 ? 
8 AC2 4 HOH D .   ? HOH A 344 . ? 1_555 ? 
# 
_pdbx_entry_details.entry_id                   5XMZ 
_pdbx_entry_details.compound_details           ? 
_pdbx_entry_details.source_details             ? 
_pdbx_entry_details.nonpolymer_details         ? 
_pdbx_entry_details.sequence_details           ? 
_pdbx_entry_details.has_ligand_of_interest     ? 
_pdbx_entry_details.has_protein_modification   Y 
# 
loop_
_pdbx_validate_close_contact.id 
_pdbx_validate_close_contact.PDB_model_num 
_pdbx_validate_close_contact.auth_atom_id_1 
_pdbx_validate_close_contact.auth_asym_id_1 
_pdbx_validate_close_contact.auth_comp_id_1 
_pdbx_validate_close_contact.auth_seq_id_1 
_pdbx_validate_close_contact.PDB_ins_code_1 
_pdbx_validate_close_contact.label_alt_id_1 
_pdbx_validate_close_contact.auth_atom_id_2 
_pdbx_validate_close_contact.auth_asym_id_2 
_pdbx_validate_close_contact.auth_comp_id_2 
_pdbx_validate_close_contact.auth_seq_id_2 
_pdbx_validate_close_contact.PDB_ins_code_2 
_pdbx_validate_close_contact.label_alt_id_2 
_pdbx_validate_close_contact.dist 
1 1 O   A HOH 351 ? ? O A HOH 353 ? ? 1.82 
2 1 O   A HOH 408 ? ? O A HOH 420 ? ? 1.84 
3 1 OD1 A ASN 57  ? ? O A HOH 301 ? ? 2.01 
4 1 O   A HOH 371 ? ? O A HOH 418 ? ? 2.06 
5 1 O   A HOH 322 ? ? O A HOH 346 ? ? 2.14 
6 1 OD1 A ASP 39  ? ? O A HOH 302 ? ? 2.17 
7 1 O   A HOH 308 ? ? O A HOH 313 ? ? 2.18 
8 1 OE2 A GLU 108 ? ? O A HOH 303 ? ? 2.19 
# 
loop_
_pdbx_validate_symm_contact.id 
_pdbx_validate_symm_contact.PDB_model_num 
_pdbx_validate_symm_contact.auth_atom_id_1 
_pdbx_validate_symm_contact.auth_asym_id_1 
_pdbx_validate_symm_contact.auth_comp_id_1 
_pdbx_validate_symm_contact.auth_seq_id_1 
_pdbx_validate_symm_contact.PDB_ins_code_1 
_pdbx_validate_symm_contact.label_alt_id_1 
_pdbx_validate_symm_contact.site_symmetry_1 
_pdbx_validate_symm_contact.auth_atom_id_2 
_pdbx_validate_symm_contact.auth_asym_id_2 
_pdbx_validate_symm_contact.auth_comp_id_2 
_pdbx_validate_symm_contact.auth_seq_id_2 
_pdbx_validate_symm_contact.PDB_ins_code_2 
_pdbx_validate_symm_contact.label_alt_id_2 
_pdbx_validate_symm_contact.site_symmetry_2 
_pdbx_validate_symm_contact.dist 
1 1 O A HOH 394 ? ? 1_555 O A HOH 394 ? ? 3_554 2.04 
2 1 O A HOH 389 ? ? 1_555 O A HOH 401 ? ? 6_454 2.06 
# 
loop_
_pdbx_struct_special_symmetry.id 
_pdbx_struct_special_symmetry.PDB_model_num 
_pdbx_struct_special_symmetry.auth_asym_id 
_pdbx_struct_special_symmetry.auth_comp_id 
_pdbx_struct_special_symmetry.auth_seq_id 
_pdbx_struct_special_symmetry.PDB_ins_code 
_pdbx_struct_special_symmetry.label_asym_id 
_pdbx_struct_special_symmetry.label_comp_id 
_pdbx_struct_special_symmetry.label_seq_id 
1 1 A HOH 364 ? D HOH . 
2 1 A HOH 390 ? D HOH . 
3 1 A HOH 410 ? D HOH . 
# 
loop_
_pdbx_unobs_or_zero_occ_residues.id 
_pdbx_unobs_or_zero_occ_residues.PDB_model_num 
_pdbx_unobs_or_zero_occ_residues.polymer_flag 
_pdbx_unobs_or_zero_occ_residues.occupancy_flag 
_pdbx_unobs_or_zero_occ_residues.auth_asym_id 
_pdbx_unobs_or_zero_occ_residues.auth_comp_id 
_pdbx_unobs_or_zero_occ_residues.auth_seq_id 
_pdbx_unobs_or_zero_occ_residues.PDB_ins_code 
_pdbx_unobs_or_zero_occ_residues.label_asym_id 
_pdbx_unobs_or_zero_occ_residues.label_comp_id 
_pdbx_unobs_or_zero_occ_residues.label_seq_id 
1  1 Y 1 A MET 1   ? A MET 1   
2  1 Y 1 A GLN 2   ? A GLN 2   
3  1 Y 1 A PHE 3   ? A PHE 3   
4  1 Y 1 A THR 4   ? A THR 4   
5  1 Y 1 A LEU 5   ? A LEU 5   
6  1 Y 1 A ALA 6   ? A ALA 6   
7  1 Y 1 A ALA 7   ? A ALA 7   
8  1 Y 1 A ALA 8   ? A ALA 8   
9  1 Y 1 A ALA 9   ? A ALA 9   
10 1 Y 1 A ALA 10  ? A ALA 10  
11 1 Y 1 A LEU 11  ? A LEU 11  
12 1 Y 1 A PHE 12  ? A PHE 12  
13 1 Y 1 A GLY 13  ? A GLY 13  
14 1 Y 1 A ALA 14  ? A ALA 14  
15 1 Y 1 A SER 15  ? A SER 15  
16 1 Y 1 A ALA 16  ? A ALA 16  
17 1 Y 1 A LEU 17  ? A LEU 17  
18 1 Y 1 A ALA 18  ? A ALA 18  
19 1 Y 1 A ALA 19  ? A ALA 19  
20 1 Y 1 A PRO 20  ? A PRO 20  
21 1 Y 1 A ALA 21  ? A ALA 21  
22 1 Y 1 A SER 22  ? A SER 22  
23 1 Y 1 A PRO 23  ? A PRO 23  
24 1 Y 1 A GLY 24  ? A GLY 24  
25 1 Y 1 A SER 25  ? A SER 25  
26 1 Y 1 A THR 26  ? A THR 26  
27 1 Y 1 A GLY 27  ? A GLY 27  
28 1 Y 1 A ALA 28  ? A ALA 28  
29 1 Y 1 A PRO 29  ? A PRO 29  
30 1 Y 1 A PRO 30  ? A PRO 30  
31 1 Y 1 A ALA 153 ? A ALA 153 
32 1 Y 1 A GLU 154 ? A GLU 154 
33 1 Y 1 A ALA 155 ? A ALA 155 
# 
loop_
_chem_comp_atom.comp_id 
_chem_comp_atom.atom_id 
_chem_comp_atom.type_symbol 
_chem_comp_atom.pdbx_aromatic_flag 
_chem_comp_atom.pdbx_stereo_config 
_chem_comp_atom.pdbx_ordinal 
ALA N    N  N N 1   
ALA CA   C  N S 2   
ALA C    C  N N 3   
ALA O    O  N N 4   
ALA CB   C  N N 5   
ALA OXT  O  N N 6   
ALA H    H  N N 7   
ALA H2   H  N N 8   
ALA HA   H  N N 9   
ALA HB1  H  N N 10  
ALA HB2  H  N N 11  
ALA HB3  H  N N 12  
ALA HXT  H  N N 13  
ARG N    N  N N 14  
ARG CA   C  N S 15  
ARG C    C  N N 16  
ARG O    O  N N 17  
ARG CB   C  N N 18  
ARG CG   C  N N 19  
ARG CD   C  N N 20  
ARG NE   N  N N 21  
ARG CZ   C  N N 22  
ARG NH1  N  N N 23  
ARG NH2  N  N N 24  
ARG OXT  O  N N 25  
ARG H    H  N N 26  
ARG H2   H  N N 27  
ARG HA   H  N N 28  
ARG HB2  H  N N 29  
ARG HB3  H  N N 30  
ARG HG2  H  N N 31  
ARG HG3  H  N N 32  
ARG HD2  H  N N 33  
ARG HD3  H  N N 34  
ARG HE   H  N N 35  
ARG HH11 H  N N 36  
ARG HH12 H  N N 37  
ARG HH21 H  N N 38  
ARG HH22 H  N N 39  
ARG HXT  H  N N 40  
ASN N    N  N N 41  
ASN CA   C  N S 42  
ASN C    C  N N 43  
ASN O    O  N N 44  
ASN CB   C  N N 45  
ASN CG   C  N N 46  
ASN OD1  O  N N 47  
ASN ND2  N  N N 48  
ASN OXT  O  N N 49  
ASN H    H  N N 50  
ASN H2   H  N N 51  
ASN HA   H  N N 52  
ASN HB2  H  N N 53  
ASN HB3  H  N N 54  
ASN HD21 H  N N 55  
ASN HD22 H  N N 56  
ASN HXT  H  N N 57  
ASP N    N  N N 58  
ASP CA   C  N S 59  
ASP C    C  N N 60  
ASP O    O  N N 61  
ASP CB   C  N N 62  
ASP CG   C  N N 63  
ASP OD1  O  N N 64  
ASP OD2  O  N N 65  
ASP OXT  O  N N 66  
ASP H    H  N N 67  
ASP H2   H  N N 68  
ASP HA   H  N N 69  
ASP HB2  H  N N 70  
ASP HB3  H  N N 71  
ASP HD2  H  N N 72  
ASP HXT  H  N N 73  
CA  CA   CA N N 74  
CL  CL   CL N N 75  
CYS N    N  N N 76  
CYS CA   C  N R 77  
CYS C    C  N N 78  
CYS O    O  N N 79  
CYS CB   C  N N 80  
CYS SG   S  N N 81  
CYS OXT  O  N N 82  
CYS H    H  N N 83  
CYS H2   H  N N 84  
CYS HA   H  N N 85  
CYS HB2  H  N N 86  
CYS HB3  H  N N 87  
CYS HG   H  N N 88  
CYS HXT  H  N N 89  
GLN N    N  N N 90  
GLN CA   C  N S 91  
GLN C    C  N N 92  
GLN O    O  N N 93  
GLN CB   C  N N 94  
GLN CG   C  N N 95  
GLN CD   C  N N 96  
GLN OE1  O  N N 97  
GLN NE2  N  N N 98  
GLN OXT  O  N N 99  
GLN H    H  N N 100 
GLN H2   H  N N 101 
GLN HA   H  N N 102 
GLN HB2  H  N N 103 
GLN HB3  H  N N 104 
GLN HG2  H  N N 105 
GLN HG3  H  N N 106 
GLN HE21 H  N N 107 
GLN HE22 H  N N 108 
GLN HXT  H  N N 109 
GLU N    N  N N 110 
GLU CA   C  N S 111 
GLU C    C  N N 112 
GLU O    O  N N 113 
GLU CB   C  N N 114 
GLU CG   C  N N 115 
GLU CD   C  N N 116 
GLU OE1  O  N N 117 
GLU OE2  O  N N 118 
GLU OXT  O  N N 119 
GLU H    H  N N 120 
GLU H2   H  N N 121 
GLU HA   H  N N 122 
GLU HB2  H  N N 123 
GLU HB3  H  N N 124 
GLU HG2  H  N N 125 
GLU HG3  H  N N 126 
GLU HE2  H  N N 127 
GLU HXT  H  N N 128 
GLY N    N  N N 129 
GLY CA   C  N N 130 
GLY C    C  N N 131 
GLY O    O  N N 132 
GLY OXT  O  N N 133 
GLY H    H  N N 134 
GLY H2   H  N N 135 
GLY HA2  H  N N 136 
GLY HA3  H  N N 137 
GLY HXT  H  N N 138 
HIS N    N  N N 139 
HIS CA   C  N S 140 
HIS C    C  N N 141 
HIS O    O  N N 142 
HIS CB   C  N N 143 
HIS CG   C  Y N 144 
HIS ND1  N  Y N 145 
HIS CD2  C  Y N 146 
HIS CE1  C  Y N 147 
HIS NE2  N  Y N 148 
HIS OXT  O  N N 149 
HIS H    H  N N 150 
HIS H2   H  N N 151 
HIS HA   H  N N 152 
HIS HB2  H  N N 153 
HIS HB3  H  N N 154 
HIS HD1  H  N N 155 
HIS HD2  H  N N 156 
HIS HE1  H  N N 157 
HIS HE2  H  N N 158 
HIS HXT  H  N N 159 
HOH O    O  N N 160 
HOH H1   H  N N 161 
HOH H2   H  N N 162 
ILE N    N  N N 163 
ILE CA   C  N S 164 
ILE C    C  N N 165 
ILE O    O  N N 166 
ILE CB   C  N S 167 
ILE CG1  C  N N 168 
ILE CG2  C  N N 169 
ILE CD1  C  N N 170 
ILE OXT  O  N N 171 
ILE H    H  N N 172 
ILE H2   H  N N 173 
ILE HA   H  N N 174 
ILE HB   H  N N 175 
ILE HG12 H  N N 176 
ILE HG13 H  N N 177 
ILE HG21 H  N N 178 
ILE HG22 H  N N 179 
ILE HG23 H  N N 180 
ILE HD11 H  N N 181 
ILE HD12 H  N N 182 
ILE HD13 H  N N 183 
ILE HXT  H  N N 184 
LEU N    N  N N 185 
LEU CA   C  N S 186 
LEU C    C  N N 187 
LEU O    O  N N 188 
LEU CB   C  N N 189 
LEU CG   C  N N 190 
LEU CD1  C  N N 191 
LEU CD2  C  N N 192 
LEU OXT  O  N N 193 
LEU H    H  N N 194 
LEU H2   H  N N 195 
LEU HA   H  N N 196 
LEU HB2  H  N N 197 
LEU HB3  H  N N 198 
LEU HG   H  N N 199 
LEU HD11 H  N N 200 
LEU HD12 H  N N 201 
LEU HD13 H  N N 202 
LEU HD21 H  N N 203 
LEU HD22 H  N N 204 
LEU HD23 H  N N 205 
LEU HXT  H  N N 206 
LYS N    N  N N 207 
LYS CA   C  N S 208 
LYS C    C  N N 209 
LYS O    O  N N 210 
LYS CB   C  N N 211 
LYS CG   C  N N 212 
LYS CD   C  N N 213 
LYS CE   C  N N 214 
LYS NZ   N  N N 215 
LYS OXT  O  N N 216 
LYS H    H  N N 217 
LYS H2   H  N N 218 
LYS HA   H  N N 219 
LYS HB2  H  N N 220 
LYS HB3  H  N N 221 
LYS HG2  H  N N 222 
LYS HG3  H  N N 223 
LYS HD2  H  N N 224 
LYS HD3  H  N N 225 
LYS HE2  H  N N 226 
LYS HE3  H  N N 227 
LYS HZ1  H  N N 228 
LYS HZ2  H  N N 229 
LYS HZ3  H  N N 230 
LYS HXT  H  N N 231 
MET N    N  N N 232 
MET CA   C  N S 233 
MET C    C  N N 234 
MET O    O  N N 235 
MET CB   C  N N 236 
MET CG   C  N N 237 
MET SD   S  N N 238 
MET CE   C  N N 239 
MET OXT  O  N N 240 
MET H    H  N N 241 
MET H2   H  N N 242 
MET HA   H  N N 243 
MET HB2  H  N N 244 
MET HB3  H  N N 245 
MET HG2  H  N N 246 
MET HG3  H  N N 247 
MET HE1  H  N N 248 
MET HE2  H  N N 249 
MET HE3  H  N N 250 
MET HXT  H  N N 251 
PHE N    N  N N 252 
PHE CA   C  N S 253 
PHE C    C  N N 254 
PHE O    O  N N 255 
PHE CB   C  N N 256 
PHE CG   C  Y N 257 
PHE CD1  C  Y N 258 
PHE CD2  C  Y N 259 
PHE CE1  C  Y N 260 
PHE CE2  C  Y N 261 
PHE CZ   C  Y N 262 
PHE OXT  O  N N 263 
PHE H    H  N N 264 
PHE H2   H  N N 265 
PHE HA   H  N N 266 
PHE HB2  H  N N 267 
PHE HB3  H  N N 268 
PHE HD1  H  N N 269 
PHE HD2  H  N N 270 
PHE HE1  H  N N 271 
PHE HE2  H  N N 272 
PHE HZ   H  N N 273 
PHE HXT  H  N N 274 
PRO N    N  N N 275 
PRO CA   C  N S 276 
PRO C    C  N N 277 
PRO O    O  N N 278 
PRO CB   C  N N 279 
PRO CG   C  N N 280 
PRO CD   C  N N 281 
PRO OXT  O  N N 282 
PRO H    H  N N 283 
PRO HA   H  N N 284 
PRO HB2  H  N N 285 
PRO HB3  H  N N 286 
PRO HG2  H  N N 287 
PRO HG3  H  N N 288 
PRO HD2  H  N N 289 
PRO HD3  H  N N 290 
PRO HXT  H  N N 291 
SER N    N  N N 292 
SER CA   C  N S 293 
SER C    C  N N 294 
SER O    O  N N 295 
SER CB   C  N N 296 
SER OG   O  N N 297 
SER OXT  O  N N 298 
SER H    H  N N 299 
SER H2   H  N N 300 
SER HA   H  N N 301 
SER HB2  H  N N 302 
SER HB3  H  N N 303 
SER HG   H  N N 304 
SER HXT  H  N N 305 
THR N    N  N N 306 
THR CA   C  N S 307 
THR C    C  N N 308 
THR O    O  N N 309 
THR CB   C  N R 310 
THR OG1  O  N N 311 
THR CG2  C  N N 312 
THR OXT  O  N N 313 
THR H    H  N N 314 
THR H2   H  N N 315 
THR HA   H  N N 316 
THR HB   H  N N 317 
THR HG1  H  N N 318 
THR HG21 H  N N 319 
THR HG22 H  N N 320 
THR HG23 H  N N 321 
THR HXT  H  N N 322 
TYR N    N  N N 323 
TYR CA   C  N S 324 
TYR C    C  N N 325 
TYR O    O  N N 326 
TYR CB   C  N N 327 
TYR CG   C  Y N 328 
TYR CD1  C  Y N 329 
TYR CD2  C  Y N 330 
TYR CE1  C  Y N 331 
TYR CE2  C  Y N 332 
TYR CZ   C  Y N 333 
TYR OH   O  N N 334 
TYR OXT  O  N N 335 
TYR H    H  N N 336 
TYR H2   H  N N 337 
TYR HA   H  N N 338 
TYR HB2  H  N N 339 
TYR HB3  H  N N 340 
TYR HD1  H  N N 341 
TYR HD2  H  N N 342 
TYR HE1  H  N N 343 
TYR HE2  H  N N 344 
TYR HH   H  N N 345 
TYR HXT  H  N N 346 
VAL N    N  N N 347 
VAL CA   C  N S 348 
VAL C    C  N N 349 
VAL O    O  N N 350 
VAL CB   C  N N 351 
VAL CG1  C  N N 352 
VAL CG2  C  N N 353 
VAL OXT  O  N N 354 
VAL H    H  N N 355 
VAL H2   H  N N 356 
VAL HA   H  N N 357 
VAL HB   H  N N 358 
VAL HG11 H  N N 359 
VAL HG12 H  N N 360 
VAL HG13 H  N N 361 
VAL HG21 H  N N 362 
VAL HG22 H  N N 363 
VAL HG23 H  N N 364 
VAL HXT  H  N N 365 
# 
loop_
_chem_comp_bond.comp_id 
_chem_comp_bond.atom_id_1 
_chem_comp_bond.atom_id_2 
_chem_comp_bond.value_order 
_chem_comp_bond.pdbx_aromatic_flag 
_chem_comp_bond.pdbx_stereo_config 
_chem_comp_bond.pdbx_ordinal 
ALA N   CA   sing N N 1   
ALA N   H    sing N N 2   
ALA N   H2   sing N N 3   
ALA CA  C    sing N N 4   
ALA CA  CB   sing N N 5   
ALA CA  HA   sing N N 6   
ALA C   O    doub N N 7   
ALA C   OXT  sing N N 8   
ALA CB  HB1  sing N N 9   
ALA CB  HB2  sing N N 10  
ALA CB  HB3  sing N N 11  
ALA OXT HXT  sing N N 12  
ARG N   CA   sing N N 13  
ARG N   H    sing N N 14  
ARG N   H2   sing N N 15  
ARG CA  C    sing N N 16  
ARG CA  CB   sing N N 17  
ARG CA  HA   sing N N 18  
ARG C   O    doub N N 19  
ARG C   OXT  sing N N 20  
ARG CB  CG   sing N N 21  
ARG CB  HB2  sing N N 22  
ARG CB  HB3  sing N N 23  
ARG CG  CD   sing N N 24  
ARG CG  HG2  sing N N 25  
ARG CG  HG3  sing N N 26  
ARG CD  NE   sing N N 27  
ARG CD  HD2  sing N N 28  
ARG CD  HD3  sing N N 29  
ARG NE  CZ   sing N N 30  
ARG NE  HE   sing N N 31  
ARG CZ  NH1  sing N N 32  
ARG CZ  NH2  doub N N 33  
ARG NH1 HH11 sing N N 34  
ARG NH1 HH12 sing N N 35  
ARG NH2 HH21 sing N N 36  
ARG NH2 HH22 sing N N 37  
ARG OXT HXT  sing N N 38  
ASN N   CA   sing N N 39  
ASN N   H    sing N N 40  
ASN N   H2   sing N N 41  
ASN CA  C    sing N N 42  
ASN CA  CB   sing N N 43  
ASN CA  HA   sing N N 44  
ASN C   O    doub N N 45  
ASN C   OXT  sing N N 46  
ASN CB  CG   sing N N 47  
ASN CB  HB2  sing N N 48  
ASN CB  HB3  sing N N 49  
ASN CG  OD1  doub N N 50  
ASN CG  ND2  sing N N 51  
ASN ND2 HD21 sing N N 52  
ASN ND2 HD22 sing N N 53  
ASN OXT HXT  sing N N 54  
ASP N   CA   sing N N 55  
ASP N   H    sing N N 56  
ASP N   H2   sing N N 57  
ASP CA  C    sing N N 58  
ASP CA  CB   sing N N 59  
ASP CA  HA   sing N N 60  
ASP C   O    doub N N 61  
ASP C   OXT  sing N N 62  
ASP CB  CG   sing N N 63  
ASP CB  HB2  sing N N 64  
ASP CB  HB3  sing N N 65  
ASP CG  OD1  doub N N 66  
ASP CG  OD2  sing N N 67  
ASP OD2 HD2  sing N N 68  
ASP OXT HXT  sing N N 69  
CYS N   CA   sing N N 70  
CYS N   H    sing N N 71  
CYS N   H2   sing N N 72  
CYS CA  C    sing N N 73  
CYS CA  CB   sing N N 74  
CYS CA  HA   sing N N 75  
CYS C   O    doub N N 76  
CYS C   OXT  sing N N 77  
CYS CB  SG   sing N N 78  
CYS CB  HB2  sing N N 79  
CYS CB  HB3  sing N N 80  
CYS SG  HG   sing N N 81  
CYS OXT HXT  sing N N 82  
GLN N   CA   sing N N 83  
GLN N   H    sing N N 84  
GLN N   H2   sing N N 85  
GLN CA  C    sing N N 86  
GLN CA  CB   sing N N 87  
GLN CA  HA   sing N N 88  
GLN C   O    doub N N 89  
GLN C   OXT  sing N N 90  
GLN CB  CG   sing N N 91  
GLN CB  HB2  sing N N 92  
GLN CB  HB3  sing N N 93  
GLN CG  CD   sing N N 94  
GLN CG  HG2  sing N N 95  
GLN CG  HG3  sing N N 96  
GLN CD  OE1  doub N N 97  
GLN CD  NE2  sing N N 98  
GLN NE2 HE21 sing N N 99  
GLN NE2 HE22 sing N N 100 
GLN OXT HXT  sing N N 101 
GLU N   CA   sing N N 102 
GLU N   H    sing N N 103 
GLU N   H2   sing N N 104 
GLU CA  C    sing N N 105 
GLU CA  CB   sing N N 106 
GLU CA  HA   sing N N 107 
GLU C   O    doub N N 108 
GLU C   OXT  sing N N 109 
GLU CB  CG   sing N N 110 
GLU CB  HB2  sing N N 111 
GLU CB  HB3  sing N N 112 
GLU CG  CD   sing N N 113 
GLU CG  HG2  sing N N 114 
GLU CG  HG3  sing N N 115 
GLU CD  OE1  doub N N 116 
GLU CD  OE2  sing N N 117 
GLU OE2 HE2  sing N N 118 
GLU OXT HXT  sing N N 119 
GLY N   CA   sing N N 120 
GLY N   H    sing N N 121 
GLY N   H2   sing N N 122 
GLY CA  C    sing N N 123 
GLY CA  HA2  sing N N 124 
GLY CA  HA3  sing N N 125 
GLY C   O    doub N N 126 
GLY C   OXT  sing N N 127 
GLY OXT HXT  sing N N 128 
HIS N   CA   sing N N 129 
HIS N   H    sing N N 130 
HIS N   H2   sing N N 131 
HIS CA  C    sing N N 132 
HIS CA  CB   sing N N 133 
HIS CA  HA   sing N N 134 
HIS C   O    doub N N 135 
HIS C   OXT  sing N N 136 
HIS CB  CG   sing N N 137 
HIS CB  HB2  sing N N 138 
HIS CB  HB3  sing N N 139 
HIS CG  ND1  sing Y N 140 
HIS CG  CD2  doub Y N 141 
HIS ND1 CE1  doub Y N 142 
HIS ND1 HD1  sing N N 143 
HIS CD2 NE2  sing Y N 144 
HIS CD2 HD2  sing N N 145 
HIS CE1 NE2  sing Y N 146 
HIS CE1 HE1  sing N N 147 
HIS NE2 HE2  sing N N 148 
HIS OXT HXT  sing N N 149 
HOH O   H1   sing N N 150 
HOH O   H2   sing N N 151 
ILE N   CA   sing N N 152 
ILE N   H    sing N N 153 
ILE N   H2   sing N N 154 
ILE CA  C    sing N N 155 
ILE CA  CB   sing N N 156 
ILE CA  HA   sing N N 157 
ILE C   O    doub N N 158 
ILE C   OXT  sing N N 159 
ILE CB  CG1  sing N N 160 
ILE CB  CG2  sing N N 161 
ILE CB  HB   sing N N 162 
ILE CG1 CD1  sing N N 163 
ILE CG1 HG12 sing N N 164 
ILE CG1 HG13 sing N N 165 
ILE CG2 HG21 sing N N 166 
ILE CG2 HG22 sing N N 167 
ILE CG2 HG23 sing N N 168 
ILE CD1 HD11 sing N N 169 
ILE CD1 HD12 sing N N 170 
ILE CD1 HD13 sing N N 171 
ILE OXT HXT  sing N N 172 
LEU N   CA   sing N N 173 
LEU N   H    sing N N 174 
LEU N   H2   sing N N 175 
LEU CA  C    sing N N 176 
LEU CA  CB   sing N N 177 
LEU CA  HA   sing N N 178 
LEU C   O    doub N N 179 
LEU C   OXT  sing N N 180 
LEU CB  CG   sing N N 181 
LEU CB  HB2  sing N N 182 
LEU CB  HB3  sing N N 183 
LEU CG  CD1  sing N N 184 
LEU CG  CD2  sing N N 185 
LEU CG  HG   sing N N 186 
LEU CD1 HD11 sing N N 187 
LEU CD1 HD12 sing N N 188 
LEU CD1 HD13 sing N N 189 
LEU CD2 HD21 sing N N 190 
LEU CD2 HD22 sing N N 191 
LEU CD2 HD23 sing N N 192 
LEU OXT HXT  sing N N 193 
LYS N   CA   sing N N 194 
LYS N   H    sing N N 195 
LYS N   H2   sing N N 196 
LYS CA  C    sing N N 197 
LYS CA  CB   sing N N 198 
LYS CA  HA   sing N N 199 
LYS C   O    doub N N 200 
LYS C   OXT  sing N N 201 
LYS CB  CG   sing N N 202 
LYS CB  HB2  sing N N 203 
LYS CB  HB3  sing N N 204 
LYS CG  CD   sing N N 205 
LYS CG  HG2  sing N N 206 
LYS CG  HG3  sing N N 207 
LYS CD  CE   sing N N 208 
LYS CD  HD2  sing N N 209 
LYS CD  HD3  sing N N 210 
LYS CE  NZ   sing N N 211 
LYS CE  HE2  sing N N 212 
LYS CE  HE3  sing N N 213 
LYS NZ  HZ1  sing N N 214 
LYS NZ  HZ2  sing N N 215 
LYS NZ  HZ3  sing N N 216 
LYS OXT HXT  sing N N 217 
MET N   CA   sing N N 218 
MET N   H    sing N N 219 
MET N   H2   sing N N 220 
MET CA  C    sing N N 221 
MET CA  CB   sing N N 222 
MET CA  HA   sing N N 223 
MET C   O    doub N N 224 
MET C   OXT  sing N N 225 
MET CB  CG   sing N N 226 
MET CB  HB2  sing N N 227 
MET CB  HB3  sing N N 228 
MET CG  SD   sing N N 229 
MET CG  HG2  sing N N 230 
MET CG  HG3  sing N N 231 
MET SD  CE   sing N N 232 
MET CE  HE1  sing N N 233 
MET CE  HE2  sing N N 234 
MET CE  HE3  sing N N 235 
MET OXT HXT  sing N N 236 
PHE N   CA   sing N N 237 
PHE N   H    sing N N 238 
PHE N   H2   sing N N 239 
PHE CA  C    sing N N 240 
PHE CA  CB   sing N N 241 
PHE CA  HA   sing N N 242 
PHE C   O    doub N N 243 
PHE C   OXT  sing N N 244 
PHE CB  CG   sing N N 245 
PHE CB  HB2  sing N N 246 
PHE CB  HB3  sing N N 247 
PHE CG  CD1  doub Y N 248 
PHE CG  CD2  sing Y N 249 
PHE CD1 CE1  sing Y N 250 
PHE CD1 HD1  sing N N 251 
PHE CD2 CE2  doub Y N 252 
PHE CD2 HD2  sing N N 253 
PHE CE1 CZ   doub Y N 254 
PHE CE1 HE1  sing N N 255 
PHE CE2 CZ   sing Y N 256 
PHE CE2 HE2  sing N N 257 
PHE CZ  HZ   sing N N 258 
PHE OXT HXT  sing N N 259 
PRO N   CA   sing N N 260 
PRO N   CD   sing N N 261 
PRO N   H    sing N N 262 
PRO CA  C    sing N N 263 
PRO CA  CB   sing N N 264 
PRO CA  HA   sing N N 265 
PRO C   O    doub N N 266 
PRO C   OXT  sing N N 267 
PRO CB  CG   sing N N 268 
PRO CB  HB2  sing N N 269 
PRO CB  HB3  sing N N 270 
PRO CG  CD   sing N N 271 
PRO CG  HG2  sing N N 272 
PRO CG  HG3  sing N N 273 
PRO CD  HD2  sing N N 274 
PRO CD  HD3  sing N N 275 
PRO OXT HXT  sing N N 276 
SER N   CA   sing N N 277 
SER N   H    sing N N 278 
SER N   H2   sing N N 279 
SER CA  C    sing N N 280 
SER CA  CB   sing N N 281 
SER CA  HA   sing N N 282 
SER C   O    doub N N 283 
SER C   OXT  sing N N 284 
SER CB  OG   sing N N 285 
SER CB  HB2  sing N N 286 
SER CB  HB3  sing N N 287 
SER OG  HG   sing N N 288 
SER OXT HXT  sing N N 289 
THR N   CA   sing N N 290 
THR N   H    sing N N 291 
THR N   H2   sing N N 292 
THR CA  C    sing N N 293 
THR CA  CB   sing N N 294 
THR CA  HA   sing N N 295 
THR C   O    doub N N 296 
THR C   OXT  sing N N 297 
THR CB  OG1  sing N N 298 
THR CB  CG2  sing N N 299 
THR CB  HB   sing N N 300 
THR OG1 HG1  sing N N 301 
THR CG2 HG21 sing N N 302 
THR CG2 HG22 sing N N 303 
THR CG2 HG23 sing N N 304 
THR OXT HXT  sing N N 305 
TYR N   CA   sing N N 306 
TYR N   H    sing N N 307 
TYR N   H2   sing N N 308 
TYR CA  C    sing N N 309 
TYR CA  CB   sing N N 310 
TYR CA  HA   sing N N 311 
TYR C   O    doub N N 312 
TYR C   OXT  sing N N 313 
TYR CB  CG   sing N N 314 
TYR CB  HB2  sing N N 315 
TYR CB  HB3  sing N N 316 
TYR CG  CD1  doub Y N 317 
TYR CG  CD2  sing Y N 318 
TYR CD1 CE1  sing Y N 319 
TYR CD1 HD1  sing N N 320 
TYR CD2 CE2  doub Y N 321 
TYR CD2 HD2  sing N N 322 
TYR CE1 CZ   doub Y N 323 
TYR CE1 HE1  sing N N 324 
TYR CE2 CZ   sing Y N 325 
TYR CE2 HE2  sing N N 326 
TYR CZ  OH   sing N N 327 
TYR OH  HH   sing N N 328 
TYR OXT HXT  sing N N 329 
VAL N   CA   sing N N 330 
VAL N   H    sing N N 331 
VAL N   H2   sing N N 332 
VAL CA  C    sing N N 333 
VAL CA  CB   sing N N 334 
VAL CA  HA   sing N N 335 
VAL C   O    doub N N 336 
VAL C   OXT  sing N N 337 
VAL CB  CG1  sing N N 338 
VAL CB  CG2  sing N N 339 
VAL CB  HB   sing N N 340 
VAL CG1 HG11 sing N N 341 
VAL CG1 HG12 sing N N 342 
VAL CG1 HG13 sing N N 343 
VAL CG2 HG21 sing N N 344 
VAL CG2 HG22 sing N N 345 
VAL CG2 HG23 sing N N 346 
VAL OXT HXT  sing N N 347 
# 
_atom_sites.entry_id                    5XMZ 
_atom_sites.fract_transf_matrix[1][1]   0.00230686 
_atom_sites.fract_transf_matrix[1][2]   0.01707884 
_atom_sites.fract_transf_matrix[1][3]   -0.00049361 
_atom_sites.fract_transf_matrix[2][1]   -0.00588202 
_atom_sites.fract_transf_matrix[2][2]   0.00047339 
_atom_sites.fract_transf_matrix[2][3]   -0.01111009 
_atom_sites.fract_transf_matrix[3][1]   -0.01574012 
_atom_sites.fract_transf_matrix[3][2]   0.00236980 
_atom_sites.fract_transf_matrix[3][3]   0.00843427 
_atom_sites.fract_transf_vector[1]      -0.209372 
_atom_sites.fract_transf_vector[2]      0.275701 
_atom_sites.fract_transf_vector[3]      -0.159638 
# 
loop_
_atom_type.symbol 
C  
CA 
CL 
N  
O  
S  
# 
loop_
_atom_site.group_PDB 
_atom_site.id 
_atom_site.type_symbol 
_atom_site.label_atom_id 
_atom_site.label_alt_id 
_atom_site.label_comp_id 
_atom_site.label_asym_id 
_atom_site.label_entity_id 
_atom_site.label_seq_id 
_atom_site.pdbx_PDB_ins_code 
_atom_site.Cartn_x 
_atom_site.Cartn_y 
_atom_site.Cartn_z 
_atom_site.occupancy 
_atom_site.B_iso_or_equiv 
_atom_site.pdbx_formal_charge 
_atom_site.auth_seq_id 
_atom_site.auth_comp_id 
_atom_site.auth_asym_id 
_atom_site.auth_atom_id 
_atom_site.pdbx_PDB_model_num 
ATOM   1    N  N   . ASP A 1 31  ? -13.361 -12.970 -8.493  1.00 48.37 ? 31  ASP A N   1 
ATOM   2    C  CA  . ASP A 1 31  ? -11.903 -12.961 -8.505  1.00 49.88 ? 31  ASP A CA  1 
ATOM   3    C  C   . ASP A 1 31  ? -11.306 -13.419 -9.844  1.00 44.89 ? 31  ASP A C   1 
ATOM   4    O  O   . ASP A 1 31  ? -10.479 -12.711 -10.410 1.00 45.30 ? 31  ASP A O   1 
ATOM   5    C  CB  . ASP A 1 31  ? -11.329 -13.779 -7.337  1.00 49.92 ? 31  ASP A CB  1 
ATOM   6    C  CG  . ASP A 1 31  ? -9.879  -13.433 -7.031  1.00 52.77 ? 31  ASP A CG  1 
ATOM   7    O  OD1 . ASP A 1 31  ? -9.175  -12.902 -7.914  1.00 57.36 ? 31  ASP A OD1 1 
ATOM   8    O  OD2 . ASP A 1 31  ? -9.437  -13.693 -5.894  1.00 57.06 ? 31  ASP A OD2 1 
ATOM   9    N  N   . PRO A 1 32  ? -11.711 -14.599 -10.356 1.00 38.71 ? 32  PRO A N   1 
ATOM   10   C  CA  . PRO A 1 32  ? -11.014 -14.998 -11.586 1.00 36.67 ? 32  PRO A CA  1 
ATOM   11   C  C   . PRO A 1 32  ? -11.383 -14.159 -12.808 1.00 35.97 ? 32  PRO A C   1 
ATOM   12   O  O   . PRO A 1 32  ? -10.557 -14.066 -13.724 1.00 34.30 ? 32  PRO A O   1 
ATOM   13   C  CB  . PRO A 1 32  ? -11.441 -16.456 -11.779 1.00 37.27 ? 32  PRO A CB  1 
ATOM   14   C  CG  . PRO A 1 32  ? -12.738 -16.571 -11.073 1.00 38.80 ? 32  PRO A CG  1 
ATOM   15   C  CD  . PRO A 1 32  ? -12.651 -15.641 -9.896  1.00 37.79 ? 32  PRO A CD  1 
ATOM   16   N  N   . ASN A 1 33  ? -12.565 -13.539 -12.813 1.00 34.03 ? 33  ASN A N   1 
ATOM   17   C  CA  . ASN A 1 33  ? -13.072 -12.884 -14.030 1.00 31.45 ? 33  ASN A CA  1 
ATOM   18   C  C   . ASN A 1 33  ? -13.165 -11.363 -14.007 1.00 30.35 ? 33  ASN A C   1 
ATOM   19   O  O   . ASN A 1 33  ? -12.933 -10.706 -15.029 1.00 30.73 ? 33  ASN A O   1 
ATOM   20   C  CB  . ASN A 1 33  ? -14.440 -13.444 -14.420 1.00 30.49 ? 33  ASN A CB  1 
ATOM   21   C  CG  . ASN A 1 33  ? -14.477 -14.958 -14.393 1.00 32.05 ? 33  ASN A CG  1 
ATOM   22   O  OD1 . ASN A 1 33  ? -15.225 -15.552 -13.614 1.00 38.09 ? 33  ASN A OD1 1 
ATOM   23   N  ND2 . ASN A 1 33  ? -13.674 -15.593 -15.239 1.00 23.83 ? 33  ASN A ND2 1 
ATOM   24   N  N   . MET A 1 34  ? -13.535 -10.804 -12.859 1.00 30.47 ? 34  MET A N   1 
ATOM   25   C  CA  . MET A 1 34  ? -13.694 -9.356  -12.742 1.00 29.05 ? 34  MET A CA  1 
ATOM   26   C  C   . MET A 1 34  ? -12.792 -8.786  -11.648 1.00 27.46 ? 34  MET A C   1 
ATOM   27   O  O   . MET A 1 34  ? -13.069 -8.919  -10.458 1.00 24.93 ? 34  MET A O   1 
ATOM   28   C  CB  . MET A 1 34  ? -15.147 -8.991  -12.472 1.00 28.26 ? 34  MET A CB  1 
ATOM   29   C  CG  . MET A 1 34  ? -15.866 -8.468  -13.699 1.00 34.89 ? 34  MET A CG  1 
ATOM   30   S  SD  . MET A 1 34  ? -15.298 -6.825  -14.176 1.00 42.38 ? 34  MET A SD  1 
ATOM   31   C  CE  . MET A 1 34  ? -16.420 -5.749  -13.267 1.00 20.72 ? 34  MET A CE  1 
ATOM   32   N  N   . TYR A 1 35  ? -11.716 -8.137  -12.063 1.00 22.73 ? 35  TYR A N   1 
ATOM   33   C  CA  . TYR A 1 35  ? -10.700 -7.731  -11.111 1.00 22.05 ? 35  TYR A CA  1 
ATOM   34   C  C   . TYR A 1 35  ? -9.807  -6.667  -11.706 1.00 19.97 ? 35  TYR A C   1 
ATOM   35   O  O   . TYR A 1 35  ? -9.981  -6.278  -12.860 1.00 18.84 ? 35  TYR A O   1 
ATOM   36   C  CB  . TYR A 1 35  ? -9.885  -8.953  -10.685 1.00 21.77 ? 35  TYR A CB  1 
ATOM   37   C  CG  . TYR A 1 35  ? -9.075  -9.614  -11.786 1.00 24.08 ? 35  TYR A CG  1 
ATOM   38   C  CD1 . TYR A 1 35  ? -9.617  -10.636 -12.567 1.00 26.84 ? 35  TYR A CD1 1 
ATOM   39   C  CD2 . TYR A 1 35  ? -7.759  -9.234  -12.029 1.00 21.79 ? 35  TYR A CD2 1 
ATOM   40   C  CE1 . TYR A 1 35  ? -8.867  -11.249 -13.564 1.00 25.22 ? 35  TYR A CE1 1 
ATOM   41   C  CE2 . TYR A 1 35  ? -7.008  -9.836  -13.025 1.00 24.33 ? 35  TYR A CE2 1 
ATOM   42   C  CZ  . TYR A 1 35  ? -7.566  -10.844 -13.788 1.00 26.11 ? 35  TYR A CZ  1 
ATOM   43   O  OH  . TYR A 1 35  ? -6.811  -11.439 -14.772 1.00 25.97 ? 35  TYR A OH  1 
ATOM   44   N  N   . GLU A 1 36  ? -8.850  -6.191  -10.915 1.00 16.38 ? 36  GLU A N   1 
ATOM   45   C  CA  . GLU A 1 36  ? -7.917  -5.184  -11.396 1.00 16.54 ? 36  GLU A CA  1 
ATOM   46   C  C   . GLU A 1 36  ? -6.516  -5.488  -10.861 1.00 16.10 ? 36  GLU A C   1 
ATOM   47   O  O   . GLU A 1 36  ? -6.340  -5.714  -9.662  1.00 16.48 ? 36  GLU A O   1 
ATOM   48   C  CB  . GLU A 1 36  ? -8.366  -3.780  -10.969 1.00 14.62 ? 36  GLU A CB  1 
ATOM   49   C  CG  . GLU A 1 36  ? -7.468  -2.640  -11.478 1.00 12.76 ? 36  GLU A CG  1 
ATOM   50   C  CD  . GLU A 1 36  ? -7.903  -1.258  -10.986 1.00 14.88 ? 36  GLU A CD  1 
ATOM   51   O  OE1 . GLU A 1 36  ? -8.823  -1.169  -10.144 1.00 16.33 ? 36  GLU A OE1 1 
ATOM   52   O  OE2 . GLU A 1 36  ? -7.329  -0.246  -11.436 1.00 15.33 ? 36  GLU A OE2 1 
ATOM   53   N  N   . ASN A 1 37  ? -5.531  -5.506  -11.753 1.00 15.97 ? 37  ASN A N   1 
ATOM   54   C  CA  . ASN A 1 37  ? -4.142  -5.702  -11.340 1.00 16.68 ? 37  ASN A CA  1 
ATOM   55   C  C   . ASN A 1 37  ? -3.545  -4.364  -10.946 1.00 14.81 ? 37  ASN A C   1 
ATOM   56   O  O   . ASN A 1 37  ? -3.494  -3.439  -11.757 1.00 13.54 ? 37  ASN A O   1 
ATOM   57   C  CB  . ASN A 1 37  ? -3.309  -6.309  -12.466 1.00 16.20 ? 37  ASN A CB  1 
ATOM   58   C  CG  . ASN A 1 37  ? -3.707  -7.741  -12.796 1.00 20.83 ? 37  ASN A CG  1 
ATOM   59   O  OD1 . ASN A 1 37  ? -3.920  -8.562  -11.910 1.00 19.78 ? 37  ASN A OD1 1 
ATOM   60   N  ND2 . ASN A 1 37  ? -3.813  -8.040  -14.092 1.00 21.16 ? 37  ASN A ND2 1 
ATOM   61   N  N   . ILE A 1 38  ? -3.104  -4.253  -9.699  1.00 15.56 ? 38  ILE A N   1 
ATOM   62   C  CA  . ILE A 1 38  ? -2.455  -3.033  -9.249  1.00 14.45 ? 38  ILE A CA  1 
ATOM   63   C  C   . ILE A 1 38  ? -0.956  -3.246  -9.102  1.00 15.94 ? 38  ILE A C   1 
ATOM   64   O  O   . ILE A 1 38  ? -0.516  -4.082  -8.319  1.00 15.72 ? 38  ILE A O   1 
ATOM   65   C  CB  . ILE A 1 38  ? -2.981  -2.555  -7.891  1.00 14.82 ? 38  ILE A CB  1 
ATOM   66   C  CG1 . ILE A 1 38  ? -4.504  -2.429  -7.915  1.00 12.67 ? 38  ILE A CG1 1 
ATOM   67   C  CG2 . ILE A 1 38  ? -2.365  -1.206  -7.571  1.00 15.21 ? 38  ILE A CG2 1 
ATOM   68   C  CD1 . ILE A 1 38  ? -4.988  -1.282  -8.768  1.00 13.37 ? 38  ILE A CD1 1 
ATOM   69   N  N   . ASP A 1 39  ? -0.177  -2.479  -9.850  1.00 17.15 ? 39  ASP A N   1 
ATOM   70   C  CA  . ASP A 1 39  ? 1.271   -2.555  -9.726  1.00 18.61 ? 39  ASP A CA  1 
ATOM   71   C  C   . ASP A 1 39  ? 1.752   -1.559  -8.678  1.00 18.61 ? 39  ASP A C   1 
ATOM   72   O  O   . ASP A 1 39  ? 1.385   -0.394  -8.707  1.00 19.98 ? 39  ASP A O   1 
ATOM   73   C  CB  . ASP A 1 39  ? 1.924   -2.311  -11.084 1.00 20.70 ? 39  ASP A CB  1 
ATOM   74   C  CG  . ASP A 1 39  ? 1.513   -3.354  -12.114 1.00 28.15 ? 39  ASP A CG  1 
ATOM   75   O  OD1 . ASP A 1 39  ? 1.364   -4.543  -11.742 1.00 29.05 ? 39  ASP A OD1 1 
ATOM   76   O  OD2 . ASP A 1 39  ? 1.320   -2.993  -13.295 1.00 37.96 ? 39  ASP A OD2 1 
ATOM   77   N  N   . ILE A 1 40  ? 2.554   -2.034  -7.733  1.00 15.53 ? 40  ILE A N   1 
ATOM   78   C  CA  . ILE A 1 40  ? 3.082   -1.159  -6.694  1.00 17.26 ? 40  ILE A CA  1 
ATOM   79   C  C   . ILE A 1 40  ? 4.566   -1.024  -6.953  1.00 17.09 ? 40  ILE A C   1 
ATOM   80   O  O   . ILE A 1 40  ? 5.261   -2.024  -7.123  1.00 17.40 ? 40  ILE A O   1 
ATOM   81   C  CB  . ILE A 1 40  ? 2.847   -1.739  -5.291  1.00 19.28 ? 40  ILE A CB  1 
ATOM   82   C  CG1 . ILE A 1 40  ? 1.355   -2.005  -5.050  1.00 18.33 ? 40  ILE A CG1 1 
ATOM   83   C  CG2 . ILE A 1 40  ? 3.424   -0.807  -4.216  1.00 17.78 ? 40  ILE A CG2 1 
ATOM   84   C  CD1 . ILE A 1 40  ? 0.517   -0.744  -4.858  1.00 17.51 ? 40  ILE A CD1 1 
ATOM   85   N  N   . ALA A 1 41  ? 5.056   0.204   -7.007  1.00 14.58 ? 41  ALA A N   1 
ATOM   86   C  CA  . ALA A 1 41  ? 6.495   0.422   -7.163  1.00 17.97 ? 41  ALA A CA  1 
ATOM   87   C  C   . ALA A 1 41  ? 7.038   1.463   -6.188  1.00 17.39 ? 41  ALA A C   1 
ATOM   88   O  O   . ALA A 1 41  ? 6.312   2.336   -5.714  1.00 16.31 ? 41  ALA A O   1 
ATOM   89   C  CB  . ALA A 1 41  ? 6.824   0.812   -8.595  1.00 19.86 ? 41  ALA A CB  1 
ATOM   90   N  N   . ASP A 1 42  ? 8.328   1.356   -5.899  1.00 19.09 ? 42  ASP A N   1 
ATOM   91   C  CA  . ASP A 1 42  ? 9.024   2.330   -5.067  1.00 22.06 ? 42  ASP A CA  1 
ATOM   92   C  C   . ASP A 1 42  ? 8.395   2.481   -3.681  1.00 18.59 ? 42  ASP A C   1 
ATOM   93   O  O   . ASP A 1 42  ? 8.412   3.574   -3.126  1.00 19.92 ? 42  ASP A O   1 
ATOM   94   C  CB  . ASP A 1 42  ? 9.060   3.702   -5.759  1.00 19.95 ? 42  ASP A CB  1 
ATOM   95   C  CG  . ASP A 1 42  ? 9.649   3.649   -7.169  1.00 29.07 ? 42  ASP A CG  1 
ATOM   96   O  OD1 . ASP A 1 42  ? 10.612  2.888   -7.397  1.00 28.92 ? 42  ASP A OD1 1 
ATOM   97   O  OD2 . ASP A 1 42  ? 9.141   4.368   -8.058  1.00 33.69 ? 42  ASP A OD2 1 
ATOM   98   N  N   . PHE A 1 43  ? 7.827   1.401   -3.140  1.00 15.82 ? 43  PHE A N   1 
ATOM   99   C  CA  . PHE A 1 43  ? 7.204   1.421   -1.823  1.00 17.73 ? 43  PHE A CA  1 
ATOM   100  C  C   . PHE A 1 43  ? 8.285   1.694   -0.796  1.00 17.81 ? 43  PHE A C   1 
ATOM   101  O  O   . PHE A 1 43  ? 9.340   1.062   -0.805  1.00 17.52 ? 43  PHE A O   1 
ATOM   102  C  CB  . PHE A 1 43  ? 6.486   0.095   -1.521  1.00 17.80 ? 43  PHE A CB  1 
ATOM   103  C  CG  . PHE A 1 43  ? 5.898   -0.006  -0.113  1.00 17.65 ? 43  PHE A CG  1 
ATOM   104  C  CD1 . PHE A 1 43  ? 4.646   0.533   0.183   1.00 17.58 ? 43  PHE A CD1 1 
ATOM   105  C  CD2 . PHE A 1 43  ? 6.573   -0.699  0.884   1.00 20.26 ? 43  PHE A CD2 1 
ATOM   106  C  CE1 . PHE A 1 43  ? 4.090   0.408   1.467   1.00 18.14 ? 43  PHE A CE1 1 
ATOM   107  C  CE2 . PHE A 1 43  ? 6.031   -0.825  2.165   1.00 20.84 ? 43  PHE A CE2 1 
ATOM   108  C  CZ  . PHE A 1 43  ? 4.791   -0.271  2.456   1.00 19.31 ? 43  PHE A CZ  1 
ATOM   109  N  N   . ASN A 1 44  ? 8.011   2.653   0.074   1.00 17.71 ? 44  ASN A N   1 
ATOM   110  C  CA  . ASN A 1 44  ? 9.011   3.160   0.990   1.00 20.13 ? 44  ASN A CA  1 
ATOM   111  C  C   . ASN A 1 44  ? 8.356   3.531   2.316   1.00 20.93 ? 44  ASN A C   1 
ATOM   112  O  O   . ASN A 1 44  ? 7.324   4.190   2.328   1.00 18.85 ? 44  ASN A O   1 
ATOM   113  C  CB  . ASN A 1 44  ? 9.675   4.371   0.332   1.00 23.64 ? 44  ASN A CB  1 
ATOM   114  C  CG  . ASN A 1 44  ? 10.342  5.279   1.316   1.00 29.30 ? 44  ASN A CG  1 
ATOM   115  O  OD1 . ASN A 1 44  ? 11.421  4.974   1.823   1.00 36.10 ? 44  ASN A OD1 1 
ATOM   116  N  ND2 . ASN A 1 44  ? 9.724   6.423   1.577   1.00 30.71 ? 44  ASN A ND2 1 
ATOM   117  N  N   . VAL A 1 45  ? 8.936   3.075   3.423   1.00 18.82 ? 45  VAL A N   1 
ATOM   118  C  CA  . VAL A 1 45  ? 8.441   3.429   4.747   1.00 18.47 ? 45  VAL A CA  1 
ATOM   119  C  C   . VAL A 1 45  ? 9.596   3.868   5.637   1.00 18.92 ? 45  VAL A C   1 
ATOM   120  O  O   . VAL A 1 45  ? 10.638  3.205   5.695   1.00 18.57 ? 45  VAL A O   1 
ATOM   121  C  CB  . VAL A 1 45  ? 7.689   2.256   5.397   1.00 22.49 ? 45  VAL A CB  1 
ATOM   122  C  CG1 . VAL A 1 45  ? 8.445   0.977   5.158   1.00 29.93 ? 45  VAL A CG1 1 
ATOM   123  C  CG2 . VAL A 1 45  ? 7.467   2.493   6.887   1.00 19.10 ? 45  VAL A CG2 1 
ATOM   124  N  N   . ARG A 1 46  ? 9.415   5.016   6.283   1.00 16.98 ? 46  ARG A N   1 
ATOM   125  C  CA  . ARG A 1 46  ? 10.348  5.507   7.280   1.00 14.20 ? 46  ARG A CA  1 
ATOM   126  C  C   . ARG A 1 46  ? 9.772   5.152   8.641   1.00 17.21 ? 46  ARG A C   1 
ATOM   127  O  O   . ARG A 1 46  ? 8.629   5.529   8.943   1.00 17.41 ? 46  ARG A O   1 
ATOM   128  C  CB  . ARG A 1 46  ? 10.522  7.025   7.162   1.00 15.08 ? 46  ARG A CB  1 
ATOM   129  C  CG  . ARG A 1 46  ? 11.420  7.614   8.246   1.00 15.00 ? 46  ARG A CG  1 
ATOM   130  C  CD  . ARG A 1 46  ? 11.647  9.096   8.050   1.00 13.87 ? 46  ARG A CD  1 
ATOM   131  N  NE  . ARG A 1 46  ? 12.287  9.372   6.771   1.00 15.66 ? 46  ARG A NE  1 
ATOM   132  C  CZ  . ARG A 1 46  ? 13.603  9.417   6.587   1.00 16.28 ? 46  ARG A CZ  1 
ATOM   133  N  NH1 . ARG A 1 46  ? 14.438  9.221   7.608   1.00 14.55 ? 46  ARG A NH1 1 
ATOM   134  N  NH2 . ARG A 1 46  ? 14.081  9.673   5.380   1.00 14.83 ? 46  ARG A NH2 1 
ATOM   135  N  N   . LYS A 1 47  ? 10.536  4.397   9.430   1.00 16.49 ? 47  LYS A N   1 
ATOM   136  C  CA  . LYS A 1 47  ? 10.146  4.031   10.797  1.00 17.40 ? 47  LYS A CA  1 
ATOM   137  C  C   . LYS A 1 47  ? 11.091  4.709   11.786  1.00 20.08 ? 47  LYS A C   1 
ATOM   138  O  O   . LYS A 1 47  ? 12.300  4.763   11.550  1.00 18.68 ? 47  LYS A O   1 
ATOM   139  C  CB  . LYS A 1 47  ? 10.266  2.524   11.026  1.00 19.37 ? 47  LYS A CB  1 
ATOM   140  C  CG  . LYS A 1 47  ? 9.319   1.634   10.264  1.00 24.52 ? 47  LYS A CG  1 
ATOM   141  C  CD  . LYS A 1 47  ? 9.413   0.195   10.782  1.00 26.41 ? 47  LYS A CD  1 
ATOM   142  C  CE  . LYS A 1 47  ? 10.861  -0.297  10.799  1.00 26.54 ? 47  LYS A CE  1 
ATOM   143  N  NZ  . LYS A 1 47  ? 10.994  -1.697  11.315  1.00 26.82 ? 47  LYS A NZ  1 
ATOM   144  N  N   . GLY A 1 48  ? 10.553  5.215   12.892  1.00 16.37 ? 48  GLY A N   1 
ATOM   145  C  CA  . GLY A 1 48  ? 11.406  5.729   13.945  1.00 16.28 ? 48  GLY A CA  1 
ATOM   146  C  C   . GLY A 1 48  ? 12.104  4.598   14.688  1.00 20.65 ? 48  GLY A C   1 
ATOM   147  O  O   . GLY A 1 48  ? 11.764  3.419   14.535  1.00 21.05 ? 48  GLY A O   1 
ATOM   148  N  N   . GLU A 1 49  ? 13.089  4.956   15.499  1.00 20.56 ? 49  GLU A N   1 
ATOM   149  C  CA  . GLU A 1 49  ? 13.783  3.997   16.352  1.00 23.18 ? 49  GLU A CA  1 
ATOM   150  C  C   . GLU A 1 49  ? 12.745  3.274   17.204  1.00 26.12 ? 49  GLU A C   1 
ATOM   151  O  O   . GLU A 1 49  ? 12.883  2.089   17.523  1.00 28.62 ? 49  GLU A O   1 
ATOM   152  C  CB  . GLU A 1 49  ? 14.763  4.757   17.231  1.00 20.86 ? 49  GLU A CB  1 
ATOM   153  C  CG  . GLU A 1 49  ? 15.403  3.945   18.305  1.00 25.90 ? 49  GLU A CG  1 
ATOM   154  C  CD  . GLU A 1 49  ? 16.275  4.802   19.173  1.00 27.00 ? 49  GLU A CD  1 
ATOM   155  O  OE1 . GLU A 1 49  ? 15.817  5.891   19.574  1.00 35.52 ? 49  GLU A OE1 1 
ATOM   156  O  OE2 . GLU A 1 49  ? 17.423  4.410   19.433  1.00 26.45 ? 49  GLU A OE2 1 
ATOM   157  N  N   . ASP A 1 50  ? 11.709  4.041   17.534  1.00 29.88 ? 50  ASP A N   1 
ATOM   158  C  CA  . ASP A 1 50  ? 10.443  3.638   18.139  1.00 32.48 ? 50  ASP A CA  1 
ATOM   159  C  C   . ASP A 1 50  ? 9.705   2.465   17.520  1.00 33.90 ? 50  ASP A C   1 
ATOM   160  O  O   . ASP A 1 50  ? 8.930   1.786   18.197  1.00 33.77 ? 50  ASP A O   1 
ATOM   161  C  CB  . ASP A 1 50  ? 9.482   4.817   17.976  1.00 32.86 ? 50  ASP A CB  1 
ATOM   162  C  CG  . ASP A 1 50  ? 9.327   5.600   19.230  1.00 36.20 ? 50  ASP A CG  1 
ATOM   163  O  OD1 . ASP A 1 50  ? 10.023  5.261   20.211  1.00 42.88 ? 50  ASP A OD1 1 
ATOM   164  O  OD2 . ASP A 1 50  ? 8.525   6.558   19.233  1.00 36.53 ? 50  ASP A OD2 1 
ATOM   165  N  N   . GLY A 1 51  ? 9.876   2.283   16.218  1.00 26.17 ? 51  GLY A N   1 
ATOM   166  C  CA  . GLY A 1 51  ? 8.955   1.462   15.453  1.00 23.74 ? 51  GLY A CA  1 
ATOM   167  C  C   . GLY A 1 51  ? 7.736   2.237   14.964  1.00 22.80 ? 51  GLY A C   1 
ATOM   168  O  O   . GLY A 1 51  ? 6.918   1.699   14.229  1.00 23.46 ? 51  GLY A O   1 
ATOM   169  N  N   . THR A 1 52  ? 7.597   3.498   15.362  1.00 22.41 ? 52  THR A N   1 
ATOM   170  C  CA  . THR A 1 52  ? 6.475   4.298   14.876  1.00 23.17 ? 52  THR A CA  1 
ATOM   171  C  C   . THR A 1 52  ? 6.680   4.609   13.404  1.00 18.82 ? 52  THR A C   1 
ATOM   172  O  O   . THR A 1 52  ? 7.809   4.845   12.975  1.00 21.12 ? 52  THR A O   1 
ATOM   173  C  CB  . THR A 1 52  ? 6.356   5.624   15.636  1.00 26.12 ? 52  THR A CB  1 
ATOM   174  O  OG1 . THR A 1 52  ? 7.590   6.340   15.523  1.00 28.63 ? 52  THR A OG1 1 
ATOM   175  C  CG2 . THR A 1 52  ? 6.046   5.368   17.105  1.00 26.18 ? 52  THR A CG2 1 
ATOM   176  N  N   . ILE A 1 53  ? 5.604   4.613   12.626  1.00 18.36 ? 53  ILE A N   1 
ATOM   177  C  CA  . ILE A 1 53  ? 5.719   4.945   11.210  1.00 19.40 ? 53  ILE A CA  1 
ATOM   178  C  C   . ILE A 1 53  ? 5.694   6.455   10.995  1.00 19.51 ? 53  ILE A C   1 
ATOM   179  O  O   . ILE A 1 53  ? 4.666   7.107   11.179  1.00 16.53 ? 53  ILE A O   1 
ATOM   180  C  CB  . ILE A 1 53  ? 4.596   4.316   10.368  1.00 19.86 ? 53  ILE A CB  1 
ATOM   181  C  CG1 . ILE A 1 53  ? 4.447   2.827   10.705  1.00 21.57 ? 53  ILE A CG1 1 
ATOM   182  C  CG2 . ILE A 1 53  ? 4.856   4.558   8.869   1.00 17.91 ? 53  ILE A CG2 1 
ATOM   183  C  CD1 . ILE A 1 53  ? 5.751   2.048   10.631  1.00 21.47 ? 53  ILE A CD1 1 
ATOM   184  N  N   . LYS A 1 54  ? 6.827   7.012   10.586  1.00 17.07 ? 54  LYS A N   1 
ATOM   185  C  CA  . LYS A 1 54  ? 6.884   8.437   10.278  1.00 14.67 ? 54  LYS A CA  1 
ATOM   186  C  C   . LYS A 1 54  ? 6.262   8.770   8.931   1.00 15.16 ? 54  LYS A C   1 
ATOM   187  O  O   . LYS A 1 54  ? 5.608   9.802   8.774   1.00 15.52 ? 54  LYS A O   1 
ATOM   188  C  CB  . LYS A 1 54  ? 8.336   8.919   10.317  1.00 14.43 ? 54  LYS A CB  1 
ATOM   189  C  CG  . LYS A 1 54  ? 8.877   9.059   11.734  1.00 15.68 ? 54  LYS A CG  1 
ATOM   190  C  CD  . LYS A 1 54  ? 10.391  9.329   11.725  1.00 13.84 ? 54  LYS A CD  1 
ATOM   191  C  CE  . LYS A 1 54  ? 10.848  9.852   13.088  1.00 13.88 ? 54  LYS A CE  1 
ATOM   192  N  NZ  . LYS A 1 54  ? 12.298  10.201  13.057  1.00 12.79 ? 54  LYS A NZ  1 
ATOM   193  N  N   . TYR A 1 55  ? 6.479   7.913   7.934   1.00 17.97 ? 55  TYR A N   1 
ATOM   194  C  CA  . TYR A 1 55  ? 6.064   8.236   6.579   1.00 14.84 ? 55  TYR A CA  1 
ATOM   195  C  C   . TYR A 1 55  ? 5.968   6.970   5.744   1.00 16.25 ? 55  TYR A C   1 
ATOM   196  O  O   . TYR A 1 55  ? 6.748   6.034   5.932   1.00 14.38 ? 55  TYR A O   1 
ATOM   197  C  CB  . TYR A 1 55  ? 7.060   9.221   5.939   1.00 17.53 ? 55  TYR A CB  1 
ATOM   198  C  CG  . TYR A 1 55  ? 6.733   9.648   4.517   1.00 17.74 ? 55  TYR A CG  1 
ATOM   199  C  CD1 . TYR A 1 55  ? 7.560   9.288   3.450   1.00 19.22 ? 55  TYR A CD1 1 
ATOM   200  C  CD2 . TYR A 1 55  ? 5.610   10.419  4.242   1.00 17.69 ? 55  TYR A CD2 1 
ATOM   201  C  CE1 . TYR A 1 55  ? 7.278   9.701   2.148   1.00 16.69 ? 55  TYR A CE1 1 
ATOM   202  C  CE2 . TYR A 1 55  ? 5.308   10.822  2.943   1.00 18.78 ? 55  TYR A CE2 1 
ATOM   203  C  CZ  . TYR A 1 55  ? 6.143   10.454  1.894   1.00 18.89 ? 55  TYR A CZ  1 
ATOM   204  O  OH  . TYR A 1 55  ? 5.836   10.855  0.597   1.00 18.10 ? 55  TYR A OH  1 
ATOM   205  N  N   . VAL A 1 56  ? 4.994   6.940   4.838   1.00 16.98 ? 56  VAL A N   1 
ATOM   206  C  CA  . VAL A 1 56  ? 4.876   5.840   3.883   1.00 17.08 ? 56  VAL A CA  1 
ATOM   207  C  C   . VAL A 1 56  ? 4.600   6.425   2.511   1.00 16.87 ? 56  VAL A C   1 
ATOM   208  O  O   . VAL A 1 56  ? 3.905   7.429   2.383   1.00 15.57 ? 56  VAL A O   1 
ATOM   209  C  CB  . VAL A 1 56  ? 3.768   4.831   4.270   1.00 18.26 ? 56  VAL A CB  1 
ATOM   210  C  CG1 . VAL A 1 56  ? 2.427   5.527   4.433   1.00 17.47 ? 56  VAL A CG1 1 
ATOM   211  C  CG2 . VAL A 1 56  ? 3.670   3.699   3.229   1.00 16.96 ? 56  VAL A CG2 1 
ATOM   212  N  N   . ASN A 1 57  ? 5.148   5.801   1.482   1.00 15.59 ? 57  ASN A N   1 
ATOM   213  C  CA  . ASN A 1 57  ? 5.122   6.395   0.171   1.00 16.82 ? 57  ASN A CA  1 
ATOM   214  C  C   . ASN A 1 57  ? 5.181   5.269   -0.857  1.00 16.79 ? 57  ASN A C   1 
ATOM   215  O  O   . ASN A 1 57  ? 5.942   4.325   -0.681  1.00 17.93 ? 57  ASN A O   1 
ATOM   216  C  CB  . ASN A 1 57  ? 6.353   7.313   0.128   1.00 23.31 ? 57  ASN A CB  1 
ATOM   217  C  CG  . ASN A 1 57  ? 6.746   7.749   -1.254  1.00 21.89 ? 57  ASN A CG  1 
ATOM   218  O  OD1 . ASN A 1 57  ? 7.025   6.932   -2.123  1.00 22.07 ? 57  ASN A OD1 1 
ATOM   219  N  ND2 . ASN A 1 57  ? 6.831   9.058   -1.448  1.00 20.11 ? 57  ASN A ND2 1 
ATOM   220  N  N   . PHE A 1 58  ? 4.380   5.353   -1.919  1.00 13.57 ? 58  PHE A N   1 
ATOM   221  C  CA  . PHE A 1 58  ? 4.541   4.431   -3.052  1.00 14.92 ? 58  PHE A CA  1 
ATOM   222  C  C   . PHE A 1 58  ? 3.846   4.957   -4.289  1.00 15.17 ? 58  PHE A C   1 
ATOM   223  O  O   . PHE A 1 58  ? 3.046   5.898   -4.225  1.00 14.71 ? 58  PHE A O   1 
ATOM   224  C  CB  . PHE A 1 58  ? 4.051   2.998   -2.734  1.00 14.92 ? 58  PHE A CB  1 
ATOM   225  C  CG  . PHE A 1 58  ? 2.573   2.896   -2.411  1.00 14.60 ? 58  PHE A CG  1 
ATOM   226  C  CD1 . PHE A 1 58  ? 2.132   3.059   -1.110  1.00 13.80 ? 58  PHE A CD1 1 
ATOM   227  C  CD2 . PHE A 1 58  ? 1.634   2.592   -3.401  1.00 14.64 ? 58  PHE A CD2 1 
ATOM   228  C  CE1 . PHE A 1 58  ? 0.776   2.957   -0.796  1.00 15.22 ? 58  PHE A CE1 1 
ATOM   229  C  CE2 . PHE A 1 58  ? 0.259   2.488   -3.083  1.00 13.26 ? 58  PHE A CE2 1 
ATOM   230  C  CZ  . PHE A 1 58  ? -0.150  2.663   -1.773  1.00 14.50 ? 58  PHE A CZ  1 
ATOM   231  N  N   . LYS A 1 59  ? 4.153   4.334   -5.418  1.00 15.53 ? 59  LYS A N   1 
ATOM   232  C  CA  . LYS A 1 59  ? 3.536   4.702   -6.678  1.00 16.83 ? 59  LYS A CA  1 
ATOM   233  C  C   . LYS A 1 59  ? 2.664   3.560   -7.174  1.00 17.11 ? 59  LYS A C   1 
ATOM   234  O  O   . LYS A 1 59  ? 3.099   2.409   -7.234  1.00 19.26 ? 59  LYS A O   1 
ATOM   235  C  CB  . LYS A 1 59  ? 4.605   5.047   -7.709  1.00 21.55 ? 59  LYS A CB  1 
ATOM   236  C  CG  . LYS A 1 59  ? 5.301   6.381   -7.430  1.00 22.66 ? 59  LYS A CG  1 
ATOM   237  C  CD  . LYS A 1 59  ? 6.488   6.572   -8.375  1.00 33.20 ? 59  LYS A CD  1 
ATOM   238  C  CE  . LYS A 1 59  ? 7.166   7.928   -8.187  1.00 37.50 ? 59  LYS A CE  1 
ATOM   239  N  NZ  . LYS A 1 59  ? 6.507   9.006   -8.988  1.00 32.54 ? 59  LYS A NZ  1 
ATOM   240  N  N   . LEU A 1 60  ? 1.439   3.906   -7.551  1.00 17.39 ? 60  LEU A N   1 
ATOM   241  C  CA  . LEU A 1 60  ? 0.417   2.935   -7.898  1.00 16.76 ? 60  LEU A CA  1 
ATOM   242  C  C   . LEU A 1 60  ? 0.077   3.047   -9.375  1.00 18.56 ? 60  LEU A C   1 
ATOM   243  O  O   . LEU A 1 60  ? -0.126  4.142   -9.883  1.00 18.53 ? 60  LEU A O   1 
ATOM   244  C  CB  . LEU A 1 60  ? -0.840  3.221   -7.065  1.00 18.36 ? 60  LEU A CB  1 
ATOM   245  C  CG  . LEU A 1 60  ? -2.099  2.355   -7.212  1.00 17.02 ? 60  LEU A CG  1 
ATOM   246  C  CD1 . LEU A 1 60  ? -2.939  2.480   -5.952  1.00 18.73 ? 60  LEU A CD1 1 
ATOM   247  C  CD2 . LEU A 1 60  ? -2.950  2.719   -8.410  1.00 18.21 ? 60  LEU A CD2 1 
ATOM   248  N  N   . SER A 1 61  ? 0.007   1.904   -10.049 1.00 17.06 ? 61  SER A N   1 
ATOM   249  C  CA  . SER A 1 61  ? -0.480  1.846   -11.421 1.00 18.96 ? 61  SER A CA  1 
ATOM   250  C  C   . SER A 1 61  ? -1.614  0.838   -11.501 1.00 18.94 ? 61  SER A C   1 
ATOM   251  O  O   . SER A 1 61  ? -1.556  -0.230  -10.891 1.00 17.92 ? 61  SER A O   1 
ATOM   252  C  CB  . SER A 1 61  ? 0.636   1.466   -12.391 1.00 22.22 ? 61  SER A CB  1 
ATOM   253  O  OG  . SER A 1 61  ? 1.687   2.415   -12.339 1.00 19.03 ? 61  SER A OG  1 
ATOM   254  N  N   . GLY A 1 62  ? -2.659  1.193   -12.235 1.00 16.34 ? 62  GLY A N   1 
ATOM   255  C  CA  . GLY A 1 62  ? -3.826  0.334   -12.325 1.00 17.70 ? 62  GLY A CA  1 
ATOM   256  C  C   . GLY A 1 62  ? -4.554  0.646   -13.613 1.00 18.08 ? 62  GLY A C   1 
ATOM   257  O  O   . GLY A 1 62  ? -3.973  1.249   -14.527 1.00 16.60 ? 62  GLY A O   1 
ATOM   258  N  N   . ASP A 1 63  ? -5.823  0.263   -13.688 1.00 16.78 ? 63  ASP A N   1 
ATOM   259  C  CA  . ASP A 1 63  ? -6.601  0.524   -14.911 1.00 19.15 ? 63  ASP A CA  1 
ATOM   260  C  C   . ASP A 1 63  ? -6.803  2.024   -15.167 1.00 19.99 ? 63  ASP A C   1 
ATOM   261  O  O   . ASP A 1 63  ? -6.988  2.449   -16.307 1.00 22.08 ? 63  ASP A O   1 
ATOM   262  C  CB  . ASP A 1 63  ? -7.961  -0.168  -14.849 1.00 19.01 ? 63  ASP A CB  1 
ATOM   263  C  CG  . ASP A 1 63  ? -7.874  -1.666  -15.039 1.00 19.77 ? 63  ASP A CG  1 
ATOM   264  O  OD1 . ASP A 1 63  ? -6.758  -2.193  -15.211 1.00 16.87 ? 63  ASP A OD1 1 
ATOM   265  O  OD2 . ASP A 1 63  ? -8.937  -2.325  -14.998 1.00 21.97 ? 63  ASP A OD2 1 
ATOM   266  N  N   . ASP A 1 64  ? -6.776  2.825   -14.108 1.00 16.87 ? 64  ASP A N   1 
ATOM   267  C  CA  . ASP A 1 64  ? -7.049  4.256   -14.227 1.00 19.80 ? 64  ASP A CA  1 
ATOM   268  C  C   . ASP A 1 64  ? -5.967  5.072   -13.533 1.00 21.65 ? 64  ASP A C   1 
ATOM   269  O  O   . ASP A 1 64  ? -6.228  6.169   -13.046 1.00 20.94 ? 64  ASP A O   1 
ATOM   270  C  CB  . ASP A 1 64  ? -8.420  4.598   -13.616 1.00 19.74 ? 64  ASP A CB  1 
ATOM   271  C  CG  . ASP A 1 64  ? -8.999  5.909   -14.151 1.00 24.96 ? 64  ASP A CG  1 
ATOM   272  O  OD1 . ASP A 1 64  ? -8.679  6.283   -15.298 1.00 23.91 ? 64  ASP A OD1 1 
ATOM   273  O  OD2 . ASP A 1 64  ? -9.771  6.573   -13.422 1.00 26.57 ? 64  ASP A OD2 1 
ATOM   274  N  N   . ALA A 1 65  ? -4.755  4.535   -13.487 1.00 19.54 ? 65  ALA A N   1 
ATOM   275  C  CA  . ALA A 1 65  ? -3.649  5.239   -12.856 1.00 20.97 ? 65  ALA A CA  1 
ATOM   276  C  C   . ALA A 1 65  ? -2.322  4.766   -13.420 1.00 19.69 ? 65  ALA A C   1 
ATOM   277  O  O   . ALA A 1 65  ? -2.146  3.593   -13.730 1.00 19.13 ? 65  ALA A O   1 
ATOM   278  C  CB  . ALA A 1 65  ? -3.686  5.038   -11.336 1.00 22.01 ? 65  ALA A CB  1 
ATOM   279  N  N   . ASP A 1 66  ? -1.386  5.692   -13.558 1.00 18.53 ? 66  ASP A N   1 
ATOM   280  C  CA  . ASP A 1 66  ? -0.041  5.328   -13.974 1.00 21.70 ? 66  ASP A CA  1 
ATOM   281  C  C   . ASP A 1 66  ? 0.954   6.111   -13.121 1.00 20.63 ? 66  ASP A C   1 
ATOM   282  O  O   . ASP A 1 66  ? 1.107   7.316   -13.300 1.00 20.11 ? 66  ASP A O   1 
ATOM   283  C  CB  . ASP A 1 66  ? 0.151   5.620   -15.469 1.00 23.33 ? 66  ASP A CB  1 
ATOM   284  C  CG  . ASP A 1 66  ? 1.519   5.189   -15.986 1.00 30.14 ? 66  ASP A CG  1 
ATOM   285  O  OD1 . ASP A 1 66  ? 2.258   4.488   -15.258 1.00 30.96 ? 66  ASP A OD1 1 
ATOM   286  O  OD2 . ASP A 1 66  ? 1.847   5.537   -17.140 1.00 37.42 ? 66  ASP A OD2 1 
ATOM   287  N  N   . GLY A 1 67  ? 1.600   5.426   -12.179 1.00 19.62 ? 67  GLY A N   1 
ATOM   288  C  CA  . GLY A 1 67  ? 2.553   6.068   -11.285 1.00 19.42 ? 67  GLY A CA  1 
ATOM   289  C  C   . GLY A 1 67  ? 1.902   7.132   -10.424 1.00 21.72 ? 67  GLY A C   1 
ATOM   290  O  O   . GLY A 1 67  ? 2.399   8.251   -10.295 1.00 21.72 ? 67  GLY A O   1 
ATOM   291  N  N   . LEU A 1 68  ? 0.762   6.783   -9.843  1.00 17.23 ? 68  LEU A N   1 
ATOM   292  C  CA  . LEU A 1 68  ? 0.026   7.680   -8.973  1.00 18.64 ? 68  LEU A CA  1 
ATOM   293  C  C   . LEU A 1 68  ? 0.641   7.666   -7.587  1.00 15.61 ? 68  LEU A C   1 
ATOM   294  O  O   . LEU A 1 68  ? 0.898   6.601   -7.030  1.00 16.31 ? 68  LEU A O   1 
ATOM   295  C  CB  . LEU A 1 68  ? -1.430  7.207   -8.889  1.00 16.46 ? 68  LEU A CB  1 
ATOM   296  C  CG  . LEU A 1 68  ? -2.358  7.853   -7.859  1.00 18.99 ? 68  LEU A CG  1 
ATOM   297  C  CD1 . LEU A 1 68  ? -2.602  9.328   -8.199  1.00 20.42 ? 68  LEU A CD1 1 
ATOM   298  C  CD2 . LEU A 1 68  ? -3.696  7.076   -7.813  1.00 16.07 ? 68  LEU A CD2 1 
ATOM   299  N  N   . LEU A 1 69  ? 0.878   8.836   -7.008  1.00 18.85 ? 69  LEU A N   1 
ATOM   300  C  CA  . LEU A 1 69  ? 1.470   8.870   -5.678  1.00 17.80 ? 69  LEU A CA  1 
ATOM   301  C  C   . LEU A 1 69  ? 0.450   8.599   -4.572  1.00 19.76 ? 69  LEU A C   1 
ATOM   302  O  O   . LEU A 1 69  ? -0.610  9.225   -4.515  1.00 19.26 ? 69  LEU A O   1 
ATOM   303  C  CB  . LEU A 1 69  ? 2.157   10.204  -5.392  1.00 17.36 ? 69  LEU A CB  1 
ATOM   304  C  CG  . LEU A 1 69  ? 2.721   10.249  -3.966  1.00 20.99 ? 69  LEU A CG  1 
ATOM   305  C  CD1 . LEU A 1 69  ? 3.852   9.243   -3.757  1.00 18.32 ? 69  LEU A CD1 1 
ATOM   306  C  CD2 . LEU A 1 69  ? 3.174   11.650  -3.597  1.00 23.13 ? 69  LEU A CD2 1 
ATOM   307  N  N   . CYS A 1 70  ? 0.791   7.654   -3.706  1.00 15.07 ? 70  CYS A N   1 
ATOM   308  C  CA  . CYS A 1 70  ? 0.050   7.397   -2.485  1.00 15.95 ? 70  CYS A CA  1 
ATOM   309  C  C   . CYS A 1 70  ? 1.002   7.657   -1.334  1.00 17.49 ? 70  CYS A C   1 
ATOM   310  O  O   . CYS A 1 70  ? 2.096   7.066   -1.275  1.00 16.32 ? 70  CYS A O   1 
ATOM   311  C  CB  . CYS A 1 70  ? -0.404  5.946   -2.427  1.00 14.72 ? 70  CYS A CB  1 
ATOM   312  S  SG  . CYS A 1 70  ? -1.480  5.427   -3.795  1.00 16.92 ? 70  CYS A SG  1 
ATOM   313  N  N   . GLU A 1 71  ? 0.609   8.524   -0.408  1.00 15.24 ? 71  GLU A N   1 
ATOM   314  C  CA  . GLU A 1 71  ? 1.518   8.863   0.682   1.00 16.06 ? 71  GLU A CA  1 
ATOM   315  C  C   . GLU A 1 71  ? 0.802   9.260   1.973   1.00 18.03 ? 71  GLU A C   1 
ATOM   316  O  O   . GLU A 1 71  ? -0.361  9.681   1.952   1.00 14.71 ? 71  GLU A O   1 
ATOM   317  C  CB  . GLU A 1 71  ? 2.441   10.012  0.246   1.00 19.12 ? 71  GLU A CB  1 
ATOM   318  C  CG  . GLU A 1 71  ? 1.695   11.327  0.100   1.00 20.30 ? 71  GLU A CG  1 
ATOM   319  C  CD  . GLU A 1 71  ? 2.595   12.529  -0.145  1.00 22.51 ? 71  GLU A CD  1 
ATOM   320  O  OE1 . GLU A 1 71  ? 3.799   12.486  0.207   1.00 20.22 ? 71  GLU A OE1 1 
ATOM   321  O  OE2 . GLU A 1 71  ? 2.078   13.524  -0.688  1.00 22.05 ? 71  GLU A OE2 1 
ATOM   322  N  N   . ALA A 1 72  ? 1.515   9.154   3.085   1.00 18.16 ? 72  ALA A N   1 
ATOM   323  C  CA  . ALA A 1 72  ? 0.989   9.568   4.384   1.00 19.57 ? 72  ALA A CA  1 
ATOM   324  C  C   . ALA A 1 72  ? 2.085   9.784   5.405   1.00 18.80 ? 72  ALA A C   1 
ATOM   325  O  O   . ALA A 1 72  ? 2.965   8.938   5.587   1.00 16.84 ? 72  ALA A O   1 
ATOM   326  C  CB  . ALA A 1 72  ? -0.004  8.543   4.918   1.00 16.44 ? 72  ALA A CB  1 
ATOM   327  N  N   . GLN A 1 73  ? 2.001   10.902  6.116   1.00 20.88 ? 73  GLN A N   1 
ATOM   328  C  CA  . GLN A 1 73  ? 2.854   11.108  7.273   1.00 18.84 ? 73  GLN A CA  1 
ATOM   329  C  C   . GLN A 1 73  ? 2.116   10.633  8.524   1.00 19.73 ? 73  GLN A C   1 
ATOM   330  O  O   . GLN A 1 73  ? 0.900   10.829  8.648   1.00 19.85 ? 73  GLN A O   1 
ATOM   331  C  CB  . GLN A 1 73  ? 3.232   12.585  7.406   1.00 21.99 ? 73  GLN A CB  1 
ATOM   332  C  CG  . GLN A 1 73  ? 3.858   13.197  6.161   1.00 23.80 ? 73  GLN A CG  1 
ATOM   333  C  CD  . GLN A 1 73  ? 4.264   14.640  6.365   1.00 30.12 ? 73  GLN A CD  1 
ATOM   334  O  OE1 . GLN A 1 73  ? 3.490   15.448  6.878   1.00 30.80 ? 73  GLN A OE1 1 
ATOM   335  N  NE2 . GLN A 1 73  ? 5.491   14.969  5.978   1.00 31.07 ? 73  GLN A NE2 1 
ATOM   336  N  N   . ASN A 1 74  ? 2.850   10.012  9.444   1.00 19.12 ? 74  ASN A N   1 
ATOM   337  C  CA  . ASN A 1 74  ? 2.267   9.453   10.676  1.00 19.02 ? 74  ASN A CA  1 
ATOM   338  C  C   . ASN A 1 74  ? 0.960   8.666   10.501  1.00 22.24 ? 74  ASN A C   1 
ATOM   339  O  O   . ASN A 1 74  ? -0.017  8.924   11.201  1.00 21.75 ? 74  ASN A O   1 
ATOM   340  C  CB  . ASN A 1 74  ? 2.048   10.566  11.694  1.00 21.27 ? 74  ASN A CB  1 
ATOM   341  C  CG  . ASN A 1 74  ? 3.324   11.285  12.023  1.00 23.23 ? 74  ASN A CG  1 
ATOM   342  O  OD1 . ASN A 1 74  ? 4.398   10.680  12.031  1.00 22.47 ? 74  ASN A OD1 1 
ATOM   343  N  ND2 . ASN A 1 74  ? 3.224   12.583  12.278  1.00 29.25 ? 74  ASN A ND2 1 
ATOM   344  N  N   . PRO A 1 75  ? 0.948   7.686   9.586   1.00 21.27 ? 75  PRO A N   1 
ATOM   345  C  CA  . PRO A 1 75  ? -0.300  6.985   9.253   1.00 21.58 ? 75  PRO A CA  1 
ATOM   346  C  C   . PRO A 1 75  ? -0.874  6.098   10.354  1.00 23.51 ? 75  PRO A C   1 
ATOM   347  O  O   . PRO A 1 75  ? -2.068  5.791   10.314  1.00 27.02 ? 75  PRO A O   1 
ATOM   348  C  CB  . PRO A 1 75  ? 0.111   6.101   8.066   1.00 20.56 ? 75  PRO A CB  1 
ATOM   349  C  CG  . PRO A 1 75  ? 1.560   5.844   8.278   1.00 20.95 ? 75  PRO A CG  1 
ATOM   350  C  CD  . PRO A 1 75  ? 2.108   7.124   8.862   1.00 20.46 ? 75  PRO A CD  1 
ATOM   351  N  N   . GLY A 1 76  ? -0.048  5.672   11.301  1.00 23.43 ? 76  GLY A N   1 
ATOM   352  C  CA  . GLY A 1 76  ? -0.462  4.663   12.262  1.00 27.72 ? 76  GLY A CA  1 
ATOM   353  C  C   . GLY A 1 76  ? -0.257  3.266   11.698  1.00 27.05 ? 76  GLY A C   1 
ATOM   354  O  O   . GLY A 1 76  ? -0.027  3.100   10.498  1.00 25.20 ? 76  GLY A O   1 
ATOM   355  N  N   . LEU A 1 77  ? -0.332  2.260   12.562  1.00 25.45 ? 77  LEU A N   1 
ATOM   356  C  CA  . LEU A 1 77  ? -0.141  0.871   12.155  1.00 23.84 ? 77  LEU A CA  1 
ATOM   357  C  C   . LEU A 1 77  ? -1.044  -0.012  13.006  1.00 26.81 ? 77  LEU A C   1 
ATOM   358  O  O   . LEU A 1 77  ? -0.707  -0.308  14.150  1.00 26.39 ? 77  LEU A O   1 
ATOM   359  C  CB  . LEU A 1 77  ? 1.305   0.444   12.388  1.00 26.81 ? 77  LEU A CB  1 
ATOM   360  C  CG  . LEU A 1 77  ? 2.209   -0.102  11.279  1.00 30.03 ? 77  LEU A CG  1 
ATOM   361  C  CD1 . LEU A 1 77  ? 3.205   -1.080  11.878  1.00 25.61 ? 77  LEU A CD1 1 
ATOM   362  C  CD2 . LEU A 1 77  ? 1.453   -0.743  10.152  1.00 24.52 ? 77  LEU A CD2 1 
ATOM   363  N  N   . PRO A 1 78  ? -2.191  -0.440  12.459  1.00 25.41 ? 78  PRO A N   1 
ATOM   364  C  CA  . PRO A 1 78  ? -2.672  -0.221  11.093  1.00 23.58 ? 78  PRO A CA  1 
ATOM   365  C  C   . PRO A 1 78  ? -3.205  1.183   10.873  1.00 24.41 ? 78  PRO A C   1 
ATOM   366  O  O   . PRO A 1 78  ? -3.733  1.812   11.793  1.00 24.55 ? 78  PRO A O   1 
ATOM   367  C  CB  . PRO A 1 78  ? -3.820  -1.224  10.970  1.00 22.10 ? 78  PRO A CB  1 
ATOM   368  C  CG  . PRO A 1 78  ? -4.352  -1.328  12.350  1.00 27.70 ? 78  PRO A CG  1 
ATOM   369  C  CD  . PRO A 1 78  ? -3.170  -1.189  13.269  1.00 29.05 ? 78  PRO A CD  1 
ATOM   370  N  N   . SER A 1 79  ? -3.066  1.667   9.647   1.00 18.86 ? 79  SER A N   1 
ATOM   371  C  CA  . SER A 1 79  ? -3.505  3.013   9.317   1.00 18.93 ? 79  SER A CA  1 
ATOM   372  C  C   . SER A 1 79  ? -5.004  3.025   9.002   1.00 19.82 ? 79  SER A C   1 
ATOM   373  O  O   . SER A 1 79  ? -5.629  1.976   8.826   1.00 20.86 ? 79  SER A O   1 
ATOM   374  C  CB  . SER A 1 79  ? -2.713  3.532   8.112   1.00 17.61 ? 79  SER A CB  1 
ATOM   375  O  OG  . SER A 1 79  ? -3.220  3.003   6.888   1.00 16.51 ? 79  SER A OG  1 
ATOM   376  N  N   . ASN A 1 80  ? -5.588  4.216   8.946   1.00 17.82 ? 80  ASN A N   1 
ATOM   377  C  CA  . ASN A 1 80  ? -6.917  4.357   8.378   1.00 19.98 ? 80  ASN A CA  1 
ATOM   378  C  C   . ASN A 1 80  ? -6.788  4.226   6.872   1.00 17.58 ? 80  ASN A C   1 
ATOM   379  O  O   . ASN A 1 80  ? -5.672  4.140   6.344   1.00 16.39 ? 80  ASN A O   1 
ATOM   380  C  CB  . ASN A 1 80  ? -7.502  5.719   8.728   1.00 20.95 ? 80  ASN A CB  1 
ATOM   381  C  CG  . ASN A 1 80  ? -7.722  5.890   10.211  1.00 24.00 ? 80  ASN A CG  1 
ATOM   382  O  OD1 . ASN A 1 80  ? -8.195  4.981   10.882  1.00 23.60 ? 80  ASN A OD1 1 
ATOM   383  N  ND2 . ASN A 1 80  ? -7.375  7.061   10.734  1.00 29.43 ? 80  ASN A ND2 1 
ATOM   384  N  N   . VAL A 1 81  ? -7.921  4.186   6.182   1.00 16.24 ? 81  VAL A N   1 
ATOM   385  C  CA  . VAL A 1 81  ? -7.937  4.190   4.721   1.00 16.45 ? 81  VAL A CA  1 
ATOM   386  C  C   . VAL A 1 81  ? -7.621  5.595   4.238   1.00 19.77 ? 81  VAL A C   1 
ATOM   387  O  O   . VAL A 1 81  ? -8.282  6.562   4.630   1.00 19.04 ? 81  VAL A O   1 
ATOM   388  C  CB  . VAL A 1 81  ? -9.313  3.762   4.155   1.00 17.45 ? 81  VAL A CB  1 
ATOM   389  C  CG1 . VAL A 1 81  ? -9.341  3.906   2.630   1.00 19.09 ? 81  VAL A CG1 1 
ATOM   390  C  CG2 . VAL A 1 81  ? -9.636  2.340   4.552   1.00 16.74 ? 81  VAL A CG2 1 
ATOM   391  N  N   . ILE A 1 82  ? -6.615  5.705   3.380   1.00 14.88 ? 82  ILE A N   1 
ATOM   392  C  CA  . ILE A 1 82  ? -6.077  7.000   2.974   1.00 16.32 ? 82  ILE A CA  1 
ATOM   393  C  C   . ILE A 1 82  ? -6.169  7.166   1.460   1.00 15.59 ? 82  ILE A C   1 
ATOM   394  O  O   . ILE A 1 82  ? -5.783  6.280   0.710   1.00 14.66 ? 82  ILE A O   1 
ATOM   395  C  CB  . ILE A 1 82  ? -4.606  7.111   3.420   1.00 15.78 ? 82  ILE A CB  1 
ATOM   396  C  CG1 . ILE A 1 82  ? -4.515  7.039   4.946   1.00 19.36 ? 82  ILE A CG1 1 
ATOM   397  C  CG2 . ILE A 1 82  ? -3.959  8.385   2.870   1.00 18.67 ? 82  ILE A CG2 1 
ATOM   398  C  CD1 . ILE A 1 82  ? -3.192  6.480   5.460   1.00 18.99 ? 82  ILE A CD1 1 
ATOM   399  N  N   . THR A 1 83  ? -6.668  8.306   1.004   1.00 17.76 ? 83  THR A N   1 
ATOM   400  C  CA  . THR A 1 83  ? -6.834  8.522   -0.430  1.00 16.18 ? 83  THR A CA  1 
ATOM   401  C  C   . THR A 1 83  ? -5.502  8.880   -1.094  1.00 19.27 ? 83  THR A C   1 
ATOM   402  O  O   . THR A 1 83  ? -4.724  9.645   -0.548  1.00 17.83 ? 83  THR A O   1 
ATOM   403  C  CB  . THR A 1 83  ? -7.877  9.619   -0.710  1.00 19.81 ? 83  THR A CB  1 
ATOM   404  O  OG1 . THR A 1 83  ? -9.122  9.245   -0.113  1.00 17.75 ? 83  THR A OG1 1 
ATOM   405  C  CG2 . THR A 1 83  ? -8.093  9.798   -2.206  1.00 19.18 ? 83  THR A CG2 1 
ATOM   406  N  N   . CYS A 1 84  ? -5.245  8.300   -2.263  1.00 15.48 ? 84  CYS A N   1 
ATOM   407  C  CA  . CYS A 1 84  ? -4.068  8.653   -3.053  1.00 17.54 ? 84  CYS A CA  1 
ATOM   408  C  C   . CYS A 1 84  ? -4.368  9.916   -3.849  1.00 19.06 ? 84  CYS A C   1 
ATOM   409  O  O   . CYS A 1 84  ? -5.175  9.898   -4.782  1.00 18.20 ? 84  CYS A O   1 
ATOM   410  C  CB  . CYS A 1 84  ? -3.700  7.511   -3.995  1.00 14.59 ? 84  CYS A CB  1 
ATOM   411  S  SG  . CYS A 1 84  ? -3.337  5.958   -3.142  1.00 17.52 ? 84  CYS A SG  1 
ATOM   412  N  N   . GLY A 1 85  ? -3.731  11.017  -3.464  1.00 20.08 ? 85  GLY A N   1 
ATOM   413  C  CA  . GLY A 1 85  ? -3.909  12.285  -4.151  1.00 23.31 ? 85  GLY A CA  1 
ATOM   414  C  C   . GLY A 1 85  ? -5.372  12.680  -4.233  1.00 24.12 ? 85  GLY A C   1 
ATOM   415  O  O   . GLY A 1 85  ? -6.081  12.683  -3.229  1.00 24.67 ? 85  GLY A O   1 
ATOM   416  N  N   . GLU A 1 86  ? -5.831  12.989  -5.438  1.00 27.18 ? 86  GLU A N   1 
ATOM   417  C  CA  . GLU A 1 86  ? -7.215  13.381  -5.628  1.00 31.19 ? 86  GLU A CA  1 
ATOM   418  C  C   . GLU A 1 86  ? -7.998  12.259  -6.293  1.00 29.86 ? 86  GLU A C   1 
ATOM   419  O  O   . GLU A 1 86  ? -9.108  12.473  -6.775  1.00 30.46 ? 86  GLU A O   1 
ATOM   420  C  CB  . GLU A 1 86  ? -7.277  14.631  -6.505  1.00 36.71 ? 86  GLU A CB  1 
ATOM   421  C  CG  . GLU A 1 86  ? -6.618  15.844  -5.885  1.00 41.65 ? 86  GLU A CG  1 
ATOM   422  C  CD  . GLU A 1 86  ? -7.477  16.464  -4.808  1.00 45.53 ? 86  GLU A CD  1 
ATOM   423  O  OE1 . GLU A 1 86  ? -8.462  17.148  -5.162  1.00 51.84 ? 86  GLU A OE1 1 
ATOM   424  O  OE2 . GLU A 1 86  ? -7.170  16.268  -3.614  1.00 48.92 ? 86  GLU A OE2 1 
ATOM   425  N  N   . SER A 1 87  ? -7.416  11.065  -6.316  1.00 22.03 ? 87  SER A N   1 
ATOM   426  C  CA  . SER A 1 87  ? -7.940  9.977   -7.132  1.00 18.72 ? 87  SER A CA  1 
ATOM   427  C  C   . SER A 1 87  ? -9.024  9.163   -6.432  1.00 17.96 ? 87  SER A C   1 
ATOM   428  O  O   . SER A 1 87  ? -9.409  9.454   -5.298  1.00 17.58 ? 87  SER A O   1 
ATOM   429  C  CB  . SER A 1 87  ? -6.803  9.044   -7.544  1.00 17.24 ? 87  SER A CB  1 
ATOM   430  O  OG  . SER A 1 87  ? -6.470  8.197   -6.458  1.00 17.83 ? 87  SER A OG  1 
ATOM   431  N  N   . LYS A 1 88  ? -9.505  8.136   -7.127  1.00 16.55 ? 88  LYS A N   1 
ATOM   432  C  CA  . LYS A 1 88  ? -10.456 7.198   -6.557  1.00 18.41 ? 88  LYS A CA  1 
ATOM   433  C  C   . LYS A 1 88  ? -9.758  5.945   -6.033  1.00 17.89 ? 88  LYS A C   1 
ATOM   434  O  O   . LYS A 1 88  ? -10.414 4.957   -5.680  1.00 17.55 ? 88  LYS A O   1 
ATOM   435  C  CB  . LYS A 1 88  ? -11.535 6.851   -7.578  1.00 19.64 ? 88  LYS A CB  1 
ATOM   436  C  CG  . LYS A 1 88  ? -12.323 8.070   -8.015  1.00 24.84 ? 88  LYS A CG  1 
ATOM   437  C  CD  . LYS A 1 88  ? -13.588 7.702   -8.742  1.00 28.99 ? 88  LYS A CD  1 
ATOM   438  C  CE  . LYS A 1 88  ? -14.457 8.930   -8.924  1.00 32.30 ? 88  LYS A CE  1 
ATOM   439  N  NZ  . LYS A 1 88  ? -13.676 10.033  -9.544  1.00 38.39 ? 88  LYS A NZ  1 
ATOM   440  N  N   . TYR A 1 89  ? -8.429  5.995   -5.951  1.00 17.17 ? 89  TYR A N   1 
ATOM   441  C  CA  . TYR A 1 89  ? -7.663  4.922   -5.306  1.00 13.68 ? 89  TYR A CA  1 
ATOM   442  C  C   . TYR A 1 89  ? -7.310  5.295   -3.874  1.00 16.35 ? 89  TYR A C   1 
ATOM   443  O  O   . TYR A 1 89  ? -7.016  6.458   -3.573  1.00 15.16 ? 89  TYR A O   1 
ATOM   444  C  CB  . TYR A 1 89  ? -6.374  4.629   -6.077  1.00 17.40 ? 89  TYR A CB  1 
ATOM   445  C  CG  . TYR A 1 89  ? -6.574  3.997   -7.433  1.00 15.76 ? 89  TYR A CG  1 
ATOM   446  C  CD1 . TYR A 1 89  ? -6.634  2.612   -7.570  1.00 16.84 ? 89  TYR A CD1 1 
ATOM   447  C  CD2 . TYR A 1 89  ? -6.680  4.779   -8.587  1.00 16.85 ? 89  TYR A CD2 1 
ATOM   448  C  CE1 . TYR A 1 89  ? -6.802  2.023   -8.817  1.00 13.95 ? 89  TYR A CE1 1 
ATOM   449  C  CE2 . TYR A 1 89  ? -6.855  4.192   -9.845  1.00 15.30 ? 89  TYR A CE2 1 
ATOM   450  C  CZ  . TYR A 1 89  ? -6.923  2.819   -9.942  1.00 13.65 ? 89  TYR A CZ  1 
ATOM   451  O  OH  . TYR A 1 89  ? -7.081  2.219   -11.163 1.00 16.42 ? 89  TYR A OH  1 
ATOM   452  N  N   . ARG A 1 90  ? -7.354  4.309   -2.979  1.00 15.06 ? 90  ARG A N   1 
ATOM   453  C  CA  . ARG A 1 90  ? -7.040  4.538   -1.573  1.00 16.32 ? 90  ARG A CA  1 
ATOM   454  C  C   . ARG A 1 90  ? -6.209  3.374   -1.061  1.00 14.96 ? 90  ARG A C   1 
ATOM   455  O  O   . ARG A 1 90  ? -6.180  2.307   -1.682  1.00 15.51 ? 90  ARG A O   1 
ATOM   456  C  CB  . ARG A 1 90  ? -8.316  4.656   -0.730  1.00 17.40 ? 90  ARG A CB  1 
ATOM   457  C  CG  . ARG A 1 90  ? -9.457  5.433   -1.384  1.00 18.63 ? 90  ARG A CG  1 
ATOM   458  C  CD  . ARG A 1 90  ? -10.637 5.601   -0.405  1.00 22.86 ? 90  ARG A CD  1 
ATOM   459  N  NE  . ARG A 1 90  ? -10.336 6.626   0.591   1.00 24.90 ? 90  ARG A NE  1 
ATOM   460  C  CZ  . ARG A 1 90  ? -11.040 6.849   1.698   1.00 30.09 ? 90  ARG A CZ  1 
ATOM   461  N  NH1 . ARG A 1 90  ? -12.109 6.112   1.972   1.00 30.07 ? 90  ARG A NH1 1 
ATOM   462  N  NH2 . ARG A 1 90  ? -10.666 7.813   2.535   1.00 28.84 ? 90  ARG A NH2 1 
ATOM   463  N  N   . PHE A 1 91  ? -5.531  3.564   0.070   1.00 13.71 ? 91  PHE A N   1 
ATOM   464  C  CA  . PHE A 1 91  ? -4.760  2.473   0.650   1.00 14.73 ? 91  PHE A CA  1 
ATOM   465  C  C   . PHE A 1 91  ? -4.788  2.481   2.173   1.00 15.01 ? 91  PHE A C   1 
ATOM   466  O  O   . PHE A 1 91  ? -5.125  3.491   2.799   1.00 15.02 ? 91  PHE A O   1 
ATOM   467  C  CB  . PHE A 1 91  ? -3.302  2.542   0.192   1.00 13.69 ? 91  PHE A CB  1 
ATOM   468  C  CG  . PHE A 1 91  ? -2.502  3.591   0.911   1.00 14.53 ? 91  PHE A CG  1 
ATOM   469  C  CD1 . PHE A 1 91  ? -2.571  4.916   0.520   1.00 13.94 ? 91  PHE A CD1 1 
ATOM   470  C  CD2 . PHE A 1 91  ? -1.684  3.252   1.979   1.00 16.39 ? 91  PHE A CD2 1 
ATOM   471  C  CE1 . PHE A 1 91  ? -1.848  5.884   1.178   1.00 14.19 ? 91  PHE A CE1 1 
ATOM   472  C  CE2 . PHE A 1 91  ? -0.955  4.231   2.646   1.00 14.89 ? 91  PHE A CE2 1 
ATOM   473  C  CZ  . PHE A 1 91  ? -1.042  5.541   2.233   1.00 15.89 ? 91  PHE A CZ  1 
ATOM   474  N  N   . ALA A 1 92  ? -4.411  1.352   2.761   1.00 14.63 ? 92  ALA A N   1 
ATOM   475  C  CA  . ALA A 1 92  ? -4.157  1.285   4.198   1.00 15.58 ? 92  ALA A CA  1 
ATOM   476  C  C   . ALA A 1 92  ? -2.881  0.478   4.441   1.00 16.29 ? 92  ALA A C   1 
ATOM   477  O  O   . ALA A 1 92  ? -2.574  -0.460  3.700   1.00 15.22 ? 92  ALA A O   1 
ATOM   478  C  CB  . ALA A 1 92  ? -5.334  0.675   4.942   1.00 17.20 ? 92  ALA A CB  1 
ATOM   479  N  N   . LEU A 1 93  ? -2.127  0.856   5.467   1.00 16.24 ? 93  LEU A N   1 
ATOM   480  C  CA  . LEU A 1 93  ? -0.889  0.161   5.789   1.00 17.19 ? 93  LEU A CA  1 
ATOM   481  C  C   . LEU A 1 93  ? -1.108  -0.674  7.028   1.00 16.82 ? 93  LEU A C   1 
ATOM   482  O  O   . LEU A 1 93  ? -1.700  -0.196  7.998   1.00 15.96 ? 93  LEU A O   1 
ATOM   483  C  CB  . LEU A 1 93  ? 0.252   1.160   6.021   1.00 15.02 ? 93  LEU A CB  1 
ATOM   484  C  CG  . LEU A 1 93  ? 1.638   0.611   6.381   1.00 18.82 ? 93  LEU A CG  1 
ATOM   485  C  CD1 . LEU A 1 93  ? 2.269   -0.141  5.210   1.00 17.49 ? 93  LEU A CD1 1 
ATOM   486  C  CD2 . LEU A 1 93  ? 2.583   1.740   6.841   1.00 17.50 ? 93  LEU A CD2 1 
ATOM   487  N  N   . SER A 1 94  ? -0.644  -1.922  6.990   1.00 16.79 ? 94  SER A N   1 
ATOM   488  C  CA  . SER A 1 94  ? -0.726  -2.802  8.157   1.00 19.91 ? 94  SER A CA  1 
ATOM   489  C  C   . SER A 1 94  ? 0.503   -3.703  8.271   1.00 21.17 ? 94  SER A C   1 
ATOM   490  O  O   . SER A 1 94  ? 1.376   -3.688  7.408   1.00 17.30 ? 94  SER A O   1 
ATOM   491  C  CB  . SER A 1 94  ? -1.997  -3.649  8.112   1.00 21.66 ? 94  SER A CB  1 
ATOM   492  O  OG  . SER A 1 94  ? -2.060  -4.404  6.923   1.00 20.78 ? 94  SER A OG  1 
ATOM   493  N  N   . SER A 1 95  ? 0.581   -4.482  9.347   1.00 21.71 ? 95  SER A N   1 
ATOM   494  C  CA  . SER A 1 95  ? 1.699   -5.409  9.499   1.00 23.50 ? 95  SER A CA  1 
ATOM   495  C  C   . SER A 1 95  ? 1.419   -6.698  8.736   1.00 23.85 ? 95  SER A C   1 
ATOM   496  O  O   . SER A 1 95  ? 0.315   -7.222  8.780   1.00 24.43 ? 95  SER A O   1 
ATOM   497  C  CB  . SER A 1 95  ? 1.980   -5.696  10.974  1.00 26.92 ? 95  SER A CB  1 
ATOM   498  O  OG  . SER A 1 95  ? 2.382   -4.506  11.633  1.00 29.19 ? 95  SER A OG  1 
ATOM   499  N  N   . GLY A 1 96  ? 2.424   -7.192  8.027   1.00 23.31 ? 96  GLY A N   1 
ATOM   500  C  CA  . GLY A 1 96  ? 2.299   -8.443  7.306   1.00 22.52 ? 96  GLY A CA  1 
ATOM   501  C  C   . GLY A 1 96  ? 2.597   -9.664  8.154   1.00 26.72 ? 96  GLY A C   1 
ATOM   502  O  O   . GLY A 1 96  ? 2.959   -9.558  9.339   1.00 25.48 ? 96  GLY A O   1 
ATOM   503  N  N   . LYS A 1 97  ? 2.448   -10.833 7.535   1.00 31.82 ? 97  LYS A N   1 
ATOM   504  C  CA  . LYS A 1 97  ? 2.708   -12.109 8.190   1.00 32.57 ? 97  LYS A CA  1 
ATOM   505  C  C   . LYS A 1 97  ? 3.996   -12.751 7.669   1.00 33.79 ? 97  LYS A C   1 
ATOM   506  O  O   . LYS A 1 97  ? 4.726   -13.381 8.428   1.00 37.92 ? 97  LYS A O   1 
ATOM   507  C  CB  . LYS A 1 97  ? 1.524   -13.047 7.989   1.00 34.78 ? 97  LYS A CB  1 
ATOM   508  C  CG  . LYS A 1 97  ? 0.194   -12.408 8.335   1.00 37.63 ? 97  LYS A CG  1 
ATOM   509  C  CD  . LYS A 1 97  ? -0.974  -13.326 8.021   1.00 41.56 ? 97  LYS A CD  1 
ATOM   510  C  CE  . LYS A 1 97  ? -2.268  -12.535 7.962   1.00 43.26 ? 97  LYS A CE  1 
ATOM   511  N  NZ  . LYS A 1 97  ? -2.401  -11.604 9.118   1.00 44.20 ? 97  LYS A NZ  1 
ATOM   512  N  N   . GLN A 1 98  ? 4.272   -12.604 6.376   1.00 38.50 ? 98  GLN A N   1 
ATOM   513  C  CA  . GLN A 1 98  ? 5.552   -13.059 5.835   1.00 40.34 ? 98  GLN A CA  1 
ATOM   514  C  C   . GLN A 1 98  ? 6.558   -11.911 5.856   1.00 39.59 ? 98  GLN A C   1 
ATOM   515  O  O   . GLN A 1 98  ? 7.691   -12.068 6.306   1.00 39.30 ? 98  GLN A O   1 
ATOM   516  C  CB  . GLN A 1 98  ? 5.425   -13.609 4.405   1.00 39.57 ? 98  GLN A CB  1 
ATOM   517  C  CG  . GLN A 1 98  ? 4.014   -13.609 3.811   1.00 46.49 ? 98  GLN A CG  1 
ATOM   518  C  CD  . GLN A 1 98  ? 4.016   -13.558 2.283   1.00 46.55 ? 98  GLN A CD  1 
ATOM   519  O  OE1 . GLN A 1 98  ? 3.132   -12.955 1.664   1.00 46.12 ? 98  GLN A OE1 1 
ATOM   520  N  NE2 . GLN A 1 98  ? 5.015   -14.194 1.670   1.00 50.04 ? 98  GLN A NE2 1 
ATOM   521  N  N   . TYR A 1 99  ? 6.124   -10.757 5.363   1.00 27.53 ? 99  TYR A N   1 
ATOM   522  C  CA  . TYR A 1 99  ? 6.975   -9.580  5.271   1.00 25.08 ? 99  TYR A CA  1 
ATOM   523  C  C   . TYR A 1 99  ? 6.526   -8.569  6.316   1.00 24.55 ? 99  TYR A C   1 
ATOM   524  O  O   . TYR A 1 99  ? 5.467   -8.727  6.923   1.00 22.57 ? 99  TYR A O   1 
ATOM   525  C  CB  . TYR A 1 99  ? 6.902   -8.991  3.863   1.00 25.22 ? 99  TYR A CB  1 
ATOM   526  C  CG  . TYR A 1 99  ? 7.399   -9.933  2.793   1.00 27.08 ? 99  TYR A CG  1 
ATOM   527  C  CD1 . TYR A 1 99  ? 8.523   -10.719 3.007   1.00 28.36 ? 99  TYR A CD1 1 
ATOM   528  C  CD2 . TYR A 1 99  ? 6.747   -10.039 1.571   1.00 27.79 ? 99  TYR A CD2 1 
ATOM   529  C  CE1 . TYR A 1 99  ? 8.981   -11.586 2.040   1.00 31.57 ? 99  TYR A CE1 1 
ATOM   530  C  CE2 . TYR A 1 99  ? 7.204   -10.904 0.591   1.00 30.86 ? 99  TYR A CE2 1 
ATOM   531  C  CZ  . TYR A 1 99  ? 8.326   -11.673 0.837   1.00 32.56 ? 99  TYR A CZ  1 
ATOM   532  O  OH  . TYR A 1 99  ? 8.794   -12.546 -0.118  1.00 35.52 ? 99  TYR A OH  1 
ATOM   533  N  N   . GLU A 1 100 ? 7.335   -7.543  6.554   1.00 23.83 ? 100 GLU A N   1 
ATOM   534  C  CA  . GLU A 1 100 ? 7.005   -6.580  7.600   1.00 20.80 ? 100 GLU A CA  1 
ATOM   535  C  C   . GLU A 1 100 ? 5.717   -5.820  7.289   1.00 21.39 ? 100 GLU A C   1 
ATOM   536  O  O   . GLU A 1 100 ? 4.859   -5.662  8.160   1.00 21.05 ? 100 GLU A O   1 
ATOM   537  C  CB  . GLU A 1 100 ? 8.160   -5.603  7.835   1.00 21.23 ? 100 GLU A CB  1 
ATOM   538  C  CG  . GLU A 1 100 ? 7.913   -4.646  8.995   1.00 22.41 ? 100 GLU A CG  1 
ATOM   539  C  CD  . GLU A 1 100 ? 9.165   -3.907  9.437   1.00 24.36 ? 100 GLU A CD  1 
ATOM   540  O  OE1 . GLU A 1 100 ? 10.216  -4.064  8.784   1.00 21.26 ? 100 GLU A OE1 1 
ATOM   541  O  OE2 . GLU A 1 100 ? 9.087   -3.172  10.444  1.00 26.07 ? 100 GLU A OE2 1 
ATOM   542  N  N   . PHE A 1 101 ? 5.580   -5.377  6.042   1.00 22.34 ? 101 PHE A N   1 
ATOM   543  C  CA  . PHE A 1 101 ? 4.470   -4.516  5.657   1.00 21.41 ? 101 PHE A CA  1 
ATOM   544  C  C   . PHE A 1 101 ? 3.486   -5.134  4.678   1.00 21.44 ? 101 PHE A C   1 
ATOM   545  O  O   . PHE A 1 101 ? 3.882   -5.802  3.721   1.00 22.79 ? 101 PHE A O   1 
ATOM   546  C  CB  . PHE A 1 101 ? 5.008   -3.202  5.098   1.00 21.18 ? 101 PHE A CB  1 
ATOM   547  C  CG  . PHE A 1 101 ? 5.822   -2.439  6.096   1.00 22.45 ? 101 PHE A CG  1 
ATOM   548  C  CD1 . PHE A 1 101 ? 7.202   -2.394  6.003   1.00 24.30 ? 101 PHE A CD1 1 
ATOM   549  C  CD2 . PHE A 1 101 ? 5.205   -1.814  7.162   1.00 22.35 ? 101 PHE A CD2 1 
ATOM   550  C  CE1 . PHE A 1 101 ? 7.956   -1.706  6.952   1.00 24.93 ? 101 PHE A CE1 1 
ATOM   551  C  CE2 . PHE A 1 101 ? 5.949   -1.119  8.112   1.00 23.72 ? 101 PHE A CE2 1 
ATOM   552  C  CZ  . PHE A 1 101 ? 7.323   -1.068  8.004   1.00 25.13 ? 101 PHE A CZ  1 
ATOM   553  N  N   . ALA A 1 102 ? 2.205   -4.880  4.930   1.00 19.68 ? 102 ALA A N   1 
ATOM   554  C  CA  . ALA A 1 102 ? 1.128   -5.284  4.036   1.00 18.58 ? 102 ALA A CA  1 
ATOM   555  C  C   . ALA A 1 102 ? 0.376   -4.045  3.589   1.00 20.39 ? 102 ALA A C   1 
ATOM   556  O  O   . ALA A 1 102 ? 0.180   -3.114  4.374   1.00 18.72 ? 102 ALA A O   1 
ATOM   557  C  CB  . ALA A 1 102 ? 0.177   -6.226  4.745   1.00 19.31 ? 102 ALA A CB  1 
ATOM   558  N  N   . LEU A 1 103 ? -0.057  -4.042  2.334   1.00 19.30 ? 103 LEU A N   1 
ATOM   559  C  CA  . LEU A 1 103 ? -0.828  -2.934  1.799   1.00 20.31 ? 103 LEU A CA  1 
ATOM   560  C  C   . LEU A 1 103 ? -2.222  -3.418  1.519   1.00 17.99 ? 103 LEU A C   1 
ATOM   561  O  O   . LEU A 1 103 ? -2.405  -4.498  0.948   1.00 19.97 ? 103 LEU A O   1 
ATOM   562  C  CB  . LEU A 1 103 ? -0.244  -2.446  0.471   1.00 19.40 ? 103 LEU A CB  1 
ATOM   563  C  CG  . LEU A 1 103 ? 0.692   -1.251  0.404   1.00 21.26 ? 103 LEU A CG  1 
ATOM   564  C  CD1 . LEU A 1 103 ? 0.885   -0.915  -1.066  1.00 18.38 ? 103 LEU A CD1 1 
ATOM   565  C  CD2 . LEU A 1 103 ? 0.180   -0.031  1.196   1.00 19.42 ? 103 LEU A CD2 1 
ATOM   566  N  N   . SER A 1 104 ? -3.201  -2.621  1.913   1.00 17.10 ? 104 SER A N   1 
ATOM   567  C  CA  . SER A 1 104 ? -4.568  -2.820  1.453   1.00 18.68 ? 104 SER A CA  1 
ATOM   568  C  C   . SER A 1 104 ? -4.888  -1.713  0.455   1.00 17.70 ? 104 SER A C   1 
ATOM   569  O  O   . SER A 1 104 ? -4.534  -0.560  0.662   1.00 17.98 ? 104 SER A O   1 
ATOM   570  C  CB  . SER A 1 104 ? -5.538  -2.805  2.629   1.00 19.26 ? 104 SER A CB  1 
ATOM   571  O  OG  . SER A 1 104 ? -5.235  -3.865  3.520   1.00 23.81 ? 104 SER A OG  1 
ATOM   572  N  N   . LEU A 1 105 ? -5.543  -2.069  -0.639  1.00 15.97 ? 105 LEU A N   1 
ATOM   573  C  CA  . LEU A 1 105 ? -5.767  -1.135  -1.730  1.00 15.16 ? 105 LEU A CA  1 
ATOM   574  C  C   . LEU A 1 105 ? -7.234  -1.148  -2.076  1.00 17.42 ? 105 LEU A C   1 
ATOM   575  O  O   . LEU A 1 105 ? -7.863  -2.197  -2.018  1.00 17.75 ? 105 LEU A O   1 
ATOM   576  C  CB  . LEU A 1 105 ? -4.985  -1.576  -2.959  1.00 16.69 ? 105 LEU A CB  1 
ATOM   577  C  CG  . LEU A 1 105 ? -3.468  -1.642  -2.802  1.00 17.19 ? 105 LEU A CG  1 
ATOM   578  C  CD1 . LEU A 1 105 ? -2.884  -2.498  -3.914  1.00 19.37 ? 105 LEU A CD1 1 
ATOM   579  C  CD2 . LEU A 1 105 ? -2.894  -0.229  -2.836  1.00 18.04 ? 105 LEU A CD2 1 
ATOM   580  N  N   . TYR A 1 106 ? -7.748  0.013   -2.464  1.00 14.34 ? 106 TYR A N   1 
ATOM   581  C  CA  . TYR A 1 106 ? -9.168  0.220   -2.705  1.00 15.94 ? 106 TYR A CA  1 
ATOM   582  C  C   . TYR A 1 106 ? -9.312  1.043   -3.981  1.00 13.77 ? 106 TYR A C   1 
ATOM   583  O  O   . TYR A 1 106 ? -8.489  1.910   -4.263  1.00 14.40 ? 106 TYR A O   1 
ATOM   584  C  CB  . TYR A 1 106 ? -9.818  0.982   -1.537  1.00 14.64 ? 106 TYR A CB  1 
ATOM   585  C  CG  . TYR A 1 106 ? -9.578  0.410   -0.144  1.00 16.20 ? 106 TYR A CG  1 
ATOM   586  C  CD1 . TYR A 1 106 ? -10.563 -0.326  0.513   1.00 17.04 ? 106 TYR A CD1 1 
ATOM   587  C  CD2 . TYR A 1 106 ? -8.367  0.613   0.518   1.00 16.15 ? 106 TYR A CD2 1 
ATOM   588  C  CE1 . TYR A 1 106 ? -10.345 -0.843  1.793   1.00 17.62 ? 106 TYR A CE1 1 
ATOM   589  C  CE2 . TYR A 1 106 ? -8.144  0.097   1.781   1.00 16.88 ? 106 TYR A CE2 1 
ATOM   590  C  CZ  . TYR A 1 106 ? -9.138  -0.623  2.414   1.00 18.75 ? 106 TYR A CZ  1 
ATOM   591  O  OH  . TYR A 1 106 ? -8.905  -1.133  3.674   1.00 19.50 ? 106 TYR A OH  1 
ATOM   592  N  N   . HIS A 1 107 ? -10.359 0.776   -4.756  1.00 14.16 ? 107 HIS A N   1 
ATOM   593  C  CA  . HIS A 1 107 ? -10.649 1.561   -5.939  1.00 14.89 ? 107 HIS A CA  1 
ATOM   594  C  C   . HIS A 1 107 ? -12.167 1.772   -6.004  1.00 14.55 ? 107 HIS A C   1 
ATOM   595  O  O   . HIS A 1 107 ? -12.921 0.812   -6.115  1.00 16.22 ? 107 HIS A O   1 
ATOM   596  C  CB  . HIS A 1 107 ? -10.138 0.845   -7.197  1.00 14.77 ? 107 HIS A CB  1 
ATOM   597  C  CG  . HIS A 1 107 ? -10.224 1.664   -8.447  1.00 15.02 ? 107 HIS A CG  1 
ATOM   598  N  ND1 . HIS A 1 107 ? -9.977  1.149   -9.704  1.00 15.66 ? 107 HIS A ND1 1 
ATOM   599  C  CD2 . HIS A 1 107 ? -10.542 2.976   -8.636  1.00 15.58 ? 107 HIS A CD2 1 
ATOM   600  C  CE1 . HIS A 1 107 ? -10.129 2.095   -10.604 1.00 13.70 ? 107 HIS A CE1 1 
ATOM   601  N  NE2 . HIS A 1 107 ? -10.470 3.212   -9.997  1.00 14.37 ? 107 HIS A NE2 1 
ATOM   602  N  N   . GLU A 1 108 ? -12.599 3.023   -5.878  1.00 19.38 ? 108 GLU A N   1 
ATOM   603  C  CA  . GLU A 1 108 ? -14.016 3.366   -5.967  1.00 20.84 ? 108 GLU A CA  1 
ATOM   604  C  C   . GLU A 1 108 ? -14.372 3.420   -7.440  1.00 20.64 ? 108 GLU A C   1 
ATOM   605  O  O   . GLU A 1 108 ? -13.625 3.999   -8.228  1.00 19.92 ? 108 GLU A O   1 
ATOM   606  C  CB  . GLU A 1 108 ? -14.283 4.729   -5.324  1.00 25.63 ? 108 GLU A CB  1 
ATOM   607  C  CG  . GLU A 1 108 ? -15.690 4.886   -4.721  1.00 33.03 ? 108 GLU A CG  1 
ATOM   608  C  CD  . GLU A 1 108 ? -16.768 5.279   -5.730  1.00 33.41 ? 108 GLU A CD  1 
ATOM   609  O  OE1 . GLU A 1 108 ? -16.577 6.267   -6.472  1.00 40.67 ? 108 GLU A OE1 1 
ATOM   610  O  OE2 . GLU A 1 108 ? -17.821 4.605   -5.768  1.00 32.94 ? 108 GLU A OE2 1 
ATOM   611  N  N   . LEU A 1 109 ? -15.517 2.838   -7.794  1.00 16.24 ? 109 LEU A N   1 
ATOM   612  C  CA  . LEU A 1 109 ? -15.874 2.584   -9.188  1.00 15.21 ? 109 LEU A CA  1 
ATOM   613  C  C   . LEU A 1 109 ? -17.130 3.324   -9.635  1.00 17.29 ? 109 LEU A C   1 
ATOM   614  O  O   . LEU A 1 109 ? -17.530 3.221   -10.795 1.00 18.73 ? 109 LEU A O   1 
ATOM   615  C  CB  . LEU A 1 109 ? -16.095 1.084   -9.401  1.00 15.07 ? 109 LEU A CB  1 
ATOM   616  C  CG  . LEU A 1 109 ? -15.019 0.110   -8.911  1.00 14.38 ? 109 LEU A CG  1 
ATOM   617  C  CD1 . LEU A 1 109 ? -15.435 -1.332  -9.181  1.00 16.09 ? 109 LEU A CD1 1 
ATOM   618  C  CD2 . LEU A 1 109 ? -13.697 0.422   -9.572  1.00 16.17 ? 109 LEU A CD2 1 
ATOM   619  N  N   . GLY A 1 110 ? -17.750 4.074   -8.730  1.00 21.43 ? 110 GLY A N   1 
ATOM   620  C  CA  . GLY A 1 110 ? -19.031 4.698   -9.040  1.00 21.61 ? 110 GLY A CA  1 
ATOM   621  C  C   . GLY A 1 110 ? -20.148 3.685   -8.907  1.00 22.41 ? 110 GLY A C   1 
ATOM   622  O  O   . GLY A 1 110 ? -21.234 3.838   -9.481  1.00 21.57 ? 110 GLY A O   1 
ATOM   623  N  N   . LEU A 1 111 ? -19.865 2.632   -8.144  1.00 19.18 ? 111 LEU A N   1 
ATOM   624  C  CA  . LEU A 1 111 ? -20.825 1.564   -7.912  1.00 18.30 ? 111 LEU A CA  1 
ATOM   625  C  C   . LEU A 1 111 ? -21.114 1.454   -6.431  1.00 20.26 ? 111 LEU A C   1 
ATOM   626  O  O   . LEU A 1 111 ? -20.446 2.087   -5.613  1.00 20.39 ? 111 LEU A O   1 
ATOM   627  C  CB  . LEU A 1 111 ? -20.300 0.232   -8.442  1.00 18.02 ? 111 LEU A CB  1 
ATOM   628  C  CG  . LEU A 1 111 ? -20.089 0.085   -9.950  1.00 15.78 ? 111 LEU A CG  1 
ATOM   629  C  CD1 . LEU A 1 111 ? -19.528 -1.296  -10.266 1.00 14.04 ? 111 LEU A CD1 1 
ATOM   630  C  CD2 . LEU A 1 111 ? -21.414 0.322   -10.725 1.00 14.45 ? 111 LEU A CD2 1 
ATOM   631  N  N   . ALA A 1 112 ? -22.115 0.651   -6.094  1.00 21.49 ? 112 ALA A N   1 
ATOM   632  C  CA  . ALA A 1 112 ? -22.503 0.427   -4.712  1.00 22.45 ? 112 ALA A CA  1 
ATOM   633  C  C   . ALA A 1 112 ? -21.488 -0.467  -4.007  1.00 23.71 ? 112 ALA A C   1 
ATOM   634  O  O   . ALA A 1 112 ? -21.477 -0.560  -2.779  1.00 22.80 ? 112 ALA A O   1 
ATOM   635  C  CB  . ALA A 1 112 ? -23.889 -0.188  -4.647  1.00 26.41 ? 112 ALA A CB  1 
ATOM   636  N  N   . VAL A 1 113 ? -20.658 -1.134  -4.801  1.00 19.63 ? 113 VAL A N   1 
ATOM   637  C  CA  . VAL A 1 113 ? -19.548 -1.921  -4.292  1.00 16.85 ? 113 VAL A CA  1 
ATOM   638  C  C   . VAL A 1 113 ? -18.235 -1.392  -4.867  1.00 18.36 ? 113 VAL A C   1 
ATOM   639  O  O   . VAL A 1 113 ? -18.226 -0.748  -5.903  1.00 16.16 ? 113 VAL A O   1 
ATOM   640  C  CB  . VAL A 1 113 ? -19.687 -3.412  -4.656  1.00 21.72 ? 113 VAL A CB  1 
ATOM   641  C  CG1 . VAL A 1 113 ? -20.815 -4.058  -3.851  1.00 19.98 ? 113 VAL A CG1 1 
ATOM   642  C  CG2 . VAL A 1 113 ? -19.904 -3.580  -6.163  1.00 22.44 ? 113 VAL A CG2 1 
ATOM   643  N  N   . GLY A 1 114 ? -17.124 -1.668  -4.195  1.00 16.42 ? 114 GLY A N   1 
ATOM   644  C  CA  . GLY A 1 114 ? -15.832 -1.193  -4.664  1.00 16.27 ? 114 GLY A CA  1 
ATOM   645  C  C   . GLY A 1 114 ? -14.839 -2.331  -4.764  1.00 17.31 ? 114 GLY A C   1 
ATOM   646  O  O   . GLY A 1 114 ? -15.112 -3.431  -4.298  1.00 16.33 ? 114 GLY A O   1 
ATOM   647  N  N   . PHE A 1 115 ? -13.687 -2.062  -5.374  1.00 16.86 ? 115 PHE A N   1 
ATOM   648  C  CA  . PHE A 1 115 ? -12.621 -3.049  -5.462  1.00 16.24 ? 115 PHE A CA  1 
ATOM   649  C  C   . PHE A 1 115 ? -11.710 -2.934  -4.229  1.00 17.84 ? 115 PHE A C   1 
ATOM   650  O  O   . PHE A 1 115 ? -11.452 -1.835  -3.717  1.00 14.57 ? 115 PHE A O   1 
ATOM   651  C  CB  . PHE A 1 115 ? -11.798 -2.868  -6.748  1.00 16.50 ? 115 PHE A CB  1 
ATOM   652  C  CG  . PHE A 1 115 ? -12.328 -3.636  -7.948  1.00 16.92 ? 115 PHE A CG  1 
ATOM   653  C  CD1 . PHE A 1 115 ? -13.500 -4.381  -7.869  1.00 16.35 ? 115 PHE A CD1 1 
ATOM   654  C  CD2 . PHE A 1 115 ? -11.630 -3.624  -9.143  1.00 17.40 ? 115 PHE A CD2 1 
ATOM   655  C  CE1 . PHE A 1 115 ? -13.969 -5.094  -8.975  1.00 17.93 ? 115 PHE A CE1 1 
ATOM   656  C  CE2 . PHE A 1 115 ? -12.084 -4.336  -10.255 1.00 18.26 ? 115 PHE A CE2 1 
ATOM   657  C  CZ  . PHE A 1 115 ? -13.261 -5.076  -10.167 1.00 19.27 ? 115 PHE A CZ  1 
ATOM   658  N  N   . TYR A 1 116 ? -11.237 -4.080  -3.760  1.00 15.61 ? 116 TYR A N   1 
ATOM   659  C  CA  . TYR A 1 116 ? -10.390 -4.146  -2.579  1.00 18.20 ? 116 TYR A CA  1 
ATOM   660  C  C   . TYR A 1 116 ? -9.452  -5.342  -2.704  1.00 18.23 ? 116 TYR A C   1 
ATOM   661  O  O   . TYR A 1 116 ? -9.798  -6.362  -3.305  1.00 17.96 ? 116 TYR A O   1 
ATOM   662  C  CB  . TYR A 1 116 ? -11.257 -4.283  -1.323  1.00 18.64 ? 116 TYR A CB  1 
ATOM   663  C  CG  . TYR A 1 116 ? -10.503 -4.834  -0.143  1.00 21.04 ? 116 TYR A CG  1 
ATOM   664  C  CD1 . TYR A 1 116 ? -9.669  -4.021  0.618   1.00 20.00 ? 116 TYR A CD1 1 
ATOM   665  C  CD2 . TYR A 1 116 ? -10.627 -6.174  0.217   1.00 24.24 ? 116 TYR A CD2 1 
ATOM   666  C  CE1 . TYR A 1 116 ? -8.974  -4.527  1.701   1.00 21.35 ? 116 TYR A CE1 1 
ATOM   667  C  CE2 . TYR A 1 116 ? -9.940  -6.687  1.291   1.00 25.30 ? 116 TYR A CE2 1 
ATOM   668  C  CZ  . TYR A 1 116 ? -9.113  -5.863  2.027   1.00 26.65 ? 116 TYR A CZ  1 
ATOM   669  O  OH  . TYR A 1 116 ? -8.434  -6.384  3.095   1.00 28.88 ? 116 TYR A OH  1 
ATOM   670  N  N   . GLY A 1 117 ? -8.250  -5.220  -2.157  1.00 13.69 ? 117 GLY A N   1 
ATOM   671  C  CA  . GLY A 1 117 ? -7.361  -6.359  -2.065  1.00 17.15 ? 117 GLY A CA  1 
ATOM   672  C  C   . GLY A 1 117 ? -6.129  -6.011  -1.260  1.00 16.32 ? 117 GLY A C   1 
ATOM   673  O  O   . GLY A 1 117 ? -5.844  -4.837  -1.037  1.00 16.40 ? 117 GLY A O   1 
ATOM   674  N  N   . THR A 1 118 ? -5.406  -7.033  -0.827  1.00 19.19 ? 118 THR A N   1 
ATOM   675  C  CA  . THR A 1 118 ? -4.275  -6.844  0.070   1.00 16.92 ? 118 THR A CA  1 
ATOM   676  C  C   . THR A 1 118 ? -3.110  -7.683  -0.416  1.00 21.23 ? 118 THR A C   1 
ATOM   677  O  O   . THR A 1 118 ? -3.301  -8.770  -0.967  1.00 20.34 ? 118 THR A O   1 
ATOM   678  C  CB  . THR A 1 118 ? -4.608  -7.311  1.522   1.00 20.45 ? 118 THR A CB  1 
ATOM   679  O  OG1 . THR A 1 118 ? -5.752  -6.612  2.020   1.00 27.79 ? 118 THR A OG1 1 
ATOM   680  C  CG2 . THR A 1 118 ? -3.455  -7.048  2.452   1.00 22.73 ? 118 THR A CG2 1 
ATOM   681  N  N   . GLY A 1 119 ? -1.897  -7.188  -0.210  1.00 18.25 ? 119 GLY A N   1 
ATOM   682  C  CA  . GLY A 1 119 ? -0.716  -7.962  -0.517  1.00 18.15 ? 119 GLY A CA  1 
ATOM   683  C  C   . GLY A 1 119 ? 0.438   -7.479  0.330   1.00 19.92 ? 119 GLY A C   1 
ATOM   684  O  O   . GLY A 1 119 ? 0.477   -6.314  0.748   1.00 18.70 ? 119 GLY A O   1 
ATOM   685  N  N   . GLU A 1 120 ? 1.387   -8.363  0.588   1.00 18.16 ? 120 GLU A N   1 
ATOM   686  C  CA  . GLU A 1 120 ? 2.555   -7.964  1.364   1.00 20.74 ? 120 GLU A CA  1 
ATOM   687  C  C   . GLU A 1 120 ? 3.661   -7.510  0.433   1.00 22.24 ? 120 GLU A C   1 
ATOM   688  O  O   . GLU A 1 120 ? 3.719   -7.933  -0.713  1.00 19.77 ? 120 GLU A O   1 
ATOM   689  C  CB  . GLU A 1 120 ? 2.998   -9.102  2.280   1.00 22.87 ? 120 GLU A CB  1 
ATOM   690  C  CG  . GLU A 1 120 ? 1.905   -9.474  3.267   1.00 23.51 ? 120 GLU A CG  1 
ATOM   691  C  CD  . GLU A 1 120 ? 2.367   -10.446 4.312   1.00 28.15 ? 120 GLU A CD  1 
ATOM   692  O  OE1 . GLU A 1 120 ? 3.599   -10.653 4.391   1.00 27.67 ? 120 GLU A OE1 1 
ATOM   693  O  OE2 . GLU A 1 120 ? 1.507   -10.987 5.051   1.00 27.69 ? 120 GLU A OE2 1 
ATOM   694  N  N   . ILE A 1 121 ? 4.518   -6.618  0.915   1.00 20.77 ? 121 ILE A N   1 
ATOM   695  C  CA  . ILE A 1 121 ? 5.572   -6.067  0.082   1.00 20.31 ? 121 ILE A CA  1 
ATOM   696  C  C   . ILE A 1 121 ? 6.915   -6.298  0.768   1.00 21.79 ? 121 ILE A C   1 
ATOM   697  O  O   . ILE A 1 121 ? 7.122   -5.859  1.892   1.00 19.09 ? 121 ILE A O   1 
ATOM   698  C  CB  . ILE A 1 121 ? 5.339   -4.568  -0.194  1.00 22.02 ? 121 ILE A CB  1 
ATOM   699  C  CG1 . ILE A 1 121 ? 4.009   -4.379  -0.938  1.00 21.67 ? 121 ILE A CG1 1 
ATOM   700  C  CG2 . ILE A 1 121 ? 6.498   -3.958  -0.978  1.00 19.46 ? 121 ILE A CG2 1 
ATOM   701  C  CD1 . ILE A 1 121 ? 3.778   -3.001  -1.415  1.00 27.48 ? 121 ILE A CD1 1 
ATOM   702  N  N   . PHE A 1 122 ? 7.803   -7.022  0.093   1.00 21.21 ? 122 PHE A N   1 
ATOM   703  C  CA  . PHE A 1 122 ? 9.144   -7.268  0.623   1.00 22.59 ? 122 PHE A CA  1 
ATOM   704  C  C   . PHE A 1 122 ? 9.910   -5.956  0.672   1.00 18.14 ? 122 PHE A C   1 
ATOM   705  O  O   . PHE A 1 122 ? 9.949   -5.214  -0.309  1.00 16.88 ? 122 PHE A O   1 
ATOM   706  C  CB  . PHE A 1 122 ? 9.901   -8.283  -0.246  1.00 23.39 ? 122 PHE A CB  1 
ATOM   707  C  CG  . PHE A 1 122 ? 11.380  -8.355  0.057   1.00 25.23 ? 122 PHE A CG  1 
ATOM   708  C  CD1 . PHE A 1 122 ? 11.844  -9.097  1.134   1.00 28.81 ? 122 PHE A CD1 1 
ATOM   709  C  CD2 . PHE A 1 122 ? 12.306  -7.674  -0.731  1.00 26.09 ? 122 PHE A CD2 1 
ATOM   710  C  CE1 . PHE A 1 122 ? 13.208  -9.163  1.420   1.00 28.75 ? 122 PHE A CE1 1 
ATOM   711  C  CE2 . PHE A 1 122 ? 13.669  -7.735  -0.448  1.00 26.09 ? 122 PHE A CE2 1 
ATOM   712  C  CZ  . PHE A 1 122 ? 14.117  -8.476  0.628   1.00 24.27 ? 122 PHE A CZ  1 
ATOM   713  N  N   . THR A 1 123 ? 10.515  -5.658  1.818   1.00 21.77 ? 123 THR A N   1 
ATOM   714  C  CA  . THR A 1 123 ? 11.347  -4.470  1.916   1.00 19.71 ? 123 THR A CA  1 
ATOM   715  C  C   . THR A 1 123 ? 12.726  -4.796  2.462   1.00 19.90 ? 123 THR A C   1 
ATOM   716  O  O   . THR A 1 123 ? 12.901  -5.750  3.218   1.00 20.71 ? 123 THR A O   1 
ATOM   717  C  CB  . THR A 1 123 ? 10.714  -3.360  2.800   1.00 20.39 ? 123 THR A CB  1 
ATOM   718  O  OG1 . THR A 1 123 ? 10.314  -3.912  4.065   1.00 21.85 ? 123 THR A OG1 1 
ATOM   719  C  CG2 . THR A 1 123 ? 9.497   -2.742  2.096   1.00 21.22 ? 123 THR A CG2 1 
ATOM   720  N  N   . HIS A 1 124 ? 13.701  -3.997  2.050   1.00 17.77 ? 124 HIS A N   1 
ATOM   721  C  CA  . HIS A 1 124 ? 15.033  -4.057  2.633   1.00 18.39 ? 124 HIS A CA  1 
ATOM   722  C  C   . HIS A 1 124 ? 15.229  -2.772  3.420   1.00 17.67 ? 124 HIS A C   1 
ATOM   723  O  O   . HIS A 1 124 ? 15.042  -1.691  2.870   1.00 18.59 ? 124 HIS A O   1 
ATOM   724  C  CB  . HIS A 1 124 ? 16.083  -4.145  1.531   1.00 18.89 ? 124 HIS A CB  1 
ATOM   725  C  CG  . HIS A 1 124 ? 17.483  -4.295  2.045   1.00 19.93 ? 124 HIS A CG  1 
ATOM   726  N  ND1 . HIS A 1 124 ? 18.386  -3.251  2.059   1.00 20.92 ? 124 HIS A ND1 1 
ATOM   727  C  CD2 . HIS A 1 124 ? 18.130  -5.358  2.568   1.00 21.30 ? 124 HIS A CD2 1 
ATOM   728  C  CE1 . HIS A 1 124 ? 19.528  -3.667  2.570   1.00 17.89 ? 124 HIS A CE1 1 
ATOM   729  N  NE2 . HIS A 1 124 ? 19.406  -4.945  2.885   1.00 18.74 ? 124 HIS A NE2 1 
ATOM   730  N  N   . CYS A 1 125 ? 15.616  -2.876  4.690   1.00 17.22 ? 125 CYS A N   1 
ATOM   731  C  CA  . CYS A 1 125 ? 15.731  -1.682  5.524   1.00 17.23 ? 125 CYS A CA  1 
ATOM   732  C  C   . CYS A 1 125 ? 17.162  -1.162  5.627   1.00 18.04 ? 125 CYS A C   1 
ATOM   733  O  O   . CYS A 1 125 ? 18.116  -1.932  5.797   1.00 15.87 ? 125 CYS A O   1 
ATOM   734  C  CB  . CYS A 1 125 ? 15.167  -1.927  6.927   1.00 19.89 ? 125 CYS A CB  1 
ATOM   735  S  SG  . CYS A 1 125 ? 13.437  -2.458  6.961   1.00 25.12 ? 125 CYS A SG  1 
ATOM   736  N  N   . ARG A 1 126 ? 17.290  0.158   5.520   1.00 17.46 ? 126 ARG A N   1 
ATOM   737  C  CA  . ARG A 1 126 ? 18.570  0.837   5.597   1.00 18.33 ? 126 ARG A CA  1 
ATOM   738  C  C   . ARG A 1 126 ? 18.476  1.901   6.687   1.00 20.05 ? 126 ARG A C   1 
ATOM   739  O  O   . ARG A 1 126 ? 17.392  2.202   7.191   1.00 17.94 ? 126 ARG A O   1 
ATOM   740  C  CB  . ARG A 1 126 ? 18.924  1.497   4.247   1.00 22.67 ? 126 ARG A CB  1 
ATOM   741  C  CG  . ARG A 1 126 ? 19.157  0.535   3.068   1.00 22.48 ? 126 ARG A CG  1 
ATOM   742  C  CD  . ARG A 1 126 ? 17.834  0.077   2.431   1.00 25.25 ? 126 ARG A CD  1 
ATOM   743  N  NE  . ARG A 1 126 ? 18.012  -0.643  1.162   1.00 26.31 ? 126 ARG A NE  1 
ATOM   744  C  CZ  . ARG A 1 126 ? 17.706  -0.148  -0.035  1.00 29.63 ? 126 ARG A CZ  1 
ATOM   745  N  NH1 . ARG A 1 126 ? 17.215  1.081   -0.144  1.00 30.43 ? 126 ARG A NH1 1 
ATOM   746  N  NH2 . ARG A 1 126 ? 17.898  -0.876  -1.134  1.00 30.10 ? 126 ARG A NH2 1 
ATOM   747  N  N   . ALA A 1 127 ? 19.619  2.460   7.062   1.00 19.23 ? 127 ALA A N   1 
ATOM   748  C  CA  . ALA A 1 127 ? 19.638  3.514   8.058   1.00 18.19 ? 127 ALA A CA  1 
ATOM   749  C  C   . ALA A 1 127 ? 19.030  4.775   7.462   1.00 20.24 ? 127 ALA A C   1 
ATOM   750  O  O   . ALA A 1 127 ? 19.352  5.159   6.329   1.00 22.39 ? 127 ALA A O   1 
ATOM   751  C  CB  . ALA A 1 127 ? 21.070  3.776   8.556   1.00 19.82 ? 127 ALA A CB  1 
ATOM   752  N  N   . GLY A 1 128 ? 18.147  5.415   8.223   1.00 17.07 ? 128 GLY A N   1 
ATOM   753  C  CA  . GLY A 1 128 ? 17.451  6.594   7.753   1.00 16.59 ? 128 GLY A CA  1 
ATOM   754  C  C   . GLY A 1 128 ? 17.914  7.872   8.412   1.00 18.99 ? 128 GLY A C   1 
ATOM   755  O  O   . GLY A 1 128 ? 17.424  8.953   8.083   1.00 17.06 ? 128 GLY A O   1 
ATOM   756  N  N   . GLY A 1 129 ? 18.858  7.751   9.343   1.00 16.38 ? 129 GLY A N   1 
ATOM   757  C  CA  . GLY A 1 129 ? 19.380  8.910   10.032  1.00 19.54 ? 129 GLY A CA  1 
ATOM   758  C  C   . GLY A 1 129 ? 18.801  9.075   11.422  1.00 19.05 ? 129 GLY A C   1 
ATOM   759  O  O   . GLY A 1 129 ? 17.587  8.995   11.620  1.00 16.87 ? 129 GLY A O   1 
ATOM   760  N  N   . LEU A 1 130 ? 19.685  9.315   12.385  1.00 19.67 ? 130 LEU A N   1 
ATOM   761  C  CA  . LEU A 1 130 ? 19.303  9.572   13.770  1.00 20.18 ? 130 LEU A CA  1 
ATOM   762  C  C   . LEU A 1 130 ? 18.300  8.541   14.255  1.00 17.86 ? 130 LEU A C   1 
ATOM   763  O  O   . LEU A 1 130 ? 17.266  8.887   14.810  1.00 17.48 ? 130 LEU A O   1 
ATOM   764  C  CB  . LEU A 1 130 ? 18.751  10.997  13.931  1.00 17.58 ? 130 LEU A CB  1 
ATOM   765  C  CG  . LEU A 1 130 ? 19.701  12.068  13.369  1.00 22.71 ? 130 LEU A CG  1 
ATOM   766  C  CD1 . LEU A 1 130 ? 19.174  13.478  13.604  1.00 24.85 ? 130 LEU A CD1 1 
ATOM   767  C  CD2 . LEU A 1 130 ? 21.099  11.922  13.965  1.00 24.49 ? 130 LEU A CD2 1 
ATOM   768  N  N   . GLY A 1 131 ? 18.609  7.270   14.017  1.00 18.84 ? 131 GLY A N   1 
ATOM   769  C  CA  . GLY A 1 131 ? 17.802  6.184   14.540  1.00 19.49 ? 131 GLY A CA  1 
ATOM   770  C  C   . GLY A 1 131 ? 16.724  5.643   13.620  1.00 19.63 ? 131 GLY A C   1 
ATOM   771  O  O   . GLY A 1 131 ? 16.227  4.540   13.835  1.00 18.77 ? 131 GLY A O   1 
ATOM   772  N  N   . ASP A 1 132 ? 16.346  6.415   12.603  1.00 18.22 ? 132 ASP A N   1 
ATOM   773  C  CA  . ASP A 1 132 ? 15.310  5.970   11.676  1.00 15.76 ? 132 ASP A CA  1 
ATOM   774  C  C   . ASP A 1 132 ? 15.744  4.762   10.863  1.00 17.85 ? 132 ASP A C   1 
ATOM   775  O  O   . ASP A 1 132 ? 16.937  4.494   10.700  1.00 15.89 ? 132 ASP A O   1 
ATOM   776  C  CB  . ASP A 1 132 ? 14.951  7.069   10.674  1.00 16.92 ? 132 ASP A CB  1 
ATOM   777  C  CG  . ASP A 1 132 ? 14.172  8.203   11.290  1.00 14.42 ? 132 ASP A CG  1 
ATOM   778  O  OD1 . ASP A 1 132 ? 13.785  8.115   12.484  1.00 15.01 ? 132 ASP A OD1 1 
ATOM   779  O  OD2 . ASP A 1 132 ? 13.942  9.187   10.549  1.00 15.34 ? 132 ASP A OD2 1 
ATOM   780  N  N   . PHE A 1 133 ? 14.740  4.067   10.330  1.00 19.93 ? 133 PHE A N   1 
ATOM   781  C  CA  . PHE A 1 133 ? 14.910  3.035   9.320   1.00 19.66 ? 133 PHE A CA  1 
ATOM   782  C  C   . PHE A 1 133 ? 14.215  3.547   8.072   1.00 20.01 ? 133 PHE A C   1 
ATOM   783  O  O   . PHE A 1 133 ? 13.192  4.216   8.177   1.00 20.27 ? 133 PHE A O   1 
ATOM   784  C  CB  . PHE A 1 133 ? 14.207  1.750   9.755   1.00 22.86 ? 133 PHE A CB  1 
ATOM   785  C  CG  . PHE A 1 133 ? 14.655  1.236   11.082  1.00 25.31 ? 133 PHE A CG  1 
ATOM   786  C  CD1 . PHE A 1 133 ? 15.814  0.492   11.187  1.00 28.96 ? 133 PHE A CD1 1 
ATOM   787  C  CD2 . PHE A 1 133 ? 13.921  1.499   12.233  1.00 23.84 ? 133 PHE A CD2 1 
ATOM   788  C  CE1 . PHE A 1 133 ? 16.241  0.018   12.413  1.00 29.90 ? 133 PHE A CE1 1 
ATOM   789  C  CE2 . PHE A 1 133 ? 14.342  1.027   13.456  1.00 27.30 ? 133 PHE A CE2 1 
ATOM   790  C  CZ  . PHE A 1 133 ? 15.502  0.284   13.547  1.00 31.26 ? 133 PHE A CZ  1 
ATOM   791  N  N   . ILE A 1 134 ? 14.768  3.246   6.900   1.00 16.71 ? 134 ILE A N   1 
ATOM   792  C  CA  . ILE A 1 134 ? 14.065  3.446   5.631   1.00 17.26 ? 134 ILE A CA  1 
ATOM   793  C  C   . ILE A 1 134 ? 13.940  2.071   4.992   1.00 19.37 ? 134 ILE A C   1 
ATOM   794  O  O   . ILE A 1 134 ? 14.946  1.474   4.594   1.00 17.82 ? 134 ILE A O   1 
ATOM   795  C  CB  . ILE A 1 134 ? 14.849  4.353   4.678   1.00 20.76 ? 134 ILE A CB  1 
ATOM   796  C  CG1 . ILE A 1 134 ? 14.852  5.791   5.187   1.00 22.64 ? 134 ILE A CG1 1 
ATOM   797  C  CG2 . ILE A 1 134 ? 14.227  4.346   3.285   1.00 25.30 ? 134 ILE A CG2 1 
ATOM   798  C  CD1 . ILE A 1 134 ? 15.837  6.671   4.451   1.00 27.08 ? 134 ILE A CD1 1 
ATOM   799  N  N   . CYS A 1 135 ? 12.719  1.559   4.904   1.00 17.82 ? 135 CYS A N   1 
ATOM   800  C  CA  . CYS A 1 135 ? 12.507  0.212   4.393   1.00 19.00 ? 135 CYS A CA  1 
ATOM   801  C  C   . CYS A 1 135 ? 11.902  0.302   2.994   1.00 21.11 ? 135 CYS A C   1 
ATOM   802  O  O   . CYS A 1 135 ? 10.846  0.904   2.801   1.00 20.14 ? 135 CYS A O   1 
ATOM   803  C  CB  . CYS A 1 135 ? 11.625  -0.593  5.347   1.00 20.53 ? 135 CYS A CB  1 
ATOM   804  S  SG  . CYS A 1 135 ? 12.313  -0.753  7.032   1.00 26.34 ? 135 CYS A SG  1 
ATOM   805  N  N   . GLN A 1 136 ? 12.591  -0.295  2.025   1.00 15.90 ? 136 GLN A N   1 
ATOM   806  C  CA  . GLN A 1 136 ? 12.320  -0.004  0.626   1.00 15.80 ? 136 GLN A CA  1 
ATOM   807  C  C   . GLN A 1 136 ? 12.052  -1.271  -0.178  1.00 18.47 ? 136 GLN A C   1 
ATOM   808  O  O   . GLN A 1 136 ? 12.786  -2.244  -0.080  1.00 16.63 ? 136 GLN A O   1 
ATOM   809  C  CB  . GLN A 1 136 ? 13.519  0.718   0.028   1.00 20.70 ? 136 GLN A CB  1 
ATOM   810  C  CG  . GLN A 1 136 ? 13.191  1.695   -1.078  1.00 27.67 ? 136 GLN A CG  1 
ATOM   811  C  CD  . GLN A 1 136 ? 13.436  3.137   -0.659  1.00 31.75 ? 136 GLN A CD  1 
ATOM   812  O  OE1 . GLN A 1 136 ? 12.538  3.975   -0.743  1.00 37.85 ? 136 GLN A OE1 1 
ATOM   813  N  NE2 . GLN A 1 136 ? 14.655  3.434   -0.209  1.00 31.08 ? 136 GLN A NE2 1 
ATOM   814  N  N   . GLN A 1 137 ? 10.995  -1.234  -0.980  1.00 17.26 ? 137 GLN A N   1 
ATOM   815  C  CA  . GLN A 1 137 ? 10.702  -2.280  -1.952  1.00 16.74 ? 137 GLN A CA  1 
ATOM   816  C  C   . GLN A 1 137 ? 11.830  -2.383  -2.966  1.00 18.46 ? 137 GLN A C   1 
ATOM   817  O  O   . GLN A 1 137 ? 12.354  -1.365  -3.435  1.00 19.31 ? 137 GLN A O   1 
ATOM   818  C  CB  . GLN A 1 137 ? 9.402   -1.925  -2.669  1.00 19.16 ? 137 GLN A CB  1 
ATOM   819  C  CG  . GLN A 1 137 ? 9.049   -2.787  -3.863  1.00 20.23 ? 137 GLN A CG  1 
ATOM   820  C  CD  . GLN A 1 137 ? 7.750   -2.329  -4.468  1.00 20.85 ? 137 GLN A CD  1 
ATOM   821  O  OE1 . GLN A 1 137 ? 7.375   -1.164  -4.328  1.00 17.36 ? 137 GLN A OE1 1 
ATOM   822  N  NE2 . GLN A 1 137 ? 7.034   -3.247  -5.121  1.00 22.33 ? 137 GLN A NE2 1 
ATOM   823  N  N   . GLN A 1 138 ? 12.184  -3.607  -3.330  1.00 21.30 ? 138 GLN A N   1 
ATOM   824  C  CA  . GLN A 1 138 ? 13.300  -3.827  -4.241  1.00 25.16 ? 138 GLN A CA  1 
ATOM   825  C  C   . GLN A 1 138 ? 12.846  -4.230  -5.649  1.00 31.56 ? 138 GLN A C   1 
ATOM   826  O  O   . GLN A 1 138 ? 13.520  -3.925  -6.644  1.00 30.78 ? 138 GLN A O   1 
ATOM   827  C  CB  . GLN A 1 138 ? 14.254  -4.867  -3.652  1.00 27.28 ? 138 GLN A CB  1 
ATOM   828  C  CG  . GLN A 1 138 ? 14.979  -4.380  -2.416  1.00 26.19 ? 138 GLN A CG  1 
ATOM   829  C  CD  . GLN A 1 138 ? 15.695  -3.061  -2.653  1.00 24.25 ? 138 GLN A CD  1 
ATOM   830  O  OE1 . GLN A 1 138 ? 16.611  -2.972  -3.481  1.00 21.21 ? 138 GLN A OE1 1 
ATOM   831  N  NE2 . GLN A 1 138 ? 15.280  -2.024  -1.927  1.00 23.92 ? 138 GLN A NE2 1 
ATOM   832  N  N   . ASN A 1 139 ? 11.697  -4.894  -5.730  1.00 36.72 ? 139 ASN A N   1 
ATOM   833  C  CA  . ASN A 1 139 ? 11.130  -5.299  -7.011  1.00 37.27 ? 139 ASN A CA  1 
ATOM   834  C  C   . ASN A 1 139 ? 9.653   -4.932  -7.075  1.00 35.50 ? 139 ASN A C   1 
ATOM   835  O  O   . ASN A 1 139 ? 8.923   -5.215  -6.137  1.00 30.17 ? 139 ASN A O   1 
ATOM   836  C  CB  . ASN A 1 139 ? 11.316  -6.811  -7.221  1.00 39.19 ? 139 ASN A CB  1 
ATOM   837  C  CG  . ASN A 1 139 ? 11.277  -7.610  -5.907  1.00 37.26 ? 139 ASN A CG  1 
ATOM   838  O  OD1 . ASN A 1 139 ? 10.204  -7.926  -5.398  1.00 37.80 ? 139 ASN A OD1 1 
ATOM   839  N  ND2 . ASN A 1 139 ? 12.457  -7.962  -5.374  1.00 33.38 ? 139 ASN A ND2 1 
ATOM   840  N  N   . PRO A 1 140 ? 9.208   -4.280  -8.169  1.00 39.78 ? 140 PRO A N   1 
ATOM   841  C  CA  . PRO A 1 140 ? 7.761   -4.058  -8.297  1.00 36.11 ? 140 PRO A CA  1 
ATOM   842  C  C   . PRO A 1 140 ? 6.977   -5.355  -8.080  1.00 33.98 ? 140 PRO A C   1 
ATOM   843  O  O   . PRO A 1 140 ? 7.463   -6.452  -8.374  1.00 34.88 ? 140 PRO A O   1 
ATOM   844  C  CB  . PRO A 1 140 ? 7.607   -3.546  -9.730  1.00 40.10 ? 140 PRO A CB  1 
ATOM   845  C  CG  . PRO A 1 140 ? 8.894   -2.826  -9.988  1.00 38.55 ? 140 PRO A CG  1 
ATOM   846  C  CD  . PRO A 1 140 ? 9.965   -3.603  -9.238  1.00 40.17 ? 140 PRO A CD  1 
ATOM   847  N  N   . THR A 1 141 ? 5.797   -5.213  -7.495  1.00 26.72 ? 141 THR A N   1 
ATOM   848  C  CA  . THR A 1 141 ? 4.970   -6.348  -7.129  1.00 22.51 ? 141 THR A CA  1 
ATOM   849  C  C   . THR A 1 141 ? 3.569   -6.018  -7.606  1.00 23.85 ? 141 THR A C   1 
ATOM   850  O  O   . THR A 1 141 ? 3.230   -4.849  -7.778  1.00 26.76 ? 141 THR A O   1 
ATOM   851  C  CB  . THR A 1 141 ? 4.941   -6.564  -5.596  1.00 29.41 ? 141 THR A CB  1 
ATOM   852  O  OG1 . THR A 1 141 ? 4.132   -5.563  -4.982  1.00 29.27 ? 141 THR A OG1 1 
ATOM   853  C  CG2 . THR A 1 141 ? 6.340   -6.479  -5.000  1.00 21.83 ? 141 THR A CG2 1 
ATOM   854  N  N   . THR A 1 142 ? 2.757   -7.040  -7.827  1.00 17.15 ? 142 THR A N   1 
ATOM   855  C  CA  . THR A 1 142 ? 1.394   -6.821  -8.274  1.00 17.29 ? 142 THR A CA  1 
ATOM   856  C  C   . THR A 1 142 ? 0.450   -7.302  -7.205  1.00 16.78 ? 142 THR A C   1 
ATOM   857  O  O   . THR A 1 142 ? 0.619   -8.399  -6.682  1.00 18.57 ? 142 THR A O   1 
ATOM   858  C  CB  . THR A 1 142 ? 1.107   -7.575  -9.578  1.00 19.97 ? 142 THR A CB  1 
ATOM   859  O  OG1 . THR A 1 142 ? 2.024   -7.135  -10.581 1.00 21.98 ? 142 THR A OG1 1 
ATOM   860  C  CG2 . THR A 1 142 ? -0.326  -7.293  -10.067 1.00 17.86 ? 142 THR A CG2 1 
ATOM   861  N  N   . ILE A 1 143 ? -0.536  -6.476  -6.869  1.00 16.35 ? 143 ILE A N   1 
ATOM   862  C  CA  . ILE A 1 143 ? -1.603  -6.886  -5.976  1.00 13.53 ? 143 ILE A CA  1 
ATOM   863  C  C   . ILE A 1 143 ? -2.936  -6.888  -6.728  1.00 15.36 ? 143 ILE A C   1 
ATOM   864  O  O   . ILE A 1 143 ? -3.299  -5.898  -7.365  1.00 14.92 ? 143 ILE A O   1 
ATOM   865  C  CB  . ILE A 1 143 ? -1.676  -5.958  -4.736  1.00 16.92 ? 143 ILE A CB  1 
ATOM   866  C  CG1 . ILE A 1 143 ? -0.369  -6.095  -3.945  1.00 17.47 ? 143 ILE A CG1 1 
ATOM   867  C  CG2 . ILE A 1 143 ? -2.882  -6.309  -3.883  1.00 16.78 ? 143 ILE A CG2 1 
ATOM   868  C  CD1 . ILE A 1 143 ? -0.207  -5.154  -2.774  1.00 16.88 ? 143 ILE A CD1 1 
ATOM   869  N  N   . VAL A 1 144 ? -3.648  -8.011  -6.686  1.00 16.09 ? 144 VAL A N   1 
ATOM   870  C  CA  . VAL A 1 144 ? -4.941  -8.100  -7.365  1.00 14.99 ? 144 VAL A CA  1 
ATOM   871  C  C   . VAL A 1 144 ? -6.047  -7.622  -6.438  1.00 16.94 ? 144 VAL A C   1 
ATOM   872  O  O   . VAL A 1 144 ? -6.163  -8.086  -5.300  1.00 17.27 ? 144 VAL A O   1 
ATOM   873  C  CB  . VAL A 1 144 ? -5.256  -9.553  -7.790  1.00 18.82 ? 144 VAL A CB  1 
ATOM   874  C  CG1 . VAL A 1 144 ? -6.655  -9.645  -8.374  1.00 20.06 ? 144 VAL A CG1 1 
ATOM   875  C  CG2 . VAL A 1 144 ? -4.220  -10.055 -8.764  1.00 19.64 ? 144 VAL A CG2 1 
ATOM   876  N  N   . ILE A 1 145 ? -6.852  -6.685  -6.918  1.00 16.53 ? 145 ILE A N   1 
ATOM   877  C  CA  . ILE A 1 145 ? -8.037  -6.268  -6.184  1.00 16.12 ? 145 ILE A CA  1 
ATOM   878  C  C   . ILE A 1 145 ? -9.306  -6.673  -6.934  1.00 16.66 ? 145 ILE A C   1 
ATOM   879  O  O   . ILE A 1 145 ? -9.313  -6.828  -8.166  1.00 14.97 ? 145 ILE A O   1 
ATOM   880  C  CB  . ILE A 1 145 ? -8.028  -4.749  -5.873  1.00 13.67 ? 145 ILE A CB  1 
ATOM   881  C  CG1 . ILE A 1 145 ? -8.152  -3.917  -7.149  1.00 16.47 ? 145 ILE A CG1 1 
ATOM   882  C  CG2 . ILE A 1 145 ? -6.726  -4.376  -5.134  1.00 14.08 ? 145 ILE A CG2 1 
ATOM   883  C  CD1 . ILE A 1 145 ? -8.092  -2.405  -6.888  1.00 13.59 ? 145 ILE A CD1 1 
ATOM   884  N  N   . ASP A 1 146 ? -10.379 -6.857  -6.181  1.00 14.11 ? 146 ASP A N   1 
ATOM   885  C  CA  . ASP A 1 146 ? -11.648 -7.260  -6.767  1.00 16.01 ? 146 ASP A CA  1 
ATOM   886  C  C   . ASP A 1 146 ? -12.773 -6.907  -5.812  1.00 17.88 ? 146 ASP A C   1 
ATOM   887  O  O   . ASP A 1 146 ? -12.542 -6.277  -4.777  1.00 15.57 ? 146 ASP A O   1 
ATOM   888  C  CB  . ASP A 1 146 ? -11.632 -8.757  -7.122  1.00 17.75 ? 146 ASP A CB  1 
ATOM   889  C  CG  . ASP A 1 146 ? -11.389 -9.658  -5.918  1.00 23.08 ? 146 ASP A CG  1 
ATOM   890  O  OD1 . ASP A 1 146 ? -11.814 -9.316  -4.806  1.00 18.85 ? 146 ASP A OD1 1 
ATOM   891  O  OD2 . ASP A 1 146 ? -10.777 -10.732 -6.084  1.00 23.58 ? 146 ASP A OD2 1 
ATOM   892  N  N   . SER A 1 147 ? -13.993 -7.315  -6.135  1.00 19.15 ? 147 SER A N   1 
ATOM   893  C  CA  . SER A 1 147 ? -15.127 -6.929  -5.300  1.00 17.89 ? 147 SER A CA  1 
ATOM   894  C  C   . SER A 1 147 ? -15.460 -7.969  -4.243  1.00 21.20 ? 147 SER A C   1 
ATOM   895  O  O   . SER A 1 147 ? -16.557 -7.954  -3.683  1.00 25.42 ? 147 SER A O   1 
ATOM   896  C  CB  . SER A 1 147 ? -16.362 -6.683  -6.155  1.00 19.27 ? 147 SER A CB  1 
ATOM   897  O  OG  . SER A 1 147 ? -16.784 -7.903  -6.729  1.00 22.06 ? 147 SER A OG  1 
ATOM   898  N  N   . LEU A 1 148 ? -14.541 -8.886  -3.980  1.00 21.24 ? 148 LEU A N   1 
ATOM   899  C  CA  . LEU A 1 148 ? -14.755 -9.830  -2.901  1.00 26.38 ? 148 LEU A CA  1 
ATOM   900  C  C   . LEU A 1 148 ? -14.046 -9.357  -1.636  1.00 28.38 ? 148 LEU A C   1 
ATOM   901  O  O   . LEU A 1 148 ? -13.025 -8.666  -1.710  1.00 26.52 ? 148 LEU A O   1 
ATOM   902  C  CB  . LEU A 1 148 ? -14.264 -11.219 -3.286  1.00 26.16 ? 148 LEU A CB  1 
ATOM   903  C  CG  . LEU A 1 148 ? -14.903 -11.804 -4.541  1.00 26.87 ? 148 LEU A CG  1 
ATOM   904  C  CD1 . LEU A 1 148 ? -14.238 -13.120 -4.874  1.00 31.22 ? 148 LEU A CD1 1 
ATOM   905  C  CD2 . LEU A 1 148 ? -16.396 -11.987 -4.326  1.00 27.86 ? 148 LEU A CD2 1 
ATOM   906  N  N   . PRO A 1 149 ? -14.590 -9.725  -0.469  1.00 28.98 ? 149 PRO A N   1 
ATOM   907  C  CA  . PRO A 1 149 ? -13.936 -9.392  0.800   1.00 31.96 ? 149 PRO A CA  1 
ATOM   908  C  C   . PRO A 1 149 ? -12.751 -10.323 1.039   1.00 34.82 ? 149 PRO A C   1 
ATOM   909  O  O   . PRO A 1 149 ? -12.416 -11.120 0.154   1.00 31.35 ? 149 PRO A O   1 
ATOM   910  C  CB  . PRO A 1 149 ? -15.037 -9.654  1.828   1.00 31.78 ? 149 PRO A CB  1 
ATOM   911  C  CG  . PRO A 1 149 ? -15.875 -10.740 1.205   1.00 30.27 ? 149 PRO A CG  1 
ATOM   912  C  CD  . PRO A 1 149 ? -15.842 -10.484 -0.276  1.00 29.29 ? 149 PRO A CD  1 
ATOM   913  N  N   . ASP A 1 150 ? -12.129 -10.221 2.212   1.00 41.18 ? 150 ASP A N   1 
ATOM   914  C  CA  . ASP A 1 150 ? -10.968 -11.040 2.542   1.00 44.41 ? 150 ASP A CA  1 
ATOM   915  C  C   . ASP A 1 150 ? -11.318 -12.521 2.588   1.00 47.62 ? 150 ASP A C   1 
ATOM   916  O  O   . ASP A 1 150 ? -12.401 -12.897 3.043   1.00 44.02 ? 150 ASP A O   1 
ATOM   917  C  CB  . ASP A 1 150 ? -10.378 -10.619 3.891   1.00 45.02 ? 150 ASP A CB  1 
ATOM   918  C  CG  . ASP A 1 150 ? -9.616  -9.312  3.816   1.00 43.95 ? 150 ASP A CG  1 
ATOM   919  O  OD1 . ASP A 1 150 ? -8.765  -9.163  2.913   1.00 46.88 ? 150 ASP A OD1 1 
ATOM   920  O  OD2 . ASP A 1 150 ? -9.875  -8.429  4.661   1.00 48.82 ? 150 ASP A OD2 1 
ATOM   921  N  N   . ALA A 1 151 ? -10.395 -13.354 2.110   1.00 52.59 ? 151 ALA A N   1 
ATOM   922  C  CA  . ALA A 1 151 ? -10.500 -14.799 2.274   1.00 53.03 ? 151 ALA A CA  1 
ATOM   923  C  C   . ALA A 1 151 ? -10.368 -15.115 3.760   1.00 49.30 ? 151 ALA A C   1 
ATOM   924  O  O   . ALA A 1 151 ? -9.679  -14.394 4.487   1.00 52.50 ? 151 ALA A O   1 
ATOM   925  C  CB  . ALA A 1 151 ? -9.415  -15.504 1.476   1.00 54.92 ? 151 ALA A CB  1 
ATOM   926  N  N   . PRO A 1 152 ? -11.036 -16.180 4.226   1.00 48.39 ? 152 PRO A N   1 
ATOM   927  C  CA  . PRO A 1 152 ? -11.001 -16.470 5.666   1.00 50.54 ? 152 PRO A CA  1 
ATOM   928  C  C   . PRO A 1 152 ? -9.593  -16.841 6.123   1.00 49.02 ? 152 PRO A C   1 
ATOM   929  O  O   . PRO A 1 152 ? -9.454  -17.783 6.897   1.00 47.81 ? 152 PRO A O   1 
ATOM   930  C  CB  . PRO A 1 152 ? -11.939 -17.676 5.814   1.00 40.04 ? 152 PRO A CB  1 
ATOM   931  C  CG  . PRO A 1 152 ? -12.707 -17.752 4.531   1.00 40.32 ? 152 PRO A CG  1 
ATOM   932  C  CD  . PRO A 1 152 ? -11.826 -17.172 3.476   1.00 46.43 ? 152 PRO A CD  1 
HETATM 933  CA CA  . CA  B 2 .   ? -11.085 -8.374  -2.787  1.00 53.58 ? 201 CA  A CA  1 
HETATM 934  CL CL  . CL  C 3 .   ? -9.958  -9.882  -1.145  1.00 78.22 ? 202 CL  A CL  1 
HETATM 935  O  O   . HOH D 4 .   ? 8.647   5.793   -2.460  1.00 26.83 ? 301 HOH A O   1 
HETATM 936  O  O   . HOH D 4 .   ? 0.270   -5.961  -12.971 1.00 33.35 ? 302 HOH A O   1 
HETATM 937  O  O   . HOH D 4 .   ? -19.854 5.142   -5.169  1.00 32.05 ? 303 HOH A O   1 
HETATM 938  O  O   . HOH D 4 .   ? 16.935  -1.495  -5.186  1.00 32.57 ? 304 HOH A O   1 
HETATM 939  O  O   . HOH D 4 .   ? 5.241   8.511   -10.916 1.00 33.13 ? 305 HOH A O   1 
HETATM 940  O  O   . HOH D 4 .   ? 8.526   -6.919  -10.438 1.00 33.68 ? 306 HOH A O   1 
HETATM 941  O  O   . HOH D 4 .   ? 5.979   10.554  13.809  1.00 27.72 ? 307 HOH A O   1 
HETATM 942  O  O   . HOH D 4 .   ? -15.073 -11.618 -9.530  1.00 36.24 ? 308 HOH A O   1 
HETATM 943  O  O   . HOH D 4 .   ? -11.345 8.325   -14.031 1.00 36.68 ? 309 HOH A O   1 
HETATM 944  O  O   . HOH D 4 .   ? -2.042  2.085   -15.785 1.00 30.43 ? 310 HOH A O   1 
HETATM 945  O  O   . HOH D 4 .   ? -7.563  0.713   7.998   1.00 34.23 ? 311 HOH A O   1 
HETATM 946  O  O   . HOH D 4 .   ? -1.309  -7.113  10.617  1.00 33.27 ? 312 HOH A O   1 
HETATM 947  O  O   . HOH D 4 .   ? -14.103 -12.924 -10.975 1.00 31.77 ? 313 HOH A O   1 
HETATM 948  O  O   . HOH D 4 .   ? -0.843  -10.165 5.074   1.00 29.79 ? 314 HOH A O   1 
HETATM 949  O  O   . HOH D 4 .   ? -11.484 -6.519  4.700   1.00 34.01 ? 315 HOH A O   1 
HETATM 950  O  O   . HOH D 4 .   ? -4.858  11.503  1.144   1.00 28.37 ? 316 HOH A O   1 
HETATM 951  O  O   . HOH D 4 .   ? -7.995  -13.126 -10.464 1.00 34.34 ? 317 HOH A O   1 
HETATM 952  O  O   . HOH D 4 .   ? -3.209  -3.131  5.077   1.00 22.19 ? 318 HOH A O   1 
HETATM 953  O  O   . HOH D 4 .   ? 0.966   15.553  6.746   1.00 35.77 ? 319 HOH A O   1 
HETATM 954  O  O   . HOH D 4 .   ? -17.249 1.835   -6.237  1.00 21.17 ? 320 HOH A O   1 
HETATM 955  O  O   . HOH D 4 .   ? -3.371  -6.550  7.318   1.00 31.59 ? 321 HOH A O   1 
HETATM 956  O  O   . HOH D 4 .   ? 2.662   1.997   -14.798 1.00 33.58 ? 322 HOH A O   1 
HETATM 957  O  O   . HOH D 4 .   ? -10.638 5.663   -11.185 1.00 19.90 ? 323 HOH A O   1 
HETATM 958  O  O   . HOH D 4 .   ? -8.427  -15.566 -13.658 1.00 34.56 ? 324 HOH A O   1 
HETATM 959  O  O   . HOH D 4 .   ? 6.924   -0.859  13.703  1.00 25.42 ? 325 HOH A O   1 
HETATM 960  O  O   . HOH D 4 .   ? 6.374   12.071  11.030  1.00 24.25 ? 326 HOH A O   1 
HETATM 961  O  O   . HOH D 4 .   ? 4.568   14.522  1.666   1.00 29.66 ? 327 HOH A O   1 
HETATM 962  O  O   . HOH D 4 .   ? 12.394  -3.895  10.264  1.00 34.11 ? 328 HOH A O   1 
HETATM 963  O  O   . HOH D 4 .   ? -4.372  -11.157 -0.626  1.00 33.89 ? 329 HOH A O   1 
HETATM 964  O  O   . HOH D 4 .   ? 8.030   -5.262  4.303   1.00 19.05 ? 330 HOH A O   1 
HETATM 965  O  O   . HOH D 4 .   ? 9.986   -6.197  -2.765  1.00 27.58 ? 331 HOH A O   1 
HETATM 966  O  O   . HOH D 4 .   ? -6.324  7.613   -10.823 1.00 25.45 ? 332 HOH A O   1 
HETATM 967  O  O   . HOH D 4 .   ? 4.468   3.959   -13.886 1.00 33.16 ? 333 HOH A O   1 
HETATM 968  O  O   . HOH D 4 .   ? 17.264  2.557   15.279  1.00 26.55 ? 334 HOH A O   1 
HETATM 969  O  O   . HOH D 4 .   ? -4.265  6.847   9.232   1.00 25.95 ? 335 HOH A O   1 
HETATM 970  O  O   . HOH D 4 .   ? -9.533  -4.948  -15.129 1.00 32.00 ? 336 HOH A O   1 
HETATM 971  O  O   . HOH D 4 .   ? 14.418  7.516   15.010  1.00 18.45 ? 337 HOH A O   1 
HETATM 972  O  O   . HOH D 4 .   ? -14.873 -8.877  -8.480  1.00 22.60 ? 338 HOH A O   1 
HETATM 973  O  O   . HOH D 4 .   ? 5.333   13.973  13.169  1.00 29.28 ? 339 HOH A O   1 
HETATM 974  O  O   . HOH D 4 .   ? -12.170 -11.832 -17.342 1.00 24.03 ? 340 HOH A O   1 
HETATM 975  O  O   . HOH D 4 .   ? -11.447 -8.463  -15.234 1.00 28.01 ? 341 HOH A O   1 
HETATM 976  O  O   . HOH D 4 .   ? -3.392  -11.202 -12.132 1.00 28.02 ? 342 HOH A O   1 
HETATM 977  O  O   . HOH D 4 .   ? 2.441   6.544   12.618  1.00 23.68 ? 343 HOH A O   1 
HETATM 978  O  O   . HOH D 4 .   ? -10.494 -11.546 -3.513  1.00 35.07 ? 344 HOH A O   1 
HETATM 979  O  O   . HOH D 4 .   ? 4.895   -4.490  10.613  1.00 30.49 ? 345 HOH A O   1 
HETATM 980  O  O   . HOH D 4 .   ? 1.070   2.232   -16.205 1.00 36.32 ? 346 HOH A O   1 
HETATM 981  O  O   . HOH D 4 .   ? -8.775  1.681   -18.214 1.00 32.44 ? 347 HOH A O   1 
HETATM 982  O  O   . HOH D 4 .   ? -1.543  -8.813  7.572   1.00 32.91 ? 348 HOH A O   1 
HETATM 983  O  O   . HOH D 4 .   ? -4.483  13.033  -7.812  1.00 30.14 ? 349 HOH A O   1 
HETATM 984  O  O   . HOH D 4 .   ? -3.727  2.359   14.485  1.00 30.57 ? 350 HOH A O   1 
HETATM 985  O  O   . HOH D 4 .   ? -0.761  11.973  -4.417  1.00 34.10 ? 351 HOH A O   1 
HETATM 986  O  O   . HOH D 4 .   ? 16.461  -5.255  5.799   1.00 29.36 ? 352 HOH A O   1 
HETATM 987  O  O   . HOH D 4 .   ? -1.388  11.421  -6.036  1.00 27.34 ? 353 HOH A O   1 
HETATM 988  O  O   . HOH D 4 .   ? -17.831 5.460   -12.419 1.00 20.43 ? 354 HOH A O   1 
HETATM 989  O  O   . HOH D 4 .   ? 4.198   -9.420  -8.118  1.00 31.68 ? 355 HOH A O   1 
HETATM 990  O  O   . HOH D 4 .   ? 6.606   -2.446  11.545  1.00 26.64 ? 356 HOH A O   1 
HETATM 991  O  O   . HOH D 4 .   ? 11.340  -5.074  6.413   1.00 23.12 ? 357 HOH A O   1 
HETATM 992  O  O   . HOH D 4 .   ? -7.580  10.322  2.743   1.00 31.17 ? 358 HOH A O   1 
HETATM 993  O  O   . HOH D 4 .   ? -2.129  8.307   -12.834 1.00 24.15 ? 359 HOH A O   1 
HETATM 994  O  O   . HOH D 4 .   ? -15.203 -18.200 -12.622 1.00 35.14 ? 360 HOH A O   1 
HETATM 995  O  O   . HOH D 4 .   ? 0.663   13.775  12.485  1.00 32.19 ? 361 HOH A O   1 
HETATM 996  O  O   . HOH D 4 .   ? 20.433  -7.431  3.771   1.00 25.80 ? 362 HOH A O   1 
HETATM 997  O  O   . HOH D 4 .   ? -1.668  10.133  -0.908  1.00 24.61 ? 363 HOH A O   1 
HETATM 998  O  O   . HOH D 4 .   ? 15.067  10.641  14.415  0.50 16.19 ? 364 HOH A O   1 
HETATM 999  O  O   . HOH D 4 .   ? -10.467 6.724   6.439   1.00 33.06 ? 365 HOH A O   1 
HETATM 1000 O  O   . HOH D 4 .   ? 1.029   -11.083 -0.149  1.00 29.51 ? 366 HOH A O   1 
HETATM 1001 O  O   . HOH D 4 .   ? 8.069   9.140   15.215  1.00 25.35 ? 367 HOH A O   1 
HETATM 1002 O  O   . HOH D 4 .   ? -8.204  -9.791  -4.239  1.00 32.36 ? 368 HOH A O   1 
HETATM 1003 O  O   . HOH D 4 .   ? -10.651 11.816  -4.261  1.00 33.59 ? 369 HOH A O   1 
HETATM 1004 O  O   . HOH D 4 .   ? -6.294  -5.002  -14.473 1.00 21.79 ? 370 HOH A O   1 
HETATM 1005 O  O   . HOH D 4 .   ? -6.924  -5.112  5.485   1.00 36.04 ? 371 HOH A O   1 
HETATM 1006 O  O   . HOH D 4 .   ? -9.050  7.812   -9.958  1.00 20.70 ? 372 HOH A O   1 
HETATM 1007 O  O   . HOH D 4 .   ? 3.330   1.672   -10.084 1.00 20.56 ? 373 HOH A O   1 
HETATM 1008 O  O   . HOH D 4 .   ? -0.079  12.776  5.411   1.00 25.66 ? 374 HOH A O   1 
HETATM 1009 O  O   . HOH D 4 .   ? -0.477  12.825  -1.862  1.00 33.07 ? 375 HOH A O   1 
HETATM 1010 O  O   . HOH D 4 .   ? -11.200 14.236  -5.812  1.00 42.98 ? 376 HOH A O   1 
HETATM 1011 O  O   . HOH D 4 .   ? 9.904   -0.694  -7.227  1.00 21.04 ? 377 HOH A O   1 
HETATM 1012 O  O   . HOH D 4 .   ? 7.781   9.084   17.998  1.00 30.95 ? 378 HOH A O   1 
HETATM 1013 O  O   . HOH D 4 .   ? -0.683  2.601   15.432  1.00 38.35 ? 379 HOH A O   1 
HETATM 1014 O  O   . HOH D 4 .   ? -4.763  -9.967  -3.214  1.00 34.14 ? 380 HOH A O   1 
HETATM 1015 O  O   . HOH D 4 .   ? -3.914  -2.161  -14.462 1.00 26.30 ? 381 HOH A O   1 
HETATM 1016 O  O   . HOH D 4 .   ? 0.328   11.384  -8.372  1.00 23.76 ? 382 HOH A O   1 
HETATM 1017 O  O   . HOH D 4 .   ? -2.625  -10.412 -5.324  1.00 22.06 ? 383 HOH A O   1 
HETATM 1018 O  O   . HOH D 4 .   ? -7.556  -1.576  6.273   1.00 30.50 ? 384 HOH A O   1 
HETATM 1019 O  O   . HOH D 4 .   ? 7.607   4.546   -10.601 1.00 38.71 ? 385 HOH A O   1 
HETATM 1020 O  O   . HOH D 4 .   ? -1.105  -3.929  11.763  1.00 29.11 ? 386 HOH A O   1 
HETATM 1021 O  O   . HOH D 4 .   ? 3.050   3.943   14.048  1.00 26.52 ? 387 HOH A O   1 
HETATM 1022 O  O   . HOH D 4 .   ? -5.368  4.252   12.401  1.00 28.93 ? 388 HOH A O   1 
HETATM 1023 O  O   . HOH D 4 .   ? 11.616  -13.574 -0.111  1.00 41.76 ? 389 HOH A O   1 
HETATM 1024 O  O   . HOH D 4 .   ? 10.245  11.029  5.308   0.50 23.70 ? 390 HOH A O   1 
HETATM 1025 O  O   . HOH D 4 .   ? 8.781   -13.250 8.851   1.00 41.42 ? 391 HOH A O   1 
HETATM 1026 O  O   . HOH D 4 .   ? 12.329  -0.767  16.701  1.00 38.77 ? 392 HOH A O   1 
HETATM 1027 O  O   . HOH D 4 .   ? -6.432  -9.807  -1.488  1.00 30.89 ? 393 HOH A O   1 
HETATM 1028 O  O   . HOH D 4 .   ? 3.358   10.756  -8.863  1.00 27.17 ? 394 HOH A O   1 
HETATM 1029 O  O   . HOH D 4 .   ? 15.837  8.766   17.522  1.00 25.60 ? 395 HOH A O   1 
HETATM 1030 O  O   . HOH D 4 .   ? -9.481  4.120   -17.359 1.00 30.24 ? 396 HOH A O   1 
HETATM 1031 O  O   . HOH D 4 .   ? -3.698  -5.501  -15.876 1.00 33.13 ? 397 HOH A O   1 
HETATM 1032 O  O   . HOH D 4 .   ? 11.209  9.670   3.862   1.00 20.45 ? 398 HOH A O   1 
HETATM 1033 O  O   . HOH D 4 .   ? 15.188  -7.834  3.622   1.00 34.19 ? 399 HOH A O   1 
HETATM 1034 O  O   . HOH D 4 .   ? -1.370  -10.365 -11.631 1.00 35.68 ? 400 HOH A O   1 
HETATM 1035 O  O   . HOH D 4 .   ? -12.788 7.498   4.970   1.00 38.08 ? 401 HOH A O   1 
HETATM 1036 O  O   . HOH D 4 .   ? 10.140  -7.362  4.828   1.00 29.80 ? 402 HOH A O   1 
HETATM 1037 O  O   . HOH D 4 .   ? -18.448 2.791   -2.910  1.00 33.97 ? 403 HOH A O   1 
HETATM 1038 O  O   . HOH D 4 .   ? -11.075 9.605   5.509   1.00 43.63 ? 404 HOH A O   1 
HETATM 1039 O  O   . HOH D 4 .   ? -10.113 10.204  -10.428 1.00 33.45 ? 405 HOH A O   1 
HETATM 1040 O  O   . HOH D 4 .   ? 4.987   3.694   -11.169 1.00 26.07 ? 406 HOH A O   1 
HETATM 1041 O  O   . HOH D 4 .   ? -16.214 2.420   -3.165  1.00 36.41 ? 407 HOH A O   1 
HETATM 1042 O  O   . HOH D 4 .   ? 4.404   -0.192  -11.398 1.00 30.09 ? 408 HOH A O   1 
HETATM 1043 O  O   . HOH D 4 .   ? -5.499  -2.348  7.104   1.00 28.89 ? 409 HOH A O   1 
HETATM 1044 O  O   . HOH D 4 .   ? -15.436 6.596   -11.733 0.50 27.35 ? 410 HOH A O   1 
HETATM 1045 O  O   . HOH D 4 .   ? -22.577 4.038   -2.711  1.00 33.59 ? 411 HOH A O   1 
HETATM 1046 O  O   . HOH D 4 .   ? -5.436  -12.948 -11.088 1.00 35.32 ? 412 HOH A O   1 
HETATM 1047 O  O   . HOH D 4 .   ? -1.417  -5.031  -15.923 1.00 36.96 ? 413 HOH A O   1 
HETATM 1048 O  O   . HOH D 4 .   ? -5.346  -4.898  9.592   1.00 38.29 ? 414 HOH A O   1 
HETATM 1049 O  O   . HOH D 4 .   ? 13.641  -6.311  7.384   1.00 34.22 ? 415 HOH A O   1 
HETATM 1050 O  O   . HOH D 4 .   ? -4.922  9.990   -11.223 1.00 33.94 ? 416 HOH A O   1 
HETATM 1051 O  O   . HOH D 4 .   ? -2.114  14.809  -1.453  1.00 36.62 ? 417 HOH A O   1 
HETATM 1052 O  O   . HOH D 4 .   ? -6.643  -5.599  7.465   1.00 39.39 ? 418 HOH A O   1 
HETATM 1053 O  O   . HOH D 4 .   ? -4.922  -12.293 -3.596  1.00 39.46 ? 419 HOH A O   1 
HETATM 1054 O  O   . HOH D 4 .   ? 6.050   -0.788  -11.951 1.00 37.31 ? 420 HOH A O   1 
HETATM 1055 O  O   . HOH D 4 .   ? 7.813   1.772   -12.202 1.00 40.44 ? 421 HOH A O   1 
HETATM 1056 O  O   . HOH D 4 .   ? -4.954  20.497  -7.191  1.00 43.73 ? 422 HOH A O   1 
# 
